data_6X2U
#
_entry.id   6X2U
#
_cell.length_a   106.717
_cell.length_b   106.717
_cell.length_c   303.483
_cell.angle_alpha   90.000
_cell.angle_beta   90.000
_cell.angle_gamma   90.000
#
_symmetry.space_group_name_H-M   'P 43 21 2'
#
loop_
_entity.id
_entity.type
_entity.pdbx_description
1 polymer 'GTP-binding nuclear protein Ran'
2 polymer 'Ran-specific GTPase-activating protein 1'
3 polymer Exportin-1
4 polymer 'cAMP-dependent protein kinase inhibitor alpha'
5 non-polymer 'PHOSPHOAMINOPHOSPHONIC ACID-GUANYLATE ESTER'
6 non-polymer 'MAGNESIUM ION'
7 non-polymer GLYCEROL
8 water water
#
loop_
_entity_poly.entity_id
_entity_poly.type
_entity_poly.pdbx_seq_one_letter_code
_entity_poly.pdbx_strand_id
1 'polypeptide(L)'
;MAAQGEPQVQFKLVLVGDGGTGKTTFVKRHLTGEFEKKYVATLGVEVHPLVFHTNRGPIKFNVWDTAGQEKFGGLRDGYY
IQAQCAIIMFDVTSRVTYKNVPNWHRDLVRVCENIPIVLCGNKVDIKDRKVKAKSIVFHRKKNLQYYDISAKSNYNFEKP
FLWLARKLIGDPNLEFVAMPALAPPEVVMDPALAAQYEHDLEVAQTTALPDEDDDL
;
A
2 'polypeptide(L)'
;DIHFEPVVHLEKVDVKTMEEDEEVLYKVRAKLFRFDADAKEWKERGTGDCKFLKNKKTNKVRILMRRDKTLKICANHIIA
PEYTLKPNVGSDRSWVYACTADIAEGEAEAFTFAIRFGSKENADKFKEEFEKAQEINKKA
;
B
3 'polypeptide(L)'
;GGSMEGILDFSNDLDIALLDQVVSTFYQGSGVQQKQAQEILTKFQDNPDAWQKADQILQFSTNPQSKFIALSILDKLITR
KWKLLPNDHRIGIRNFVVGMIISMCQDDEVFKTQKNLINKSDLTLVQILKQEWPQNWPEFIPELIGSSSSSVNVCENNMI
VLKLLSEEVFDFSAEQMTQAKALHLKNSMSKEFEQIFKLCFQVLEQGSSSSLIVATLESLLRYLHWIPYRYIYETNILEL
LSTKFMTSPDTRAITLKCLTEVSNLKIPQDNDLIKRQTVLFFQNTLQQIATSVMPVTADLKATYANANGNDQSFLQDLAM
FLTTYLARNRALLESDESLRELLLNAHQYLIQLSKIEERELFKTTLDYWHNLVADLFYEPLKKHIYEEICSQLRLVIIEN
MVRPEEVLVVENDEGEIVREFVKESDTIQLYKSEREVLVYLTHLNVIDTEEIMISKLARQIDGSEWSWHNINTLSWAIGS
ISGTMSEDTEKRFVVTVIKDLLGLCEQKRGKDNKAVVASDIMYVVGQYPRFLKAHWNFLRTVILKLFEFMHETHEGVQDM
ACDTFIKIVQKCKYHFVIQQPRESEPFIQTIIRDIQKTTADLQPQQVHTFYKACGIIISEERSVAERNRLLSDLMQLPNM
AWDTIVEQSTANPTLLLDSETVKIIANIIKTNVAVCTSMGADFYPQLGHIYYNMLQLYRAVSSMISAQVAAEGLIATKTP
KVRGLRTIKKEILKLVETYISKARNLDDVVKVLVEPLLNAVLEDYMNNVPDARDAEVLNCMTTVVEKVGHMIPQGVILIL
QSVFECTLDMINKDFTEYPEHRVEFYKLLKVINEKSFAAFLELPPAAFKLFVDAICWAFKHNNRDVEVNGLQIALDLVKN
IERMGNVPFANEFHKNYFFIFVSETFFVLTDSDHKSGFSKQALLLMKLISLVYDNKISVPLYQEAEVPQGTSNQVYLSQY
LANMLSNAFPHLTSEQIASFLSALTKQCKDLVVFKGTLRDFLVQIKEVGGDPTDYLFAEDKENA
;
C
4 'polypeptide(L)' NLNELALKLAGLDINK D
#
loop_
_chem_comp.id
_chem_comp.type
_chem_comp.name
_chem_comp.formula
GNP non-polymer 'PHOSPHOAMINOPHOSPHONIC ACID-GUANYLATE ESTER' 'C10 H17 N6 O13 P3'
GOL non-polymer GLYCEROL 'C3 H8 O3'
MG non-polymer 'MAGNESIUM ION' 'Mg 2'
#
# COMPACT_ATOMS: atom_id res chain seq x y z
N VAL A 9 -7.77 -16.24 28.32
CA VAL A 9 -7.11 -15.02 27.85
C VAL A 9 -7.32 -14.86 26.35
N GLN A 10 -8.53 -14.49 25.96
CA GLN A 10 -8.86 -14.27 24.56
C GLN A 10 -9.44 -12.87 24.38
N PHE A 11 -9.19 -12.29 23.21
CA PHE A 11 -9.60 -10.93 22.91
C PHE A 11 -10.31 -10.89 21.57
N LYS A 12 -11.34 -10.04 21.48
CA LYS A 12 -12.12 -9.89 20.26
C LYS A 12 -11.46 -8.83 19.38
N LEU A 13 -11.14 -9.20 18.14
CA LEU A 13 -10.52 -8.32 17.17
C LEU A 13 -11.46 -8.20 15.98
N VAL A 14 -11.88 -6.98 15.65
CA VAL A 14 -12.65 -6.73 14.45
C VAL A 14 -11.72 -6.21 13.37
N LEU A 15 -11.84 -6.79 12.18
CA LEU A 15 -11.01 -6.44 11.02
C LEU A 15 -11.93 -5.81 9.98
N VAL A 16 -11.69 -4.54 9.67
CA VAL A 16 -12.57 -3.78 8.78
C VAL A 16 -11.74 -3.13 7.67
N GLY A 17 -12.44 -2.73 6.61
CA GLY A 17 -11.80 -2.15 5.45
C GLY A 17 -12.49 -2.51 4.16
N ASP A 18 -12.18 -1.77 3.09
CA ASP A 18 -12.85 -1.97 1.80
C ASP A 18 -12.64 -3.40 1.29
N GLY A 19 -13.58 -3.85 0.45
CA GLY A 19 -13.43 -5.15 -0.16
C GLY A 19 -12.22 -5.20 -1.08
N GLY A 20 -11.53 -6.33 -1.06
CA GLY A 20 -10.35 -6.53 -1.88
C GLY A 20 -9.06 -6.05 -1.26
N THR A 21 -9.12 -5.43 -0.08
CA THR A 21 -7.89 -4.91 0.54
C THR A 21 -7.03 -6.02 1.12
N GLY A 22 -7.56 -7.22 1.30
CA GLY A 22 -6.81 -8.35 1.77
C GLY A 22 -7.04 -8.76 3.21
N LYS A 23 -8.16 -8.37 3.82
CA LYS A 23 -8.42 -8.74 5.21
C LYS A 23 -8.44 -10.25 5.38
N THR A 24 -9.16 -10.96 4.52
CA THR A 24 -9.28 -12.41 4.64
C THR A 24 -7.98 -13.11 4.33
N THR A 25 -7.27 -12.66 3.28
CA THR A 25 -5.98 -13.26 2.95
C THR A 25 -4.98 -13.08 4.09
N PHE A 26 -4.99 -11.91 4.73
CA PHE A 26 -4.11 -11.66 5.87
C PHE A 26 -4.36 -12.66 6.99
N VAL A 27 -5.63 -12.91 7.32
CA VAL A 27 -5.97 -13.80 8.41
C VAL A 27 -5.63 -15.25 8.04
N LYS A 28 -5.98 -15.67 6.82
CA LYS A 28 -5.64 -17.01 6.37
C LYS A 28 -4.14 -17.28 6.48
N ARG A 29 -3.33 -16.29 6.07
CA ARG A 29 -1.88 -16.43 6.20
C ARG A 29 -1.48 -16.72 7.65
N HIS A 30 -2.16 -16.09 8.60
CA HIS A 30 -1.85 -16.34 10.01
C HIS A 30 -2.47 -17.65 10.51
N LEU A 31 -3.55 -18.12 9.88
CA LEU A 31 -4.21 -19.33 10.35
C LEU A 31 -3.50 -20.59 9.88
N THR A 32 -3.14 -20.63 8.58
CA THR A 32 -2.60 -21.84 7.98
C THR A 32 -1.25 -21.65 7.32
N GLY A 33 -0.83 -20.42 7.05
CA GLY A 33 0.42 -20.17 6.34
C GLY A 33 0.29 -20.08 4.84
N GLU A 34 -0.91 -20.26 4.29
CA GLU A 34 -1.13 -20.21 2.85
C GLU A 34 -1.32 -18.77 2.39
N PHE A 35 -1.17 -18.57 1.09
CA PHE A 35 -1.55 -17.32 0.43
C PHE A 35 -2.62 -17.63 -0.59
N GLU A 36 -3.83 -17.16 -0.34
CA GLU A 36 -4.94 -17.35 -1.28
C GLU A 36 -4.87 -16.32 -2.38
N LYS A 37 -4.64 -16.77 -3.61
CA LYS A 37 -4.56 -15.87 -4.75
C LYS A 37 -5.92 -15.36 -5.20
N LYS A 38 -6.98 -16.11 -4.95
CA LYS A 38 -8.32 -15.76 -5.42
C LYS A 38 -9.00 -14.78 -4.47
N TYR A 39 -9.80 -13.89 -5.04
CA TYR A 39 -10.66 -13.00 -4.29
C TYR A 39 -12.04 -13.63 -4.21
N VAL A 40 -12.37 -14.16 -3.04
CA VAL A 40 -13.71 -14.66 -2.73
C VAL A 40 -14.24 -13.79 -1.60
N ALA A 41 -15.22 -12.94 -1.91
CA ALA A 41 -15.68 -11.94 -0.96
C ALA A 41 -16.30 -12.59 0.27
N THR A 42 -16.03 -11.99 1.42
CA THR A 42 -16.63 -12.43 2.67
C THR A 42 -18.08 -11.95 2.74
N LEU A 43 -18.96 -12.81 3.25
CA LEU A 43 -20.37 -12.49 3.41
C LEU A 43 -20.66 -12.29 4.89
N GLY A 44 -20.88 -11.06 5.29
CA GLY A 44 -21.12 -10.74 6.69
C GLY A 44 -19.84 -10.72 7.50
N VAL A 45 -19.51 -11.84 8.15
CA VAL A 45 -18.30 -11.97 8.95
C VAL A 45 -17.92 -13.43 9.02
N GLU A 46 -16.62 -13.68 9.17
CA GLU A 46 -16.08 -15.01 9.44
C GLU A 46 -15.23 -14.92 10.69
N VAL A 47 -15.59 -15.69 11.71
CA VAL A 47 -14.89 -15.69 12.99
C VAL A 47 -13.88 -16.81 13.01
N HIS A 48 -12.63 -16.48 13.34
CA HIS A 48 -11.57 -17.46 13.45
C HIS A 48 -10.81 -17.24 14.75
N PRO A 49 -10.53 -18.30 15.52
CA PRO A 49 -9.61 -18.17 16.64
C PRO A 49 -8.18 -18.15 16.15
N LEU A 50 -7.35 -17.32 16.79
CA LEU A 50 -5.95 -17.17 16.40
C LEU A 50 -5.12 -17.03 17.66
N VAL A 51 -4.20 -17.97 17.86
CA VAL A 51 -3.41 -18.05 19.09
C VAL A 51 -1.96 -17.75 18.75
N PHE A 52 -1.34 -16.89 19.56
CA PHE A 52 0.09 -16.62 19.48
C PHE A 52 0.75 -17.01 20.80
N HIS A 53 1.97 -17.53 20.71
CA HIS A 53 2.74 -17.91 21.89
C HIS A 53 3.70 -16.79 22.22
N THR A 54 3.59 -16.26 23.42
CA THR A 54 4.42 -15.15 23.88
C THR A 54 5.14 -15.54 25.16
N ASN A 55 6.15 -14.74 25.51
CA ASN A 55 6.85 -14.92 26.78
C ASN A 55 5.97 -14.65 27.98
N ARG A 56 4.76 -14.14 27.77
CA ARG A 56 3.76 -13.98 28.82
C ARG A 56 2.65 -15.02 28.72
N GLY A 57 2.92 -16.14 28.06
CA GLY A 57 1.92 -17.16 27.85
C GLY A 57 1.18 -16.97 26.53
N PRO A 58 0.28 -17.88 26.21
CA PRO A 58 -0.47 -17.75 24.95
C PRO A 58 -1.51 -16.65 25.03
N ILE A 59 -1.71 -15.99 23.89
CA ILE A 59 -2.74 -14.97 23.74
C ILE A 59 -3.63 -15.38 22.58
N LYS A 60 -4.94 -15.33 22.79
CA LYS A 60 -5.91 -15.81 21.81
C LYS A 60 -6.68 -14.63 21.23
N PHE A 61 -6.66 -14.50 19.91
CA PHE A 61 -7.44 -13.50 19.21
C PHE A 61 -8.64 -14.18 18.55
N ASN A 62 -9.85 -13.72 18.89
CA ASN A 62 -11.05 -14.11 18.18
C ASN A 62 -11.25 -13.09 17.06
N VAL A 63 -10.80 -13.43 15.86
CA VAL A 63 -10.75 -12.48 14.75
C VAL A 63 -12.12 -12.45 14.08
N TRP A 64 -12.79 -11.30 14.15
CA TRP A 64 -14.03 -11.08 13.42
C TRP A 64 -13.68 -10.44 12.09
N ASP A 65 -13.45 -11.27 11.08
CA ASP A 65 -13.07 -10.83 9.74
C ASP A 65 -14.33 -10.40 9.01
N THR A 66 -14.60 -9.10 9.00
CA THR A 66 -15.84 -8.58 8.45
C THR A 66 -15.73 -8.35 6.95
N ALA A 67 -16.88 -8.06 6.33
CA ALA A 67 -17.01 -7.92 4.89
C ALA A 67 -16.88 -6.45 4.48
N GLY A 68 -16.11 -6.20 3.42
CA GLY A 68 -15.84 -4.85 2.96
C GLY A 68 -16.76 -4.37 1.86
N GLN A 69 -17.28 -5.29 1.04
CA GLN A 69 -18.25 -4.92 0.03
C GLN A 69 -19.59 -4.58 0.69
N GLU A 70 -20.17 -3.46 0.28
CA GLU A 70 -21.38 -2.97 0.93
C GLU A 70 -22.55 -3.94 0.75
N LYS A 71 -22.66 -4.53 -0.44
CA LYS A 71 -23.73 -5.51 -0.71
C LYS A 71 -23.61 -6.77 0.13
N PHE A 72 -22.45 -7.01 0.76
CA PHE A 72 -22.25 -8.13 1.65
C PHE A 72 -22.03 -7.68 3.09
N GLY A 73 -22.43 -6.46 3.43
CA GLY A 73 -22.07 -5.87 4.71
C GLY A 73 -22.63 -6.61 5.91
N GLY A 74 -23.78 -7.28 5.74
CA GLY A 74 -24.37 -8.00 6.86
C GLY A 74 -24.77 -7.05 7.97
N LEU A 75 -24.39 -7.40 9.19
CA LEU A 75 -24.75 -6.60 10.36
C LEU A 75 -23.94 -5.31 10.49
N ARG A 76 -22.94 -5.11 9.63
CA ARG A 76 -22.16 -3.86 9.58
C ARG A 76 -21.56 -3.60 10.95
N ASP A 77 -21.82 -2.45 11.58
CA ASP A 77 -21.28 -2.09 12.89
C ASP A 77 -21.83 -2.94 14.03
N GLY A 78 -22.80 -3.82 13.75
CA GLY A 78 -23.21 -4.77 14.75
C GLY A 78 -22.08 -5.71 15.15
N TYR A 79 -21.18 -6.01 14.22
CA TYR A 79 -20.04 -6.87 14.51
C TYR A 79 -19.06 -6.22 15.49
N TYR A 80 -19.10 -4.89 15.64
CA TYR A 80 -18.10 -4.22 16.44
C TYR A 80 -18.40 -4.24 17.94
N ILE A 81 -19.62 -4.64 18.33
CA ILE A 81 -20.01 -4.58 19.74
C ILE A 81 -19.06 -5.45 20.57
N GLN A 82 -18.57 -4.87 21.66
CA GLN A 82 -17.69 -5.54 22.62
C GLN A 82 -16.36 -5.97 22.00
N ALA A 83 -15.99 -5.37 20.88
CA ALA A 83 -14.64 -5.57 20.36
C ALA A 83 -13.62 -4.99 21.33
N GLN A 84 -12.49 -5.66 21.47
CA GLN A 84 -11.43 -5.20 22.36
C GLN A 84 -10.22 -4.64 21.63
N CYS A 85 -10.15 -4.79 20.31
CA CYS A 85 -9.07 -4.28 19.49
C CYS A 85 -9.50 -4.42 18.04
N ALA A 86 -8.78 -3.75 17.14
CA ALA A 86 -9.24 -3.70 15.77
C ALA A 86 -8.08 -3.44 14.81
N ILE A 87 -8.28 -3.88 13.57
CA ILE A 87 -7.37 -3.62 12.47
C ILE A 87 -8.17 -3.00 11.33
N ILE A 88 -7.77 -1.81 10.90
CA ILE A 88 -8.34 -1.17 9.71
C ILE A 88 -7.37 -1.39 8.56
N MET A 89 -7.89 -1.92 7.45
N MET A 89 -7.86 -1.96 7.46
CA MET A 89 -7.10 -2.32 6.31
CA MET A 89 -7.01 -2.32 6.34
C MET A 89 -7.40 -1.43 5.11
C MET A 89 -7.39 -1.55 5.09
N PHE A 90 -6.38 -1.18 4.30
CA PHE A 90 -6.55 -0.56 3.00
C PHE A 90 -5.46 -1.09 2.07
N ASP A 91 -5.51 -0.64 0.82
CA ASP A 91 -4.68 -1.17 -0.26
C ASP A 91 -3.84 -0.02 -0.80
N VAL A 92 -2.52 -0.11 -0.66
CA VAL A 92 -1.66 1.00 -1.10
C VAL A 92 -1.64 1.15 -2.61
N THR A 93 -2.21 0.20 -3.35
CA THR A 93 -2.37 0.33 -4.80
C THR A 93 -3.76 0.84 -5.19
N SER A 94 -4.59 1.21 -4.21
CA SER A 94 -5.94 1.69 -4.49
C SER A 94 -6.22 2.87 -3.56
N ARG A 95 -6.17 4.09 -4.12
CA ARG A 95 -6.33 5.29 -3.30
C ARG A 95 -7.72 5.40 -2.69
N VAL A 96 -8.74 4.83 -3.35
CA VAL A 96 -10.08 4.94 -2.80
C VAL A 96 -10.19 4.16 -1.49
N THR A 97 -9.42 3.08 -1.34
CA THR A 97 -9.47 2.31 -0.10
C THR A 97 -8.86 3.10 1.06
N TYR A 98 -7.87 3.96 0.78
CA TYR A 98 -7.38 4.84 1.83
C TYR A 98 -8.31 6.01 2.08
N LYS A 99 -8.98 6.50 1.04
CA LYS A 99 -9.95 7.57 1.21
C LYS A 99 -11.10 7.15 2.12
N ASN A 100 -11.40 5.85 2.15
CA ASN A 100 -12.50 5.33 2.95
C ASN A 100 -12.09 4.96 4.38
N VAL A 101 -10.80 4.98 4.69
CA VAL A 101 -10.30 4.68 6.03
C VAL A 101 -11.01 5.53 7.09
N PRO A 102 -11.20 6.85 6.88
CA PRO A 102 -11.95 7.62 7.88
C PRO A 102 -13.40 7.18 8.04
N ASN A 103 -13.99 6.57 7.01
CA ASN A 103 -15.36 6.06 7.15
C ASN A 103 -15.39 4.81 7.99
N TRP A 104 -14.49 3.87 7.72
CA TRP A 104 -14.38 2.66 8.55
C TRP A 104 -14.03 3.03 9.99
N HIS A 105 -13.16 4.02 10.17
CA HIS A 105 -12.76 4.41 11.52
C HIS A 105 -13.92 5.05 12.28
N ARG A 106 -14.69 5.91 11.61
CA ARG A 106 -15.80 6.58 12.27
C ARG A 106 -16.83 5.58 12.77
N ASP A 107 -17.23 4.64 11.92
CA ASP A 107 -18.17 3.61 12.33
C ASP A 107 -17.62 2.79 13.48
N LEU A 108 -16.31 2.52 13.46
CA LEU A 108 -15.72 1.62 14.44
C LEU A 108 -15.67 2.25 15.83
N VAL A 109 -15.18 3.48 15.94
CA VAL A 109 -15.01 4.08 17.27
C VAL A 109 -16.32 4.59 17.84
N ARG A 110 -17.36 4.73 17.02
CA ARG A 110 -18.68 5.04 17.57
C ARG A 110 -19.19 3.90 18.43
N VAL A 111 -18.78 2.68 18.12
CA VAL A 111 -19.14 1.51 18.92
C VAL A 111 -18.09 1.21 19.98
N CYS A 112 -16.82 1.24 19.61
CA CYS A 112 -15.71 0.94 20.52
C CYS A 112 -14.92 2.21 20.71
N GLU A 113 -15.18 2.92 21.81
CA GLU A 113 -14.69 4.28 22.00
C GLU A 113 -13.27 4.36 22.53
N ASN A 114 -12.70 3.27 23.03
CA ASN A 114 -11.34 3.30 23.60
C ASN A 114 -10.67 1.94 23.47
N ILE A 115 -10.42 1.51 22.23
CA ILE A 115 -9.72 0.25 21.98
C ILE A 115 -8.46 0.53 21.15
N PRO A 116 -7.40 -0.26 21.31
CA PRO A 116 -6.23 -0.09 20.44
C PRO A 116 -6.53 -0.55 19.02
N ILE A 117 -6.09 0.25 18.05
CA ILE A 117 -6.46 0.06 16.65
C ILE A 117 -5.19 0.16 15.80
N VAL A 118 -5.01 -0.80 14.89
CA VAL A 118 -3.89 -0.80 13.94
C VAL A 118 -4.42 -0.48 12.55
N LEU A 119 -3.84 0.53 11.92
CA LEU A 119 -4.10 0.83 10.52
C LEU A 119 -3.04 0.17 9.66
N CYS A 120 -3.47 -0.62 8.68
CA CYS A 120 -2.56 -1.41 7.87
C CYS A 120 -2.71 -1.05 6.39
N GLY A 121 -1.59 -0.70 5.75
CA GLY A 121 -1.55 -0.55 4.32
C GLY A 121 -1.04 -1.80 3.65
N ASN A 122 -1.93 -2.58 3.06
CA ASN A 122 -1.60 -3.88 2.53
C ASN A 122 -1.06 -3.77 1.10
N LYS A 123 -0.46 -4.88 0.63
CA LYS A 123 -0.04 -5.05 -0.76
C LYS A 123 1.13 -4.14 -1.14
N VAL A 124 2.02 -3.85 -0.20
CA VAL A 124 3.21 -3.05 -0.51
C VAL A 124 4.20 -3.81 -1.40
N ASP A 125 3.98 -5.12 -1.60
CA ASP A 125 4.83 -5.90 -2.48
C ASP A 125 4.71 -5.49 -3.93
N ILE A 126 3.61 -4.85 -4.30
CA ILE A 126 3.39 -4.44 -5.69
C ILE A 126 4.21 -3.21 -5.99
N LYS A 127 4.86 -3.20 -7.16
CA LYS A 127 5.78 -2.12 -7.51
C LYS A 127 5.06 -0.78 -7.62
N ASP A 128 3.89 -0.76 -8.26
CA ASP A 128 3.22 0.48 -8.62
C ASP A 128 2.33 0.97 -7.47
N ARG A 129 3.00 1.39 -6.40
CA ARG A 129 2.31 1.87 -5.21
C ARG A 129 1.61 3.20 -5.50
N LYS A 130 0.33 3.28 -5.14
CA LYS A 130 -0.47 4.47 -5.42
C LYS A 130 -0.69 5.36 -4.22
N VAL A 131 -0.82 4.80 -3.02
CA VAL A 131 -0.96 5.58 -1.79
C VAL A 131 0.45 5.72 -1.20
N LYS A 132 1.06 6.88 -1.40
CA LYS A 132 2.45 7.06 -0.99
C LYS A 132 2.55 7.22 0.52
N ALA A 133 3.68 6.76 1.06
CA ALA A 133 3.92 6.81 2.49
C ALA A 133 3.76 8.23 3.03
N LYS A 134 4.18 9.22 2.25
CA LYS A 134 4.05 10.62 2.67
C LYS A 134 2.60 11.04 2.83
N SER A 135 1.67 10.33 2.20
CA SER A 135 0.26 10.71 2.22
C SER A 135 -0.52 10.05 3.35
N ILE A 136 0.06 9.08 4.04
CA ILE A 136 -0.65 8.31 5.06
C ILE A 136 -0.41 8.99 6.41
N VAL A 137 -1.39 9.77 6.86
CA VAL A 137 -1.26 10.55 8.08
C VAL A 137 -2.51 10.45 8.95
N PHE A 138 -3.53 9.72 8.47
CA PHE A 138 -4.79 9.68 9.21
C PHE A 138 -4.63 9.10 10.61
N HIS A 139 -3.69 8.19 10.79
CA HIS A 139 -3.51 7.55 12.09
C HIS A 139 -3.02 8.51 13.16
N ARG A 140 -2.41 9.62 12.77
CA ARG A 140 -1.74 10.49 13.73
C ARG A 140 -2.71 11.06 14.76
N LYS A 141 -3.71 11.81 14.31
CA LYS A 141 -4.63 12.45 15.25
C LYS A 141 -5.55 11.44 15.94
N LYS A 142 -5.75 10.27 15.35
CA LYS A 142 -6.61 9.24 15.93
C LYS A 142 -5.85 8.25 16.80
N ASN A 143 -4.53 8.42 16.94
CA ASN A 143 -3.70 7.58 17.80
C ASN A 143 -3.72 6.12 17.38
N LEU A 144 -3.81 5.86 16.09
CA LEU A 144 -3.71 4.50 15.56
C LEU A 144 -2.25 4.18 15.27
N GLN A 145 -1.87 2.93 15.51
CA GLN A 145 -0.59 2.43 15.06
C GLN A 145 -0.68 2.13 13.55
N TYR A 146 0.36 2.50 12.81
CA TYR A 146 0.38 2.23 11.39
C TYR A 146 1.49 1.25 11.04
N TYR A 147 1.22 0.39 10.05
CA TYR A 147 2.22 -0.50 9.47
C TYR A 147 1.98 -0.66 7.98
N ASP A 148 3.06 -0.53 7.20
CA ASP A 148 3.10 -1.15 5.88
C ASP A 148 3.14 -2.66 6.05
N ILE A 149 2.24 -3.38 5.38
CA ILE A 149 2.25 -4.84 5.40
C ILE A 149 2.03 -5.38 4.00
N SER A 150 2.40 -6.64 3.81
CA SER A 150 2.03 -7.40 2.63
C SER A 150 1.75 -8.83 3.06
N ALA A 151 0.50 -9.27 2.90
CA ALA A 151 0.18 -10.66 3.17
C ALA A 151 0.87 -11.61 2.20
N LYS A 152 1.28 -11.10 1.03
CA LYS A 152 1.91 -11.96 0.04
C LYS A 152 3.38 -12.19 0.34
N SER A 153 4.12 -11.11 0.62
CA SER A 153 5.54 -11.22 0.92
C SER A 153 5.83 -11.40 2.41
N ASN A 154 4.79 -11.34 3.25
CA ASN A 154 4.87 -11.44 4.71
C ASN A 154 5.60 -10.26 5.34
N TYR A 155 5.82 -9.18 4.59
CA TYR A 155 6.45 -7.99 5.16
C TYR A 155 5.60 -7.44 6.29
N ASN A 156 6.18 -7.41 7.49
CA ASN A 156 5.56 -6.86 8.69
C ASN A 156 4.26 -7.57 9.08
N PHE A 157 4.03 -8.78 8.57
CA PHE A 157 2.74 -9.42 8.77
C PHE A 157 2.46 -9.77 10.22
N GLU A 158 3.50 -9.87 11.06
CA GLU A 158 3.30 -10.15 12.48
C GLU A 158 3.18 -8.90 13.32
N LYS A 159 3.56 -7.74 12.80
CA LYS A 159 3.56 -6.52 13.59
C LYS A 159 2.20 -6.13 14.16
N PRO A 160 1.09 -6.18 13.39
CA PRO A 160 -0.20 -5.76 13.97
C PRO A 160 -0.61 -6.57 15.21
N PHE A 161 -0.37 -7.88 15.19
CA PHE A 161 -0.73 -8.69 16.35
C PHE A 161 0.26 -8.53 17.50
N LEU A 162 1.54 -8.32 17.19
CA LEU A 162 2.52 -8.08 18.24
C LEU A 162 2.22 -6.78 18.99
N TRP A 163 1.91 -5.72 18.25
CA TRP A 163 1.58 -4.45 18.89
C TRP A 163 0.28 -4.55 19.69
N LEU A 164 -0.73 -5.20 19.11
CA LEU A 164 -1.99 -5.37 19.83
C LEU A 164 -1.80 -6.21 21.09
N ALA A 165 -1.05 -7.31 20.98
CA ALA A 165 -0.78 -8.14 22.14
C ALA A 165 -0.13 -7.33 23.26
N ARG A 166 0.81 -6.45 22.91
CA ARG A 166 1.45 -5.62 23.91
C ARG A 166 0.46 -4.69 24.57
N LYS A 167 -0.43 -4.08 23.79
CA LYS A 167 -1.43 -3.18 24.36
C LYS A 167 -2.39 -3.94 25.25
N LEU A 168 -2.88 -5.10 24.79
CA LEU A 168 -3.90 -5.82 25.52
C LEU A 168 -3.34 -6.43 26.80
N ILE A 169 -2.12 -6.97 26.75
CA ILE A 169 -1.50 -7.53 27.95
C ILE A 169 -0.96 -6.45 28.86
N GLY A 170 -0.66 -5.27 28.35
CA GLY A 170 -0.07 -4.22 29.15
C GLY A 170 1.40 -4.42 29.43
N ASP A 171 2.11 -5.08 28.52
CA ASP A 171 3.54 -5.34 28.67
C ASP A 171 4.22 -4.93 27.37
N PRO A 172 4.97 -3.82 27.35
CA PRO A 172 5.64 -3.40 26.12
C PRO A 172 6.82 -4.28 25.72
N ASN A 173 7.28 -5.16 26.62
CA ASN A 173 8.39 -6.06 26.32
C ASN A 173 7.92 -7.44 25.89
N LEU A 174 6.62 -7.62 25.69
CA LEU A 174 6.10 -8.90 25.24
C LEU A 174 6.68 -9.26 23.88
N GLU A 175 7.04 -10.53 23.71
CA GLU A 175 7.63 -11.02 22.48
C GLU A 175 7.01 -12.36 22.11
N PHE A 176 6.99 -12.66 20.82
CA PHE A 176 6.64 -13.99 20.37
C PHE A 176 7.78 -14.96 20.66
N VAL A 177 7.44 -16.18 21.07
CA VAL A 177 8.43 -17.19 21.42
C VAL A 177 8.07 -18.49 20.71
N ALA A 178 9.10 -19.32 20.51
CA ALA A 178 8.92 -20.59 19.82
C ALA A 178 8.08 -21.54 20.67
N MET A 179 6.98 -22.02 20.09
CA MET A 179 6.19 -23.03 20.77
C MET A 179 7.01 -24.29 20.98
N PRO A 180 6.87 -24.97 22.12
CA PRO A 180 7.66 -26.18 22.36
C PRO A 180 7.32 -27.27 21.36
N ALA A 181 8.33 -28.04 20.98
CA ALA A 181 8.22 -29.02 19.89
C ALA A 181 8.37 -30.42 20.48
N LEU A 182 7.24 -31.09 20.71
CA LEU A 182 7.27 -32.44 21.23
C LEU A 182 7.70 -33.42 20.13
N ALA A 183 8.10 -34.60 20.56
CA ALA A 183 8.66 -35.58 19.64
C ALA A 183 7.57 -36.12 18.70
N PRO A 184 7.87 -36.29 17.43
CA PRO A 184 6.89 -36.88 16.50
C PRO A 184 6.89 -38.39 16.57
N PRO A 185 5.77 -39.03 16.25
CA PRO A 185 5.71 -40.49 16.35
C PRO A 185 6.43 -41.18 15.19
N GLU A 186 6.45 -42.51 15.19
CA GLU A 186 6.96 -43.26 14.05
C GLU A 186 5.95 -44.32 13.63
N ASP A 190 0.45 -48.60 7.00
CA ASP A 190 0.15 -49.99 6.66
C ASP A 190 0.07 -50.18 5.14
N PRO A 191 0.33 -51.40 4.66
CA PRO A 191 0.27 -51.64 3.21
C PRO A 191 -1.11 -51.40 2.60
N ALA A 192 -2.18 -51.49 3.40
CA ALA A 192 -3.52 -51.27 2.88
C ALA A 192 -3.76 -49.82 2.47
N LEU A 193 -2.80 -48.92 2.70
CA LEU A 193 -2.89 -47.54 2.24
C LEU A 193 -1.70 -47.15 1.38
N ALA A 194 -0.85 -48.10 1.01
CA ALA A 194 0.30 -47.80 0.16
C ALA A 194 -0.13 -47.35 -1.22
N ALA A 195 -1.13 -48.01 -1.80
CA ALA A 195 -1.63 -47.63 -3.11
C ALA A 195 -2.44 -46.34 -3.07
N GLN A 196 -2.97 -45.98 -1.90
CA GLN A 196 -3.74 -44.74 -1.79
C GLN A 196 -2.83 -43.52 -1.73
N TYR A 197 -1.78 -43.58 -0.91
CA TYR A 197 -0.85 -42.46 -0.82
C TYR A 197 -0.01 -42.33 -2.09
N GLU A 198 0.24 -43.44 -2.79
CA GLU A 198 0.97 -43.37 -4.05
C GLU A 198 0.14 -42.72 -5.13
N HIS A 199 -1.19 -42.84 -5.05
CA HIS A 199 -2.05 -42.21 -6.06
C HIS A 199 -2.02 -40.69 -5.92
N ASP A 200 -2.11 -40.18 -4.70
CA ASP A 200 -2.10 -38.73 -4.50
C ASP A 200 -0.70 -38.14 -4.65
N LEU A 201 0.35 -38.93 -4.41
CA LEU A 201 1.70 -38.45 -4.67
C LEU A 201 1.89 -38.16 -6.15
N GLU A 202 1.45 -39.10 -7.01
CA GLU A 202 1.63 -38.93 -8.44
C GLU A 202 0.89 -37.70 -8.96
N VAL A 203 -0.31 -37.46 -8.46
CA VAL A 203 -1.04 -36.23 -8.82
C VAL A 203 -0.28 -35.01 -8.35
N ALA A 204 0.34 -35.10 -7.16
CA ALA A 204 1.06 -33.96 -6.60
C ALA A 204 2.29 -33.62 -7.41
N GLN A 205 3.02 -34.64 -7.90
CA GLN A 205 4.22 -34.38 -8.67
C GLN A 205 3.90 -33.76 -10.03
N THR A 206 2.70 -34.01 -10.55
CA THR A 206 2.28 -33.46 -11.84
C THR A 206 1.56 -32.13 -11.70
N THR A 207 1.47 -31.59 -10.50
CA THR A 207 0.93 -30.25 -10.25
C THR A 207 2.09 -29.34 -9.88
N ALA A 208 2.36 -28.35 -10.73
CA ALA A 208 3.51 -27.49 -10.54
C ALA A 208 3.33 -26.62 -9.31
N LEU A 209 4.40 -26.48 -8.53
CA LEU A 209 4.39 -25.58 -7.40
C LEU A 209 4.16 -24.15 -7.88
N PRO A 210 3.42 -23.34 -7.12
CA PRO A 210 3.20 -21.96 -7.53
C PRO A 210 4.43 -21.09 -7.30
N ASP A 211 4.42 -19.94 -7.96
CA ASP A 211 5.39 -18.86 -7.72
C ASP A 211 6.83 -19.38 -7.81
N GLU A 212 7.14 -20.04 -8.93
CA GLU A 212 8.47 -20.62 -9.09
C GLU A 212 9.55 -19.58 -9.36
N ASP A 213 9.18 -18.37 -9.78
CA ASP A 213 10.16 -17.30 -9.95
C ASP A 213 10.56 -16.66 -8.63
N ASP A 214 9.79 -16.89 -7.56
CA ASP A 214 10.12 -16.36 -6.25
C ASP A 214 11.48 -16.86 -5.80
N ASP A 215 12.06 -16.16 -4.82
CA ASP A 215 13.34 -16.56 -4.27
C ASP A 215 13.24 -17.77 -3.35
N LEU A 216 12.03 -18.21 -3.00
CA LEU A 216 11.85 -19.36 -2.13
C LEU A 216 10.54 -20.08 -2.43
N GLU B 22 18.60 -32.00 21.70
CA GLU B 22 18.80 -32.42 20.33
C GLU B 22 20.02 -31.73 19.72
N GLU B 23 20.55 -32.33 18.65
CA GLU B 23 21.70 -31.81 17.93
C GLU B 23 21.26 -31.39 16.52
N VAL B 24 21.85 -30.30 16.04
CA VAL B 24 21.52 -29.77 14.71
C VAL B 24 22.45 -30.42 13.70
N LEU B 25 21.91 -31.32 12.88
CA LEU B 25 22.68 -31.96 11.82
C LEU B 25 22.71 -31.12 10.55
N TYR B 26 21.58 -30.50 10.20
CA TYR B 26 21.47 -29.73 8.97
C TYR B 26 20.44 -28.62 9.19
N LYS B 27 20.70 -27.47 8.58
CA LYS B 27 19.79 -26.33 8.67
C LYS B 27 19.77 -25.60 7.33
N VAL B 28 18.59 -25.39 6.78
CA VAL B 28 18.45 -24.73 5.48
C VAL B 28 17.16 -23.93 5.47
N ARG B 29 17.19 -22.78 4.82
CA ARG B 29 15.98 -22.00 4.59
C ARG B 29 15.14 -22.68 3.51
N ALA B 30 13.82 -22.67 3.69
CA ALA B 30 12.95 -23.39 2.77
C ALA B 30 11.55 -22.84 2.86
N LYS B 31 10.74 -23.20 1.86
CA LYS B 31 9.30 -22.94 1.85
C LYS B 31 8.59 -24.27 1.75
N LEU B 32 7.70 -24.54 2.69
CA LEU B 32 7.02 -25.82 2.79
C LEU B 32 5.59 -25.70 2.28
N PHE B 33 5.21 -26.60 1.37
CA PHE B 33 3.87 -26.67 0.84
C PHE B 33 3.17 -27.94 1.28
N ARG B 34 1.84 -27.91 1.25
N ARG B 34 1.84 -27.89 1.27
CA ARG B 34 1.04 -29.12 1.44
CA ARG B 34 0.97 -29.05 1.45
C ARG B 34 0.00 -29.18 0.33
C ARG B 34 0.07 -29.16 0.23
N PHE B 35 -0.17 -30.39 -0.23
CA PHE B 35 -1.07 -30.59 -1.36
C PHE B 35 -2.50 -30.71 -0.86
N ASP B 36 -3.38 -29.88 -1.40
CA ASP B 36 -4.82 -29.99 -1.16
C ASP B 36 -5.40 -30.83 -2.29
N ALA B 37 -5.56 -32.13 -2.03
CA ALA B 37 -5.96 -33.05 -3.09
C ALA B 37 -7.37 -32.76 -3.59
N ASP B 38 -8.26 -32.36 -2.69
CA ASP B 38 -9.64 -32.09 -3.08
C ASP B 38 -9.80 -30.76 -3.82
N ALA B 39 -8.72 -29.99 -3.97
CA ALA B 39 -8.71 -28.81 -4.81
C ALA B 39 -7.71 -28.89 -5.95
N LYS B 40 -6.86 -29.92 -5.98
CA LYS B 40 -5.80 -30.05 -6.98
C LYS B 40 -4.88 -28.85 -6.94
N GLU B 41 -4.37 -28.54 -5.75
CA GLU B 41 -3.67 -27.28 -5.53
C GLU B 41 -2.63 -27.44 -4.43
N TRP B 42 -1.51 -26.74 -4.59
CA TRP B 42 -0.49 -26.64 -3.55
C TRP B 42 -0.78 -25.43 -2.67
N LYS B 43 -0.74 -25.63 -1.36
CA LYS B 43 -0.93 -24.56 -0.40
C LYS B 43 0.32 -24.43 0.46
N GLU B 44 0.81 -23.20 0.60
CA GLU B 44 1.97 -22.97 1.45
C GLU B 44 1.61 -23.25 2.90
N ARG B 45 2.54 -23.87 3.63
CA ARG B 45 2.38 -24.11 5.05
C ARG B 45 3.29 -23.23 5.92
N GLY B 46 4.44 -22.82 5.40
CA GLY B 46 5.34 -21.99 6.15
C GLY B 46 6.68 -21.74 5.48
N THR B 47 7.32 -20.65 5.87
CA THR B 47 8.66 -20.29 5.40
C THR B 47 9.53 -20.02 6.61
N GLY B 48 10.75 -20.55 6.59
CA GLY B 48 11.66 -20.40 7.70
C GLY B 48 12.75 -21.45 7.62
N ASP B 49 13.42 -21.65 8.75
CA ASP B 49 14.55 -22.56 8.82
C ASP B 49 14.05 -23.99 8.99
N CYS B 50 14.40 -24.85 8.03
CA CYS B 50 14.19 -26.29 8.16
C CYS B 50 15.43 -26.92 8.77
N LYS B 51 15.25 -27.69 9.84
CA LYS B 51 16.36 -28.23 10.60
C LYS B 51 16.24 -29.74 10.73
N PHE B 52 17.38 -30.42 10.62
CA PHE B 52 17.49 -31.85 10.89
C PHE B 52 18.00 -32.00 12.32
N LEU B 53 17.15 -32.50 13.22
CA LEU B 53 17.46 -32.60 14.64
C LEU B 53 17.57 -34.06 15.05
N LYS B 54 18.77 -34.44 15.52
CA LYS B 54 19.02 -35.80 16.00
C LYS B 54 18.90 -35.80 17.52
N ASN B 55 17.87 -36.49 18.02
CA ASN B 55 17.74 -36.70 19.46
C ASN B 55 18.99 -37.40 19.98
N LYS B 56 19.45 -36.99 21.16
CA LYS B 56 20.70 -37.55 21.66
C LYS B 56 20.50 -38.79 22.52
N LYS B 57 19.31 -38.98 23.10
CA LYS B 57 19.04 -40.17 23.89
C LYS B 57 18.24 -41.23 23.13
N THR B 58 17.90 -40.97 21.86
CA THR B 58 17.38 -42.00 20.97
C THR B 58 18.05 -42.06 19.61
N ASN B 59 18.84 -41.04 19.25
CA ASN B 59 19.55 -40.97 17.97
C ASN B 59 18.60 -40.84 16.78
N LYS B 60 17.31 -40.73 17.03
CA LYS B 60 16.36 -40.52 15.95
C LYS B 60 16.49 -39.10 15.41
N VAL B 61 16.35 -38.95 14.09
CA VAL B 61 16.43 -37.65 13.43
C VAL B 61 15.04 -37.28 12.92
N ARG B 62 14.62 -36.04 13.17
CA ARG B 62 13.33 -35.53 12.75
C ARG B 62 13.51 -34.27 11.92
N ILE B 63 12.40 -33.83 11.33
CA ILE B 63 12.34 -32.53 10.67
C ILE B 63 11.57 -31.58 11.58
N LEU B 64 12.20 -30.49 11.98
CA LEU B 64 11.54 -29.43 12.70
C LEU B 64 11.73 -28.13 11.92
N MET B 65 10.62 -27.48 11.59
CA MET B 65 10.63 -26.25 10.81
C MET B 65 9.66 -25.26 11.43
N ARG B 66 10.12 -24.02 11.61
CA ARG B 66 9.32 -22.97 12.21
C ARG B 66 9.18 -21.82 11.23
N ARG B 67 8.01 -21.18 11.25
CA ARG B 67 7.81 -19.99 10.44
C ARG B 67 8.60 -18.82 11.00
N ASP B 68 9.17 -18.01 10.11
CA ASP B 68 9.82 -16.79 10.53
C ASP B 68 8.87 -15.93 11.36
N LYS B 69 9.46 -15.09 12.21
CA LYS B 69 8.73 -14.08 12.98
C LYS B 69 7.81 -14.69 14.04
N THR B 70 6.77 -15.41 13.61
CA THR B 70 5.82 -15.98 14.58
C THR B 70 6.34 -17.26 15.21
N LEU B 71 7.34 -17.91 14.61
CA LEU B 71 7.99 -19.09 15.17
C LEU B 71 7.02 -20.24 15.42
N LYS B 72 5.93 -20.27 14.67
CA LYS B 72 5.00 -21.40 14.75
C LYS B 72 5.52 -22.57 13.92
N ILE B 73 5.23 -23.77 14.40
CA ILE B 73 5.74 -24.98 13.76
C ILE B 73 4.88 -25.32 12.55
N CYS B 74 5.53 -25.52 11.40
CA CYS B 74 4.85 -25.96 10.19
C CYS B 74 5.27 -27.34 9.73
N ALA B 75 6.35 -27.91 10.27
CA ALA B 75 6.75 -29.27 9.97
C ALA B 75 7.34 -29.89 11.22
N ASN B 76 6.88 -31.10 11.55
CA ASN B 76 7.37 -31.82 12.73
C ASN B 76 7.07 -33.31 12.51
N HIS B 77 8.06 -34.02 11.97
CA HIS B 77 7.92 -35.44 11.68
C HIS B 77 9.31 -36.06 11.63
N ILE B 78 9.36 -37.38 11.83
CA ILE B 78 10.63 -38.09 11.76
C ILE B 78 10.95 -38.41 10.31
N ILE B 79 12.23 -38.28 9.95
CA ILE B 79 12.70 -38.63 8.62
C ILE B 79 12.66 -40.14 8.49
N ALA B 80 11.48 -40.67 8.16
CA ALA B 80 11.32 -42.12 8.11
C ALA B 80 12.15 -42.70 6.96
N PRO B 81 12.75 -43.88 7.15
CA PRO B 81 13.54 -44.48 6.07
C PRO B 81 12.71 -44.93 4.88
N GLU B 82 11.39 -45.00 5.02
CA GLU B 82 10.50 -45.37 3.92
C GLU B 82 10.21 -44.22 2.98
N TYR B 83 10.36 -42.98 3.44
CA TYR B 83 10.03 -41.82 2.63
C TYR B 83 11.00 -41.69 1.46
N THR B 84 10.47 -41.27 0.31
CA THR B 84 11.27 -41.06 -0.90
C THR B 84 11.01 -39.67 -1.45
N LEU B 85 12.08 -38.94 -1.74
CA LEU B 85 11.97 -37.60 -2.29
C LEU B 85 11.76 -37.68 -3.80
N LYS B 86 10.62 -37.16 -4.28
CA LYS B 86 10.28 -37.13 -5.69
C LYS B 86 10.32 -35.69 -6.20
N PRO B 87 10.91 -35.45 -7.36
CA PRO B 87 10.92 -34.08 -7.90
C PRO B 87 9.54 -33.66 -8.36
N ASN B 88 9.29 -32.36 -8.29
CA ASN B 88 8.07 -31.77 -8.83
C ASN B 88 8.30 -31.36 -10.28
N VAL B 89 7.23 -31.39 -11.06
CA VAL B 89 7.36 -31.16 -12.50
C VAL B 89 7.82 -29.74 -12.80
N GLY B 90 7.53 -28.79 -11.92
CA GLY B 90 7.83 -27.41 -12.19
C GLY B 90 9.09 -26.84 -11.57
N SER B 91 9.90 -27.66 -10.91
CA SER B 91 10.99 -27.13 -10.11
C SER B 91 12.20 -28.05 -10.16
N ASP B 92 13.38 -27.45 -10.28
CA ASP B 92 14.65 -28.15 -10.10
C ASP B 92 15.26 -27.87 -8.72
N ARG B 93 14.48 -27.29 -7.81
CA ARG B 93 14.95 -26.94 -6.48
C ARG B 93 13.89 -27.29 -5.43
N SER B 94 13.21 -28.42 -5.63
CA SER B 94 12.13 -28.83 -4.75
C SER B 94 12.03 -30.33 -4.69
N TRP B 95 11.55 -30.83 -3.56
CA TRP B 95 11.27 -32.26 -3.38
C TRP B 95 9.84 -32.44 -2.90
N VAL B 96 9.22 -33.52 -3.36
CA VAL B 96 7.85 -33.86 -3.00
C VAL B 96 7.87 -35.24 -2.35
N TYR B 97 7.18 -35.38 -1.22
CA TYR B 97 7.07 -36.68 -0.57
C TYR B 97 5.86 -36.70 0.33
N ALA B 98 5.25 -37.89 0.43
CA ALA B 98 4.11 -38.08 1.31
C ALA B 98 4.59 -38.34 2.74
N CYS B 99 3.92 -37.69 3.69
CA CYS B 99 4.23 -37.83 5.11
C CYS B 99 3.00 -38.41 5.81
N THR B 100 3.21 -39.46 6.60
CA THR B 100 2.10 -40.16 7.23
C THR B 100 1.78 -39.63 8.62
N ALA B 101 2.75 -39.07 9.34
CA ALA B 101 2.55 -38.59 10.70
C ALA B 101 3.32 -37.28 10.89
N ASP B 102 2.64 -36.15 10.71
CA ASP B 102 3.18 -34.84 11.05
C ASP B 102 2.34 -34.25 12.18
N ILE B 103 3.01 -33.71 13.19
CA ILE B 103 2.33 -33.22 14.39
C ILE B 103 2.57 -31.72 14.56
N ALA B 104 2.61 -30.99 13.45
CA ALA B 104 2.84 -29.55 13.54
C ALA B 104 1.61 -28.82 14.07
N GLU B 105 0.42 -29.35 13.84
CA GLU B 105 -0.82 -28.69 14.22
C GLU B 105 -1.72 -29.60 15.06
N GLY B 106 -1.12 -30.45 15.88
CA GLY B 106 -1.91 -31.30 16.76
C GLY B 106 -1.69 -32.77 16.52
N GLU B 107 -2.78 -33.50 16.23
CA GLU B 107 -2.69 -34.94 16.07
C GLU B 107 -1.95 -35.29 14.78
N ALA B 108 -1.19 -36.39 14.84
CA ALA B 108 -0.40 -36.86 13.69
C ALA B 108 -1.28 -37.04 12.47
N GLU B 109 -1.20 -36.11 11.53
CA GLU B 109 -1.96 -36.14 10.30
C GLU B 109 -1.06 -36.60 9.14
N ALA B 110 -1.70 -36.96 8.04
CA ALA B 110 -1.00 -37.40 6.84
C ALA B 110 -1.02 -36.29 5.80
N PHE B 111 0.16 -35.99 5.24
CA PHE B 111 0.30 -34.89 4.29
C PHE B 111 1.19 -35.30 3.13
N THR B 112 0.89 -34.74 1.95
CA THR B 112 1.79 -34.78 0.81
C THR B 112 2.55 -33.45 0.80
N PHE B 113 3.81 -33.50 1.17
CA PHE B 113 4.62 -32.30 1.37
C PHE B 113 5.47 -32.00 0.15
N ALA B 114 5.57 -30.72 -0.18
CA ALA B 114 6.59 -30.21 -1.09
C ALA B 114 7.40 -29.16 -0.36
N ILE B 115 8.72 -29.19 -0.56
CA ILE B 115 9.62 -28.26 0.11
C ILE B 115 10.56 -27.68 -0.95
N ARG B 116 10.63 -26.35 -1.01
CA ARG B 116 11.41 -25.65 -2.02
C ARG B 116 12.49 -24.82 -1.35
N PHE B 117 13.62 -24.70 -2.04
CA PHE B 117 14.81 -24.06 -1.50
C PHE B 117 15.25 -22.93 -2.40
N GLY B 118 16.29 -22.20 -1.97
CA GLY B 118 16.73 -21.03 -2.70
C GLY B 118 17.50 -21.34 -3.97
N SER B 119 17.98 -22.56 -4.12
CA SER B 119 18.77 -22.93 -5.29
C SER B 119 18.79 -24.44 -5.41
N LYS B 120 19.09 -24.91 -6.63
CA LYS B 120 19.23 -26.35 -6.85
C LYS B 120 20.34 -26.94 -5.98
N GLU B 121 21.36 -26.14 -5.67
CA GLU B 121 22.44 -26.61 -4.81
C GLU B 121 21.92 -27.02 -3.44
N ASN B 122 21.15 -26.13 -2.79
CA ASN B 122 20.63 -26.43 -1.48
C ASN B 122 19.62 -27.57 -1.53
N ALA B 123 18.81 -27.63 -2.58
CA ALA B 123 17.86 -28.73 -2.73
C ALA B 123 18.56 -30.06 -2.91
N ASP B 124 19.71 -30.08 -3.60
CA ASP B 124 20.49 -31.30 -3.71
C ASP B 124 21.15 -31.64 -2.39
N LYS B 125 21.74 -30.63 -1.72
CA LYS B 125 22.32 -30.84 -0.40
C LYS B 125 21.26 -31.37 0.57
N PHE B 126 20.03 -30.86 0.47
CA PHE B 126 18.96 -31.34 1.33
C PHE B 126 18.68 -32.82 1.10
N LYS B 127 18.64 -33.26 -0.17
CA LYS B 127 18.35 -34.66 -0.45
C LYS B 127 19.46 -35.57 0.09
N GLU B 128 20.72 -35.13 -0.03
CA GLU B 128 21.82 -35.87 0.56
C GLU B 128 21.64 -36.00 2.08
N GLU B 129 21.39 -34.88 2.74
CA GLU B 129 21.21 -34.91 4.20
C GLU B 129 19.96 -35.68 4.59
N PHE B 130 18.90 -35.58 3.79
CA PHE B 130 17.67 -36.30 4.07
C PHE B 130 17.87 -37.82 3.99
N GLU B 131 18.79 -38.27 3.13
CA GLU B 131 19.04 -39.70 3.00
C GLU B 131 20.01 -40.20 4.06
N LYS B 132 21.03 -39.39 4.39
CA LYS B 132 21.90 -39.71 5.52
C LYS B 132 21.09 -39.88 6.80
N ALA B 133 20.16 -38.96 7.05
CA ALA B 133 19.33 -39.05 8.22
C ALA B 133 18.43 -40.29 8.18
N GLN B 134 18.03 -40.72 6.98
CA GLN B 134 17.23 -41.94 6.87
C GLN B 134 18.03 -43.16 7.28
N GLU B 135 19.33 -43.20 6.95
CA GLU B 135 20.17 -44.29 7.43
C GLU B 135 20.30 -44.29 8.95
N ILE B 136 20.41 -43.10 9.55
CA ILE B 136 20.55 -43.03 11.00
C ILE B 136 19.32 -43.58 11.69
N ASN B 137 18.14 -43.30 11.15
CA ASN B 137 16.89 -43.76 11.74
C ASN B 137 16.58 -45.22 11.46
N LYS B 138 17.41 -45.96 10.71
CA LYS B 138 17.10 -47.37 10.56
C LYS B 138 17.78 -48.20 11.63
N LYS B 139 18.97 -47.80 12.09
CA LYS B 139 19.64 -48.48 13.20
C LYS B 139 18.74 -48.50 14.44
N GLU C 5 -34.12 -20.95 12.93
CA GLU C 5 -34.60 -20.28 11.73
C GLU C 5 -36.07 -19.92 11.87
N GLY C 6 -36.58 -19.92 13.10
CA GLY C 6 -37.98 -19.62 13.32
C GLY C 6 -38.28 -18.14 13.20
N ILE C 7 -37.36 -17.29 13.64
CA ILE C 7 -37.59 -15.85 13.63
C ILE C 7 -37.67 -15.29 12.23
N LEU C 8 -37.10 -15.99 11.24
CA LEU C 8 -37.21 -15.55 9.85
C LEU C 8 -38.62 -15.66 9.29
N ASP C 9 -39.51 -16.35 10.00
CA ASP C 9 -40.89 -16.51 9.57
C ASP C 9 -41.70 -15.32 10.08
N PHE C 10 -42.11 -14.45 9.15
CA PHE C 10 -42.92 -13.29 9.47
C PHE C 10 -44.41 -13.59 9.40
N SER C 11 -44.77 -14.80 9.00
CA SER C 11 -46.16 -15.28 9.10
C SER C 11 -46.67 -15.21 10.54
N ASN C 12 -45.86 -15.69 11.48
CA ASN C 12 -46.25 -15.75 12.88
C ASN C 12 -45.71 -14.53 13.62
N ASP C 13 -45.96 -14.47 14.93
CA ASP C 13 -45.43 -13.38 15.73
C ASP C 13 -43.98 -13.63 16.12
N LEU C 14 -43.23 -12.55 16.27
CA LEU C 14 -41.80 -12.67 16.55
C LEU C 14 -41.58 -13.15 17.98
N ASP C 15 -40.79 -14.20 18.13
CA ASP C 15 -40.44 -14.76 19.44
C ASP C 15 -39.27 -13.97 19.99
N ILE C 16 -39.57 -12.98 20.84
CA ILE C 16 -38.52 -12.10 21.36
C ILE C 16 -37.52 -12.90 22.20
N ALA C 17 -38.00 -13.88 22.96
CA ALA C 17 -37.10 -14.71 23.74
C ALA C 17 -36.18 -15.52 22.85
N LEU C 18 -36.68 -16.00 21.71
CA LEU C 18 -35.84 -16.71 20.76
C LEU C 18 -34.83 -15.77 20.12
N LEU C 19 -35.24 -14.53 19.82
CA LEU C 19 -34.32 -13.56 19.25
C LEU C 19 -33.16 -13.29 20.19
N ASP C 20 -33.47 -13.02 21.47
CA ASP C 20 -32.43 -12.77 22.45
C ASP C 20 -31.45 -13.93 22.56
N GLN C 21 -31.90 -15.15 22.26
CA GLN C 21 -30.97 -16.27 22.33
C GLN C 21 -30.18 -16.45 21.03
N VAL C 22 -30.83 -16.23 19.88
CA VAL C 22 -30.09 -16.25 18.61
C VAL C 22 -29.01 -15.18 18.63
N VAL C 23 -29.32 -14.02 19.20
CA VAL C 23 -28.35 -12.94 19.31
C VAL C 23 -27.22 -13.32 20.27
N SER C 24 -27.57 -14.05 21.34
CA SER C 24 -26.55 -14.47 22.30
C SER C 24 -25.65 -15.55 21.70
N THR C 25 -26.22 -16.50 20.97
CA THR C 25 -25.42 -17.53 20.31
C THR C 25 -24.43 -16.91 19.34
N PHE C 26 -24.77 -15.76 18.75
CA PHE C 26 -23.88 -15.13 17.79
C PHE C 26 -22.75 -14.37 18.47
N TYR C 27 -23.07 -13.58 19.49
CA TYR C 27 -22.05 -12.73 20.10
C TYR C 27 -21.17 -13.49 21.07
N GLN C 28 -21.74 -14.41 21.86
CA GLN C 28 -20.99 -15.12 22.87
C GLN C 28 -20.71 -16.58 22.54
N GLY C 29 -21.34 -17.14 21.51
CA GLY C 29 -21.08 -18.49 21.10
C GLY C 29 -19.80 -18.62 20.30
N SER C 30 -19.67 -19.77 19.66
CA SER C 30 -18.54 -20.07 18.79
C SER C 30 -18.94 -21.26 17.91
N GLY C 31 -18.04 -21.64 17.00
CA GLY C 31 -18.28 -22.82 16.20
C GLY C 31 -19.41 -22.68 15.19
N VAL C 32 -19.93 -23.85 14.79
CA VAL C 32 -20.98 -23.90 13.77
C VAL C 32 -22.26 -23.24 14.28
N GLN C 33 -22.54 -23.33 15.57
CA GLN C 33 -23.74 -22.72 16.12
C GLN C 33 -23.72 -21.20 15.96
N GLN C 34 -22.55 -20.58 16.18
CA GLN C 34 -22.43 -19.14 15.97
C GLN C 34 -22.53 -18.80 14.49
N LYS C 35 -21.96 -19.65 13.62
CA LYS C 35 -22.02 -19.40 12.18
C LYS C 35 -23.45 -19.53 11.65
N GLN C 36 -24.23 -20.44 12.21
CA GLN C 36 -25.63 -20.56 11.78
C GLN C 36 -26.45 -19.37 12.25
N ALA C 37 -26.25 -18.95 13.51
CA ALA C 37 -26.94 -17.76 14.00
C ALA C 37 -26.54 -16.52 13.22
N GLN C 38 -25.30 -16.48 12.70
CA GLN C 38 -24.85 -15.35 11.90
C GLN C 38 -25.70 -15.21 10.63
N GLU C 39 -25.83 -16.30 9.88
CA GLU C 39 -26.62 -16.26 8.64
C GLU C 39 -28.08 -15.98 8.93
N ILE C 40 -28.58 -16.39 10.10
CA ILE C 40 -29.97 -16.12 10.45
C ILE C 40 -30.19 -14.64 10.71
N LEU C 41 -29.32 -14.04 11.53
CA LEU C 41 -29.48 -12.63 11.89
C LEU C 41 -29.31 -11.74 10.67
N THR C 42 -28.38 -12.07 9.78
CA THR C 42 -28.23 -11.31 8.53
C THR C 42 -29.50 -11.38 7.71
N LYS C 43 -30.15 -12.55 7.68
CA LYS C 43 -31.41 -12.68 6.93
C LYS C 43 -32.54 -11.93 7.63
N PHE C 44 -32.63 -12.06 8.96
CA PHE C 44 -33.62 -11.29 9.71
C PHE C 44 -33.43 -9.79 9.50
N GLN C 45 -32.17 -9.33 9.55
CA GLN C 45 -31.90 -7.90 9.37
C GLN C 45 -32.19 -7.45 7.95
N ASP C 46 -32.01 -8.32 6.96
CA ASP C 46 -32.20 -7.95 5.57
C ASP C 46 -33.65 -8.04 5.10
N ASN C 47 -34.54 -8.62 5.92
CA ASN C 47 -35.94 -8.67 5.53
C ASN C 47 -36.49 -7.24 5.45
N PRO C 48 -37.07 -6.83 4.32
CA PRO C 48 -37.55 -5.44 4.19
C PRO C 48 -38.67 -5.07 5.14
N ASP C 49 -39.30 -6.03 5.81
CA ASP C 49 -40.37 -5.72 6.76
C ASP C 49 -39.92 -5.83 8.22
N ALA C 50 -38.64 -6.17 8.46
CA ALA C 50 -38.16 -6.32 9.83
C ALA C 50 -38.23 -5.02 10.62
N TRP C 51 -38.23 -3.86 9.94
CA TRP C 51 -38.31 -2.58 10.65
C TRP C 51 -39.64 -2.42 11.38
N GLN C 52 -40.69 -3.08 10.89
CA GLN C 52 -41.99 -2.97 11.53
C GLN C 52 -42.00 -3.64 12.91
N LYS C 53 -41.19 -4.68 13.09
CA LYS C 53 -41.08 -5.37 14.36
C LYS C 53 -40.04 -4.75 15.28
N ALA C 54 -39.41 -3.65 14.86
CA ALA C 54 -38.32 -3.07 15.64
C ALA C 54 -38.82 -2.42 16.93
N ASP C 55 -40.07 -1.96 16.97
CA ASP C 55 -40.60 -1.39 18.21
C ASP C 55 -40.83 -2.46 19.26
N GLN C 56 -41.16 -3.69 18.83
CA GLN C 56 -41.28 -4.79 19.78
C GLN C 56 -39.95 -5.07 20.46
N ILE C 57 -38.87 -5.18 19.69
CA ILE C 57 -37.56 -5.51 20.23
C ILE C 57 -37.10 -4.44 21.21
N LEU C 58 -37.16 -3.17 20.79
CA LEU C 58 -36.70 -2.08 21.65
C LEU C 58 -37.50 -1.97 22.94
N GLN C 59 -38.74 -2.48 22.95
CA GLN C 59 -39.59 -2.40 24.12
C GLN C 59 -39.51 -3.65 24.99
N PHE C 60 -39.51 -4.83 24.38
CA PHE C 60 -39.66 -6.08 25.12
C PHE C 60 -38.34 -6.78 25.42
N SER C 61 -37.32 -6.61 24.58
CA SER C 61 -36.10 -7.39 24.72
C SER C 61 -35.37 -7.05 26.02
N THR C 62 -34.65 -8.05 26.53
CA THR C 62 -33.73 -7.87 27.65
C THR C 62 -32.28 -7.91 27.20
N ASN C 63 -32.02 -8.10 25.90
CA ASN C 63 -30.67 -8.23 25.37
C ASN C 63 -30.28 -6.93 24.69
N PRO C 64 -29.31 -6.18 25.23
CA PRO C 64 -28.93 -4.90 24.60
C PRO C 64 -28.45 -5.06 23.17
N GLN C 65 -27.83 -6.19 22.82
CA GLN C 65 -27.40 -6.40 21.45
C GLN C 65 -28.59 -6.51 20.50
N SER C 66 -29.70 -7.06 20.96
CA SER C 66 -30.90 -7.14 20.12
C SER C 66 -31.46 -5.75 19.82
N LYS C 67 -31.48 -4.88 20.83
CA LYS C 67 -31.92 -3.51 20.61
C LYS C 67 -30.97 -2.75 19.70
N PHE C 68 -29.68 -3.05 19.77
CA PHE C 68 -28.72 -2.48 18.83
C PHE C 68 -29.06 -2.89 17.41
N ILE C 69 -29.25 -4.20 17.19
CA ILE C 69 -29.58 -4.70 15.86
C ILE C 69 -30.90 -4.10 15.38
N ALA C 70 -31.86 -3.92 16.29
CA ALA C 70 -33.12 -3.29 15.93
C ALA C 70 -32.91 -1.87 15.44
N LEU C 71 -32.06 -1.10 16.14
CA LEU C 71 -31.78 0.26 15.71
C LEU C 71 -31.06 0.28 14.37
N SER C 72 -30.25 -0.75 14.09
CA SER C 72 -29.62 -0.85 12.78
C SER C 72 -30.67 -1.06 11.70
N ILE C 73 -31.58 -2.00 11.90
CA ILE C 73 -32.67 -2.22 10.95
C ILE C 73 -33.44 -0.93 10.73
N LEU C 74 -33.71 -0.20 11.81
CA LEU C 74 -34.32 1.12 11.69
C LEU C 74 -33.46 2.06 10.86
N ASP C 75 -32.15 2.09 11.14
CA ASP C 75 -31.25 3.01 10.45
C ASP C 75 -31.31 2.80 8.94
N LYS C 76 -31.30 1.53 8.50
CA LYS C 76 -31.48 1.25 7.08
C LYS C 76 -32.77 1.87 6.55
N LEU C 77 -33.84 1.77 7.34
CA LEU C 77 -35.13 2.29 6.92
C LEU C 77 -35.11 3.82 6.82
N ILE C 78 -34.60 4.48 7.86
CA ILE C 78 -34.53 5.94 7.88
C ILE C 78 -33.64 6.46 6.77
N THR C 79 -32.64 5.68 6.37
CA THR C 79 -31.63 6.17 5.44
C THR C 79 -32.08 6.06 3.98
N ARG C 80 -32.84 5.01 3.65
CA ARG C 80 -33.13 4.70 2.26
C ARG C 80 -34.61 4.74 1.87
N LYS C 81 -35.53 4.64 2.82
CA LYS C 81 -36.96 4.56 2.48
C LYS C 81 -37.83 5.46 3.33
N TRP C 82 -37.22 6.35 4.13
CA TRP C 82 -37.97 7.23 5.03
C TRP C 82 -39.05 8.02 4.31
N LYS C 83 -38.77 8.45 3.08
CA LYS C 83 -39.70 9.29 2.35
C LYS C 83 -40.84 8.51 1.69
N LEU C 84 -40.67 7.19 1.51
CA LEU C 84 -41.72 6.34 0.99
C LEU C 84 -42.72 5.91 2.06
N LEU C 85 -42.39 6.08 3.34
CA LEU C 85 -43.29 5.68 4.41
C LEU C 85 -44.53 6.57 4.44
N PRO C 86 -45.67 6.03 4.88
CA PRO C 86 -46.80 6.88 5.23
C PRO C 86 -46.39 7.87 6.31
N ASN C 87 -47.01 9.06 6.29
CA ASN C 87 -46.56 10.13 7.17
C ASN C 87 -46.75 9.83 8.65
N ASP C 88 -47.54 8.83 9.02
CA ASP C 88 -47.73 8.58 10.43
C ASP C 88 -46.72 7.57 10.99
N HIS C 89 -46.21 6.66 10.17
CA HIS C 89 -45.07 5.86 10.60
C HIS C 89 -43.89 6.75 10.95
N ARG C 90 -43.66 7.80 10.14
CA ARG C 90 -42.57 8.72 10.40
C ARG C 90 -42.74 9.40 11.76
N ILE C 91 -43.97 9.68 12.16
CA ILE C 91 -44.20 10.33 13.46
C ILE C 91 -44.01 9.34 14.60
N GLY C 92 -44.36 8.07 14.39
CA GLY C 92 -44.27 7.10 15.48
C GLY C 92 -42.84 6.72 15.80
N ILE C 93 -42.06 6.44 14.75
CA ILE C 93 -40.64 6.13 14.94
C ILE C 93 -39.94 7.28 15.65
N ARG C 94 -40.18 8.50 15.17
CA ARG C 94 -39.56 9.68 15.78
C ARG C 94 -39.96 9.82 17.24
N ASN C 95 -41.26 9.67 17.53
CA ASN C 95 -41.71 9.73 18.92
C ASN C 95 -41.11 8.60 19.75
N PHE C 96 -41.04 7.39 19.18
CA PHE C 96 -40.53 6.26 19.94
C PHE C 96 -39.05 6.44 20.26
N VAL C 97 -38.26 6.82 19.26
CA VAL C 97 -36.82 7.00 19.50
C VAL C 97 -36.59 8.12 20.51
N VAL C 98 -37.32 9.23 20.39
CA VAL C 98 -37.17 10.32 21.34
C VAL C 98 -37.57 9.87 22.73
N GLY C 99 -38.68 9.13 22.84
CA GLY C 99 -39.12 8.67 24.15
C GLY C 99 -38.17 7.65 24.76
N MET C 100 -37.71 6.69 23.96
CA MET C 100 -36.80 5.66 24.47
C MET C 100 -35.52 6.30 25.01
N ILE C 101 -34.97 7.28 24.31
CA ILE C 101 -33.75 7.93 24.77
C ILE C 101 -34.00 8.70 26.06
N ILE C 102 -35.19 9.31 26.19
CA ILE C 102 -35.52 9.99 27.44
C ILE C 102 -35.58 9.00 28.60
N SER C 103 -36.16 7.82 28.35
CA SER C 103 -36.29 6.83 29.41
C SER C 103 -34.93 6.28 29.81
N MET C 104 -34.04 6.05 28.84
CA MET C 104 -32.73 5.48 29.15
C MET C 104 -31.88 6.41 29.99
N CYS C 105 -32.02 7.73 29.79
CA CYS C 105 -31.26 8.68 30.59
C CYS C 105 -31.78 8.80 32.01
N GLN C 106 -33.03 8.38 32.26
CA GLN C 106 -33.60 8.47 33.60
C GLN C 106 -33.18 7.30 34.48
N ASP C 107 -32.98 6.12 33.89
CA ASP C 107 -32.55 4.94 34.63
C ASP C 107 -31.02 4.97 34.69
N ASP C 108 -30.49 5.43 35.84
CA ASP C 108 -29.05 5.55 35.98
C ASP C 108 -28.35 4.21 35.80
N GLU C 109 -29.05 3.10 36.08
CA GLU C 109 -28.49 1.79 35.77
C GLU C 109 -28.32 1.60 34.27
N VAL C 110 -29.33 2.00 33.49
CA VAL C 110 -29.25 1.88 32.04
C VAL C 110 -28.27 2.89 31.46
N PHE C 111 -28.30 4.12 31.98
CA PHE C 111 -27.43 5.18 31.44
C PHE C 111 -25.96 4.91 31.76
N LYS C 112 -25.67 4.16 32.83
CA LYS C 112 -24.30 3.87 33.21
C LYS C 112 -23.77 2.60 32.56
N THR C 113 -24.62 1.61 32.32
CA THR C 113 -24.18 0.30 31.88
C THR C 113 -24.57 -0.04 30.44
N GLN C 114 -25.24 0.86 29.74
N GLN C 114 -25.25 0.86 29.74
CA GLN C 114 -25.65 0.64 28.35
CA GLN C 114 -25.64 0.63 28.35
C GLN C 114 -25.27 1.86 27.50
C GLN C 114 -25.27 1.85 27.49
N LYS C 115 -23.98 2.15 27.44
CA LYS C 115 -23.50 3.27 26.64
C LYS C 115 -23.59 2.96 25.15
N ASN C 116 -23.25 1.72 24.76
CA ASN C 116 -23.35 1.33 23.36
C ASN C 116 -24.76 1.52 22.83
N LEU C 117 -25.77 1.13 23.61
CA LEU C 117 -27.15 1.22 23.15
C LEU C 117 -27.61 2.68 23.10
N ILE C 118 -27.18 3.50 24.05
CA ILE C 118 -27.58 4.91 24.05
C ILE C 118 -26.90 5.64 22.89
N ASN C 119 -25.62 5.37 22.65
CA ASN C 119 -24.93 5.96 21.51
C ASN C 119 -25.59 5.56 20.20
N LYS C 120 -25.90 4.28 20.04
CA LYS C 120 -26.58 3.82 18.83
C LYS C 120 -27.95 4.46 18.68
N SER C 121 -28.65 4.70 19.80
CA SER C 121 -29.93 5.38 19.75
C SER C 121 -29.74 6.86 19.39
N ASP C 122 -28.67 7.48 19.90
CA ASP C 122 -28.40 8.88 19.59
C ASP C 122 -28.09 9.06 18.11
N LEU C 123 -27.36 8.12 17.53
CA LEU C 123 -27.08 8.18 16.10
C LEU C 123 -28.35 8.00 15.27
N THR C 124 -29.21 7.06 15.68
CA THR C 124 -30.49 6.87 15.00
C THR C 124 -31.32 8.13 15.04
N LEU C 125 -31.34 8.81 16.20
CA LEU C 125 -32.03 10.10 16.28
C LEU C 125 -31.44 11.11 15.32
N VAL C 126 -30.11 11.12 15.17
CA VAL C 126 -29.46 12.06 14.27
C VAL C 126 -29.87 11.76 12.83
N GLN C 127 -30.00 10.48 12.47
CA GLN C 127 -30.47 10.13 11.15
C GLN C 127 -31.86 10.70 10.90
N ILE C 128 -32.71 10.72 11.93
CA ILE C 128 -34.04 11.31 11.79
C ILE C 128 -33.94 12.82 11.64
N LEU C 129 -33.02 13.46 12.38
CA LEU C 129 -32.86 14.90 12.26
C LEU C 129 -32.41 15.29 10.86
N LYS C 130 -31.58 14.45 10.22
CA LYS C 130 -31.15 14.74 8.86
C LYS C 130 -32.31 14.71 7.88
N GLN C 131 -33.32 13.87 8.14
CA GLN C 131 -34.48 13.80 7.26
C GLN C 131 -35.51 14.87 7.60
N GLU C 132 -35.67 15.19 8.88
CA GLU C 132 -36.81 15.97 9.35
C GLU C 132 -36.47 17.35 9.86
N TRP C 133 -35.21 17.60 10.22
CA TRP C 133 -34.89 18.85 10.91
C TRP C 133 -34.19 19.82 9.97
N PRO C 134 -34.48 21.12 10.04
CA PRO C 134 -35.45 21.74 10.96
C PRO C 134 -36.82 22.00 10.34
N GLN C 135 -37.01 21.66 9.07
CA GLN C 135 -38.23 22.03 8.37
C GLN C 135 -39.47 21.41 9.01
N ASN C 136 -39.35 20.20 9.55
CA ASN C 136 -40.46 19.52 10.22
C ASN C 136 -40.19 19.31 11.71
N TRP C 137 -39.30 20.09 12.29
CA TRP C 137 -38.93 19.94 13.70
C TRP C 137 -38.23 21.21 14.19
N PRO C 138 -38.86 22.38 14.06
CA PRO C 138 -38.10 23.63 14.26
C PRO C 138 -37.72 23.94 15.70
N GLU C 139 -38.26 23.23 16.69
CA GLU C 139 -38.01 23.53 18.09
C GLU C 139 -37.07 22.52 18.74
N PHE C 140 -36.41 21.66 17.96
CA PHE C 140 -35.50 20.67 18.51
C PHE C 140 -34.43 21.32 19.38
N ILE C 141 -33.64 22.23 18.78
CA ILE C 141 -32.57 22.87 19.54
C ILE C 141 -33.08 23.65 20.74
N PRO C 142 -34.15 24.45 20.64
CA PRO C 142 -34.69 25.06 21.88
C PRO C 142 -35.13 24.05 22.91
N GLU C 143 -35.82 22.98 22.48
CA GLU C 143 -36.27 21.96 23.43
C GLU C 143 -35.11 21.10 23.91
N LEU C 144 -34.06 20.95 23.10
CA LEU C 144 -32.87 20.24 23.58
C LEU C 144 -32.18 21.02 24.68
N ILE C 145 -32.11 22.34 24.55
CA ILE C 145 -31.44 23.16 25.56
C ILE C 145 -32.28 23.23 26.82
N GLY C 146 -33.60 23.28 26.69
CA GLY C 146 -34.46 23.33 27.86
C GLY C 146 -34.37 22.06 28.68
N SER C 147 -34.49 20.90 28.03
CA SER C 147 -34.40 19.63 28.75
C SER C 147 -33.02 19.36 29.32
N SER C 148 -31.99 20.07 28.84
CA SER C 148 -30.65 19.88 29.36
C SER C 148 -30.53 20.38 30.79
N SER C 149 -31.33 21.38 31.17
CA SER C 149 -31.31 21.89 32.54
C SER C 149 -32.03 20.98 33.52
N SER C 150 -32.78 19.98 33.04
CA SER C 150 -33.53 19.11 33.93
C SER C 150 -32.63 18.04 34.55
N SER C 151 -31.98 17.25 33.72
CA SER C 151 -31.17 16.13 34.18
C SER C 151 -29.72 16.30 33.72
N VAL C 152 -28.79 15.79 34.52
CA VAL C 152 -27.39 15.82 34.11
C VAL C 152 -27.11 14.72 33.09
N ASN C 153 -27.82 13.59 33.17
CA ASN C 153 -27.66 12.54 32.16
C ASN C 153 -28.23 12.97 30.82
N VAL C 154 -29.26 13.81 30.82
CA VAL C 154 -29.82 14.30 29.57
C VAL C 154 -28.92 15.38 28.97
N CYS C 155 -28.41 16.28 29.80
CA CYS C 155 -27.48 17.30 29.32
C CYS C 155 -26.24 16.66 28.69
N GLU C 156 -25.67 15.65 29.35
CA GLU C 156 -24.52 14.95 28.79
C GLU C 156 -24.88 14.23 27.50
N ASN C 157 -26.02 13.54 27.48
CA ASN C 157 -26.41 12.79 26.29
C ASN C 157 -26.75 13.72 25.13
N ASN C 158 -27.30 14.91 25.42
CA ASN C 158 -27.55 15.88 24.36
C ASN C 158 -26.26 16.38 23.73
N MET C 159 -25.17 16.42 24.51
CA MET C 159 -23.87 16.74 23.93
C MET C 159 -23.41 15.64 22.99
N ILE C 160 -23.79 14.39 23.27
CA ILE C 160 -23.47 13.28 22.37
C ILE C 160 -24.30 13.39 21.09
N VAL C 161 -25.56 13.78 21.21
CA VAL C 161 -26.40 13.96 20.03
C VAL C 161 -25.88 15.12 19.18
N LEU C 162 -25.49 16.21 19.82
CA LEU C 162 -24.98 17.36 19.08
C LEU C 162 -23.64 17.05 18.43
N LYS C 163 -22.77 16.30 19.12
CA LYS C 163 -21.50 15.90 18.53
C LYS C 163 -21.73 15.08 17.26
N LEU C 164 -22.57 14.05 17.34
CA LEU C 164 -22.85 13.23 16.17
C LEU C 164 -23.51 14.04 15.07
N LEU C 165 -24.39 14.97 15.42
CA LEU C 165 -25.04 15.81 14.42
C LEU C 165 -24.01 16.66 13.68
N SER C 166 -23.10 17.29 14.42
CA SER C 166 -22.04 18.07 13.79
C SER C 166 -21.20 17.21 12.84
N GLU C 167 -20.95 15.96 13.23
CA GLU C 167 -20.15 15.07 12.38
C GLU C 167 -20.89 14.71 11.10
N GLU C 168 -22.18 14.36 11.21
CA GLU C 168 -22.94 13.97 10.02
C GLU C 168 -23.16 15.13 9.07
N VAL C 169 -23.21 16.35 9.59
CA VAL C 169 -23.50 17.51 8.76
C VAL C 169 -22.25 18.09 8.13
N PHE C 170 -21.16 18.25 8.91
CA PHE C 170 -19.97 18.94 8.43
C PHE C 170 -18.81 18.01 8.09
N ASP C 171 -18.66 16.89 8.78
CA ASP C 171 -17.49 16.04 8.60
C ASP C 171 -17.69 14.90 7.62
N PHE C 172 -18.91 14.36 7.51
CA PHE C 172 -19.13 13.15 6.71
C PHE C 172 -20.27 13.30 5.72
N SER C 173 -20.63 14.52 5.35
CA SER C 173 -21.78 14.73 4.46
C SER C 173 -21.40 14.69 2.98
N ALA C 174 -20.18 15.12 2.63
CA ALA C 174 -19.82 15.34 1.23
C ALA C 174 -20.11 14.12 0.35
N GLU C 175 -19.82 12.92 0.85
CA GLU C 175 -20.08 11.72 0.07
C GLU C 175 -21.50 11.20 0.24
N GLN C 176 -22.15 11.47 1.37
CA GLN C 176 -23.36 10.74 1.74
C GLN C 176 -24.66 11.47 1.46
N MET C 177 -24.64 12.78 1.23
CA MET C 177 -25.85 13.51 0.86
C MET C 177 -25.57 14.41 -0.32
N THR C 178 -26.65 14.90 -0.95
CA THR C 178 -26.50 15.80 -2.09
C THR C 178 -25.94 17.13 -1.62
N GLN C 179 -25.44 17.91 -2.58
CA GLN C 179 -24.91 19.23 -2.25
C GLN C 179 -25.97 20.12 -1.62
N ALA C 180 -27.19 20.08 -2.16
CA ALA C 180 -28.25 20.92 -1.64
C ALA C 180 -28.64 20.51 -0.23
N LYS C 181 -28.77 19.20 0.01
CA LYS C 181 -29.14 18.72 1.34
C LYS C 181 -28.07 19.08 2.36
N ALA C 182 -26.79 18.88 2.01
CA ALA C 182 -25.70 19.21 2.91
C ALA C 182 -25.71 20.70 3.27
N LEU C 183 -25.79 21.56 2.26
CA LEU C 183 -25.81 23.00 2.51
C LEU C 183 -27.00 23.39 3.38
N HIS C 184 -28.17 22.79 3.11
CA HIS C 184 -29.36 23.05 3.93
C HIS C 184 -29.09 22.72 5.40
N LEU C 185 -28.44 21.59 5.67
CA LEU C 185 -28.19 21.20 7.05
C LEU C 185 -27.09 22.05 7.69
N LYS C 186 -26.06 22.39 6.92
CA LYS C 186 -25.02 23.27 7.44
C LYS C 186 -25.61 24.63 7.82
N ASN C 187 -26.42 25.21 6.92
CA ASN C 187 -27.06 26.49 7.21
C ASN C 187 -27.95 26.39 8.45
N SER C 188 -28.65 25.27 8.61
CA SER C 188 -29.55 25.11 9.74
C SER C 188 -28.78 25.03 11.05
N MET C 189 -27.68 24.27 11.08
CA MET C 189 -26.84 24.23 12.28
C MET C 189 -26.21 25.60 12.55
N SER C 190 -25.77 26.28 11.49
CA SER C 190 -25.13 27.59 11.66
C SER C 190 -26.10 28.60 12.24
N LYS C 191 -27.35 28.59 11.80
CA LYS C 191 -28.32 29.58 12.29
C LYS C 191 -28.60 29.40 13.78
N GLU C 192 -28.51 28.18 14.30
CA GLU C 192 -28.87 27.92 15.69
C GLU C 192 -27.69 27.60 16.57
N PHE C 193 -26.45 27.88 16.12
CA PHE C 193 -25.30 27.50 16.93
C PHE C 193 -25.13 28.41 18.14
N GLU C 194 -25.53 29.68 18.04
CA GLU C 194 -25.40 30.60 19.16
C GLU C 194 -26.03 30.04 20.42
N GLN C 195 -27.19 29.41 20.29
CA GLN C 195 -27.81 28.76 21.44
C GLN C 195 -27.06 27.51 21.86
N ILE C 196 -26.54 26.75 20.89
CA ILE C 196 -25.75 25.56 21.21
C ILE C 196 -24.50 25.95 21.97
N PHE C 197 -23.81 27.00 21.52
CA PHE C 197 -22.54 27.37 22.16
C PHE C 197 -22.76 27.84 23.60
N LYS C 198 -23.84 28.59 23.85
CA LYS C 198 -24.05 29.12 25.19
C LYS C 198 -24.33 27.98 26.18
N LEU C 199 -25.17 27.03 25.77
CA LEU C 199 -25.35 25.82 26.58
C LEU C 199 -24.03 25.11 26.78
N CYS C 200 -23.24 24.97 25.72
CA CYS C 200 -21.94 24.31 25.84
CA CYS C 200 -21.95 24.31 25.85
C CYS C 200 -21.01 25.09 26.76
N PHE C 201 -20.95 26.42 26.59
CA PHE C 201 -20.07 27.23 27.41
C PHE C 201 -20.52 27.29 28.87
N GLN C 202 -21.83 27.29 29.11
CA GLN C 202 -22.33 27.26 30.48
C GLN C 202 -21.87 26.01 31.22
N VAL C 203 -21.96 24.85 30.54
CA VAL C 203 -21.57 23.59 31.18
C VAL C 203 -20.08 23.59 31.49
N LEU C 204 -19.26 24.12 30.58
CA LEU C 204 -17.81 24.12 30.81
C LEU C 204 -17.43 25.02 31.98
N GLU C 205 -18.18 26.10 32.21
CA GLU C 205 -17.84 27.03 33.28
C GLU C 205 -18.43 26.61 34.63
N GLN C 206 -19.60 25.99 34.62
CA GLN C 206 -20.32 25.66 35.85
C GLN C 206 -19.99 24.28 36.40
N GLY C 207 -19.11 23.53 35.74
CA GLY C 207 -18.82 22.18 36.20
C GLY C 207 -20.07 21.31 36.17
N SER C 208 -20.03 20.21 36.92
CA SER C 208 -18.83 19.74 37.61
C SER C 208 -18.69 18.24 37.37
N SER C 209 -19.73 17.66 36.79
CA SER C 209 -19.69 16.27 36.36
C SER C 209 -18.63 16.09 35.29
N SER C 210 -17.62 15.27 35.59
N SER C 210 -17.63 15.27 35.58
CA SER C 210 -16.52 15.08 34.66
CA SER C 210 -16.51 15.11 34.64
C SER C 210 -17.00 14.47 33.35
C SER C 210 -16.97 14.45 33.34
N SER C 211 -17.84 13.44 33.43
CA SER C 211 -18.36 12.80 32.23
C SER C 211 -19.15 13.79 31.39
N LEU C 212 -19.92 14.67 32.03
CA LEU C 212 -20.62 15.72 31.30
C LEU C 212 -19.64 16.71 30.68
N ILE C 213 -18.56 17.04 31.41
CA ILE C 213 -17.55 17.96 30.86
C ILE C 213 -16.87 17.34 29.65
N VAL C 214 -16.49 16.06 29.76
CA VAL C 214 -15.78 15.40 28.68
C VAL C 214 -16.66 15.30 27.43
N ALA C 215 -17.93 14.92 27.62
CA ALA C 215 -18.84 14.87 26.47
C ALA C 215 -19.05 16.25 25.86
N THR C 216 -19.02 17.30 26.69
CA THR C 216 -19.13 18.65 26.17
C THR C 216 -17.88 19.05 25.40
N LEU C 217 -16.70 18.66 25.92
CA LEU C 217 -15.45 18.98 25.22
C LEU C 217 -15.35 18.19 23.93
N GLU C 218 -15.81 16.94 23.91
N GLU C 218 -15.81 16.93 23.92
CA GLU C 218 -15.78 16.14 22.71
CA GLU C 218 -15.77 16.13 22.70
C GLU C 218 -16.63 16.75 21.61
C GLU C 218 -16.62 16.77 21.61
N SER C 219 -17.77 17.33 21.98
CA SER C 219 -18.60 18.02 21.00
C SER C 219 -17.96 19.33 20.56
N LEU C 220 -17.21 19.99 21.45
CA LEU C 220 -16.50 21.20 21.07
C LEU C 220 -15.41 20.91 20.05
N LEU C 221 -14.75 19.76 20.16
CA LEU C 221 -13.76 19.38 19.16
C LEU C 221 -14.36 19.36 17.77
N ARG C 222 -15.59 18.86 17.65
CA ARG C 222 -16.25 18.79 16.34
C ARG C 222 -16.66 20.18 15.86
N TYR C 223 -17.17 21.02 16.77
CA TYR C 223 -17.56 22.37 16.40
C TYR C 223 -16.41 23.14 15.78
N LEU C 224 -15.20 22.96 16.32
CA LEU C 224 -14.05 23.74 15.90
C LEU C 224 -13.73 23.54 14.42
N HIS C 225 -14.20 22.44 13.82
CA HIS C 225 -13.98 22.22 12.39
C HIS C 225 -14.65 23.28 11.53
N TRP C 226 -15.70 23.93 12.02
CA TRP C 226 -16.51 24.79 11.16
C TRP C 226 -16.99 26.10 11.77
N ILE C 227 -17.00 26.26 13.09
CA ILE C 227 -17.62 27.45 13.70
C ILE C 227 -16.75 28.69 13.44
N PRO C 228 -17.36 29.89 13.38
CA PRO C 228 -16.56 31.11 13.24
C PRO C 228 -15.70 31.36 14.47
N TYR C 229 -14.53 31.97 14.23
CA TYR C 229 -13.54 32.12 15.30
C TYR C 229 -14.00 32.98 16.45
N ARG C 230 -14.98 33.86 16.22
CA ARG C 230 -15.40 34.77 17.28
C ARG C 230 -15.89 34.03 18.51
N TYR C 231 -16.50 32.85 18.32
CA TYR C 231 -16.94 32.05 19.46
C TYR C 231 -15.77 31.64 20.35
N ILE C 232 -14.57 31.53 19.79
CA ILE C 232 -13.42 31.09 20.56
C ILE C 232 -12.66 32.26 21.15
N TYR C 233 -12.52 33.35 20.40
CA TYR C 233 -11.66 34.46 20.82
C TYR C 233 -12.41 35.58 21.54
N GLU C 234 -13.71 35.71 21.32
CA GLU C 234 -14.49 36.77 21.96
C GLU C 234 -15.24 36.27 23.19
N THR C 235 -15.02 35.03 23.59
CA THR C 235 -15.47 34.51 24.88
C THR C 235 -14.25 34.20 25.74
N ASN C 236 -14.49 33.57 26.89
CA ASN C 236 -13.43 33.21 27.81
C ASN C 236 -12.99 31.76 27.66
N ILE C 237 -13.41 31.09 26.58
CA ILE C 237 -13.28 29.64 26.51
C ILE C 237 -11.81 29.21 26.35
N LEU C 238 -10.98 30.03 25.70
CA LEU C 238 -9.57 29.67 25.55
C LEU C 238 -8.88 29.59 26.91
N GLU C 239 -9.18 30.55 27.79
CA GLU C 239 -8.62 30.50 29.14
C GLU C 239 -9.03 29.22 29.86
N LEU C 240 -10.31 28.84 29.75
CA LEU C 240 -10.78 27.60 30.37
C LEU C 240 -10.03 26.40 29.80
N LEU C 241 -9.97 26.30 28.48
CA LEU C 241 -9.30 25.15 27.85
C LEU C 241 -7.83 25.09 28.22
N SER C 242 -7.15 26.24 28.19
CA SER C 242 -5.70 26.24 28.38
C SER C 242 -5.28 26.22 29.84
N THR C 243 -6.21 26.36 30.79
CA THR C 243 -5.88 26.29 32.21
C THR C 243 -6.69 25.20 32.91
N LYS C 244 -7.98 25.42 33.12
CA LYS C 244 -8.79 24.53 33.95
C LYS C 244 -8.75 23.09 33.46
N PHE C 245 -9.14 22.87 32.20
CA PHE C 245 -9.31 21.52 31.71
C PHE C 245 -7.99 20.82 31.36
N MET C 246 -6.86 21.52 31.44
CA MET C 246 -5.58 20.87 31.25
C MET C 246 -5.08 20.19 32.52
N THR C 247 -5.55 20.61 33.69
CA THR C 247 -5.06 20.04 34.94
C THR C 247 -5.59 18.62 35.16
N SER C 248 -6.88 18.42 34.91
CA SER C 248 -7.50 17.12 35.19
C SER C 248 -7.26 16.16 34.03
N PRO C 249 -6.70 14.98 34.28
CA PRO C 249 -6.40 14.04 33.18
C PRO C 249 -7.64 13.52 32.47
N ASP C 250 -8.81 13.56 33.10
CA ASP C 250 -10.04 13.15 32.41
C ASP C 250 -10.32 14.07 31.22
N THR C 251 -10.14 15.37 31.41
CA THR C 251 -10.42 16.35 30.36
C THR C 251 -9.19 16.74 29.57
N ARG C 252 -8.00 16.31 29.99
CA ARG C 252 -6.76 16.80 29.38
C ARG C 252 -6.65 16.36 27.92
N ALA C 253 -6.92 15.07 27.66
CA ALA C 253 -6.72 14.54 26.31
C ALA C 253 -7.59 15.26 25.29
N ILE C 254 -8.86 15.45 25.60
CA ILE C 254 -9.76 16.10 24.65
C ILE C 254 -9.48 17.59 24.55
N THR C 255 -9.10 18.22 25.68
CA THR C 255 -8.75 19.64 25.65
C THR C 255 -7.55 19.90 24.75
N LEU C 256 -6.56 19.01 24.80
CA LEU C 256 -5.38 19.17 23.96
C LEU C 256 -5.74 19.07 22.48
N LYS C 257 -6.62 18.14 22.13
CA LYS C 257 -7.08 18.04 20.74
C LYS C 257 -7.88 19.27 20.33
N CYS C 258 -8.65 19.84 21.26
CA CYS C 258 -9.38 21.07 20.96
C CYS C 258 -8.42 22.22 20.69
N LEU C 259 -7.42 22.38 21.54
CA LEU C 259 -6.45 23.45 21.34
C LEU C 259 -5.66 23.26 20.04
N THR C 260 -5.40 22.00 19.66
CA THR C 260 -4.76 21.74 18.37
C THR C 260 -5.63 22.26 17.23
N GLU C 261 -6.94 22.02 17.29
CA GLU C 261 -7.83 22.53 16.25
C GLU C 261 -8.00 24.04 16.35
N VAL C 262 -7.92 24.60 17.57
CA VAL C 262 -7.96 26.05 17.71
C VAL C 262 -6.79 26.69 16.98
N SER C 263 -5.62 26.05 17.04
CA SER C 263 -4.45 26.52 16.30
C SER C 263 -4.66 26.47 14.80
N ASN C 264 -5.76 25.87 14.33
CA ASN C 264 -6.06 25.78 12.91
C ASN C 264 -7.26 26.61 12.50
N LEU C 265 -7.81 27.41 13.40
CA LEU C 265 -8.95 28.26 13.06
C LEU C 265 -8.53 29.33 12.08
N LYS C 266 -9.46 29.74 11.22
CA LYS C 266 -9.21 30.88 10.37
C LYS C 266 -9.37 32.13 11.23
N ILE C 267 -8.37 32.99 11.20
CA ILE C 267 -8.28 34.06 12.19
C ILE C 267 -7.65 35.28 11.55
N PRO C 268 -8.19 36.48 11.77
CA PRO C 268 -7.57 37.69 11.19
C PRO C 268 -6.13 37.87 11.65
N GLN C 269 -5.24 38.02 10.67
CA GLN C 269 -3.80 38.01 10.89
C GLN C 269 -3.24 39.39 11.21
N ASP C 270 -4.10 40.37 11.43
CA ASP C 270 -3.66 41.74 11.67
C ASP C 270 -4.07 42.29 13.03
N ASN C 271 -5.06 41.70 13.69
CA ASN C 271 -5.49 42.20 14.99
C ASN C 271 -4.47 41.79 16.05
N ASP C 272 -4.02 42.78 16.83
CA ASP C 272 -2.99 42.53 17.83
C ASP C 272 -3.57 41.93 19.11
N LEU C 273 -4.84 42.19 19.41
CA LEU C 273 -5.47 41.57 20.57
C LEU C 273 -5.58 40.06 20.39
N ILE C 274 -5.90 39.61 19.17
CA ILE C 274 -6.02 38.19 18.90
C ILE C 274 -4.66 37.51 18.98
N LYS C 275 -3.62 38.16 18.43
CA LYS C 275 -2.26 37.64 18.56
C LYS C 275 -1.90 37.45 20.02
N ARG C 276 -2.33 38.38 20.88
CA ARG C 276 -2.11 38.21 22.31
C ARG C 276 -2.82 36.97 22.84
N GLN C 277 -4.07 36.75 22.42
CA GLN C 277 -4.80 35.58 22.89
C GLN C 277 -4.19 34.29 22.36
N THR C 278 -3.69 34.31 21.13
CA THR C 278 -3.04 33.13 20.58
C THR C 278 -1.75 32.82 21.33
N VAL C 279 -1.01 33.85 21.74
CA VAL C 279 0.15 33.65 22.60
C VAL C 279 -0.29 33.14 23.97
N LEU C 280 -1.39 33.70 24.50
CA LEU C 280 -1.75 33.46 25.89
C LEU C 280 -2.17 32.01 26.13
N PHE C 281 -3.00 31.44 25.24
CA PHE C 281 -3.46 30.07 25.49
C PHE C 281 -2.32 29.07 25.30
N PHE C 282 -1.33 29.39 24.46
CA PHE C 282 -0.15 28.54 24.34
C PHE C 282 0.67 28.60 25.61
N GLN C 283 0.85 29.79 26.18
CA GLN C 283 1.62 29.96 27.42
C GLN C 283 0.95 29.23 28.58
N ASN C 284 -0.39 29.33 28.67
CA ASN C 284 -1.11 28.60 29.72
C ASN C 284 -0.96 27.10 29.56
N THR C 285 -1.10 26.61 28.32
CA THR C 285 -1.03 25.17 28.08
C THR C 285 0.33 24.61 28.47
N LEU C 286 1.40 25.29 28.06
CA LEU C 286 2.74 24.81 28.39
C LEU C 286 3.02 24.91 29.89
N GLN C 287 2.37 25.85 30.57
CA GLN C 287 2.53 25.96 32.02
C GLN C 287 1.85 24.79 32.72
N GLN C 288 0.61 24.47 32.33
CA GLN C 288 -0.07 23.32 32.92
C GLN C 288 0.68 22.02 32.68
N ILE C 289 1.33 21.90 31.52
CA ILE C 289 2.09 20.69 31.23
C ILE C 289 3.32 20.60 32.12
N ALA C 290 4.03 21.72 32.30
CA ALA C 290 5.23 21.72 33.13
C ALA C 290 4.90 21.42 34.59
N THR C 291 3.75 21.91 35.08
CA THR C 291 3.44 21.76 36.49
C THR C 291 2.58 20.53 36.80
N SER C 292 1.70 20.13 35.88
CA SER C 292 0.77 19.04 36.17
C SER C 292 1.13 17.71 35.51
N VAL C 293 1.98 17.71 34.48
CA VAL C 293 2.24 16.46 33.76
C VAL C 293 3.70 16.04 33.90
N MET C 294 4.62 16.80 33.33
CA MET C 294 6.03 16.50 33.49
C MET C 294 6.86 17.73 33.13
N PRO C 295 8.00 17.94 33.78
CA PRO C 295 8.85 19.08 33.43
C PRO C 295 9.57 18.84 32.11
N VAL C 296 10.08 19.93 31.55
CA VAL C 296 10.72 19.88 30.23
C VAL C 296 11.95 18.99 30.21
N THR C 297 12.53 18.69 31.37
CA THR C 297 13.69 17.83 31.46
C THR C 297 13.35 16.35 31.52
N ALA C 298 12.06 16.00 31.57
CA ALA C 298 11.67 14.60 31.74
C ALA C 298 12.12 13.77 30.54
N ASP C 299 12.36 12.49 30.80
CA ASP C 299 12.81 11.55 29.77
C ASP C 299 11.57 10.96 29.10
N LEU C 300 11.09 11.65 28.06
CA LEU C 300 9.88 11.22 27.38
C LEU C 300 10.08 9.91 26.63
N LYS C 301 11.30 9.64 26.16
CA LYS C 301 11.59 8.37 25.51
C LYS C 301 11.28 7.21 26.44
N ALA C 302 11.70 7.31 27.70
CA ALA C 302 11.45 6.24 28.66
C ALA C 302 9.98 6.19 29.05
N THR C 303 9.35 7.36 29.26
CA THR C 303 7.93 7.40 29.59
C THR C 303 7.09 6.72 28.51
N TYR C 304 7.35 7.07 27.24
CA TYR C 304 6.62 6.45 26.15
C TYR C 304 6.85 4.95 26.10
N ALA C 305 8.11 4.52 26.26
CA ALA C 305 8.42 3.09 26.20
C ALA C 305 7.75 2.33 27.33
N ASN C 306 7.54 2.96 28.48
CA ASN C 306 6.88 2.30 29.59
C ASN C 306 5.40 2.04 29.28
N ALA C 307 4.79 2.88 28.45
CA ALA C 307 3.44 2.66 27.93
C ALA C 307 2.40 2.52 29.06
N ASN C 308 2.60 3.29 30.13
CA ASN C 308 1.58 3.35 31.19
C ASN C 308 0.34 4.08 30.68
N GLY C 309 -0.81 3.66 31.20
CA GLY C 309 -2.09 4.30 30.93
C GLY C 309 -2.28 4.82 29.52
N ASN C 310 -2.48 6.14 29.40
CA ASN C 310 -2.64 6.80 28.11
C ASN C 310 -1.44 7.67 27.75
N ASP C 311 -0.26 7.36 28.32
CA ASP C 311 0.90 8.22 28.13
C ASP C 311 1.29 8.34 26.66
N GLN C 312 1.25 7.22 25.94
CA GLN C 312 1.65 7.23 24.53
C GLN C 312 0.74 8.14 23.71
N SER C 313 -0.57 8.01 23.90
CA SER C 313 -1.50 8.88 23.18
C SER C 313 -1.34 10.34 23.58
N PHE C 314 -1.05 10.59 24.85
CA PHE C 314 -0.85 11.98 25.29
C PHE C 314 0.40 12.57 24.65
N LEU C 315 1.50 11.83 24.65
CA LEU C 315 2.73 12.33 24.04
C LEU C 315 2.56 12.50 22.54
N GLN C 316 1.77 11.64 21.90
CA GLN C 316 1.43 11.84 20.49
C GLN C 316 0.63 13.13 20.31
N ASP C 317 -0.40 13.32 21.13
CA ASP C 317 -1.22 14.52 21.02
C ASP C 317 -0.45 15.78 21.38
N LEU C 318 0.52 15.67 22.29
CA LEU C 318 1.36 16.83 22.60
C LEU C 318 2.25 17.19 21.42
N ALA C 319 2.86 16.18 20.78
CA ALA C 319 3.65 16.44 19.58
C ALA C 319 2.79 17.10 18.51
N MET C 320 1.57 16.60 18.30
CA MET C 320 0.68 17.21 17.33
C MET C 320 0.35 18.65 17.71
N PHE C 321 0.05 18.90 18.99
CA PHE C 321 -0.28 20.26 19.42
C PHE C 321 0.90 21.20 19.21
N LEU C 322 2.10 20.79 19.66
CA LEU C 322 3.26 21.67 19.55
C LEU C 322 3.62 21.92 18.09
N THR C 323 3.72 20.87 17.28
CA THR C 323 4.10 21.05 15.88
C THR C 323 3.07 21.87 15.11
N THR C 324 1.78 21.63 15.38
CA THR C 324 0.73 22.39 14.70
C THR C 324 0.80 23.87 15.07
N TYR C 325 0.87 24.18 16.36
CA TYR C 325 0.88 25.57 16.80
C TYR C 325 2.14 26.28 16.32
N LEU C 326 3.31 25.65 16.50
CA LEU C 326 4.56 26.32 16.21
C LEU C 326 4.77 26.55 14.72
N ALA C 327 4.28 25.62 13.88
CA ALA C 327 4.41 25.82 12.43
C ALA C 327 3.63 27.05 11.97
N ARG C 328 2.55 27.40 12.65
N ARG C 328 2.57 27.41 12.67
CA ARG C 328 1.75 28.56 12.27
CA ARG C 328 1.69 28.52 12.30
C ARG C 328 2.10 29.82 13.03
C ARG C 328 1.97 29.80 13.07
N ASN C 329 2.43 29.72 14.32
CA ASN C 329 2.48 30.88 15.20
C ASN C 329 3.83 31.16 15.86
N ARG C 330 4.91 30.46 15.48
CA ARG C 330 6.16 30.68 16.22
C ARG C 330 6.71 32.09 16.03
N ALA C 331 6.35 32.77 14.94
CA ALA C 331 6.79 34.15 14.74
C ALA C 331 6.25 35.07 15.84
N LEU C 332 5.09 34.73 16.40
CA LEU C 332 4.56 35.52 17.51
C LEU C 332 5.50 35.51 18.71
N LEU C 333 6.25 34.43 18.88
CA LEU C 333 7.09 34.25 20.07
C LEU C 333 8.54 34.64 19.84
N GLU C 334 8.94 34.97 18.61
CA GLU C 334 10.35 35.13 18.28
C GLU C 334 10.88 36.55 18.47
N SER C 335 10.01 37.57 18.48
CA SER C 335 10.48 38.94 18.60
C SER C 335 10.44 39.44 20.04
N ASP C 336 9.37 39.13 20.77
CA ASP C 336 9.23 39.58 22.15
C ASP C 336 10.22 38.82 23.04
N GLU C 337 11.01 39.57 23.81
CA GLU C 337 12.00 38.93 24.68
C GLU C 337 11.34 38.21 25.85
N SER C 338 10.17 38.68 26.29
CA SER C 338 9.45 38.00 27.36
C SER C 338 8.85 36.67 26.91
N LEU C 339 8.82 36.40 25.61
CA LEU C 339 8.30 35.15 25.08
C LEU C 339 9.40 34.18 24.67
N ARG C 340 10.66 34.56 24.84
CA ARG C 340 11.76 33.72 24.36
C ARG C 340 11.84 32.39 25.13
N GLU C 341 11.65 32.44 26.45
CA GLU C 341 11.71 31.19 27.22
C GLU C 341 10.55 30.27 26.87
N LEU C 342 9.36 30.85 26.63
CA LEU C 342 8.22 30.03 26.22
C LEU C 342 8.46 29.38 24.87
N LEU C 343 9.10 30.11 23.94
CA LEU C 343 9.38 29.56 22.62
C LEU C 343 10.36 28.39 22.70
N LEU C 344 11.42 28.53 23.51
CA LEU C 344 12.45 27.50 23.58
C LEU C 344 12.03 26.32 24.43
N ASN C 345 11.25 26.53 25.48
CA ASN C 345 10.69 25.42 26.24
C ASN C 345 9.82 24.54 25.36
N ALA C 346 8.96 25.18 24.54
CA ALA C 346 8.13 24.44 23.62
C ALA C 346 8.96 23.60 22.66
N HIS C 347 10.04 24.16 22.14
CA HIS C 347 10.90 23.39 21.24
C HIS C 347 11.72 22.36 22.00
N GLN C 348 12.02 22.61 23.28
CA GLN C 348 12.73 21.61 24.07
C GLN C 348 11.85 20.40 24.35
N TYR C 349 10.54 20.63 24.55
CA TYR C 349 9.61 19.49 24.64
C TYR C 349 9.62 18.69 23.34
N LEU C 350 9.66 19.40 22.20
CA LEU C 350 9.74 18.70 20.91
C LEU C 350 11.05 17.93 20.78
N ILE C 351 12.15 18.51 21.24
CA ILE C 351 13.43 17.78 21.25
C ILE C 351 13.29 16.48 22.03
N GLN C 352 12.70 16.56 23.22
CA GLN C 352 12.49 15.35 24.01
C GLN C 352 11.53 14.39 23.32
N LEU C 353 10.47 14.91 22.70
CA LEU C 353 9.54 14.05 21.98
C LEU C 353 10.21 13.36 20.80
N SER C 354 11.23 13.99 20.21
CA SER C 354 11.91 13.45 19.04
C SER C 354 12.85 12.29 19.37
N LYS C 355 13.08 12.00 20.65
CA LYS C 355 13.91 10.87 21.03
C LYS C 355 13.09 9.60 21.26
N ILE C 356 11.76 9.70 21.25
CA ILE C 356 10.91 8.54 21.43
C ILE C 356 11.15 7.53 20.33
N GLU C 357 11.24 6.25 20.71
CA GLU C 357 11.32 5.15 19.76
C GLU C 357 9.90 4.87 19.26
N GLU C 358 9.53 5.55 18.18
CA GLU C 358 8.25 5.36 17.55
C GLU C 358 8.27 5.95 16.14
N ARG C 359 8.34 5.09 15.12
CA ARG C 359 8.59 5.52 13.76
C ARG C 359 7.62 6.61 13.30
N GLU C 360 6.32 6.36 13.48
CA GLU C 360 5.32 7.30 12.97
C GLU C 360 5.32 8.61 13.74
N LEU C 361 5.61 8.56 15.04
CA LEU C 361 5.73 9.80 15.81
C LEU C 361 6.97 10.58 15.38
N PHE C 362 8.07 9.88 15.09
CA PHE C 362 9.29 10.56 14.66
C PHE C 362 9.08 11.30 13.35
N LYS C 363 8.36 10.68 12.41
CA LYS C 363 8.07 11.36 11.15
C LYS C 363 7.25 12.62 11.37
N THR C 364 6.38 12.63 12.38
CA THR C 364 5.57 13.81 12.66
C THR C 364 6.43 14.96 13.20
N THR C 365 7.32 14.66 14.15
CA THR C 365 8.23 15.70 14.64
C THR C 365 9.25 16.08 13.57
N LEU C 366 9.72 15.11 12.80
CA LEU C 366 10.70 15.41 11.76
C LEU C 366 10.14 16.37 10.73
N ASP C 367 8.85 16.21 10.38
CA ASP C 367 8.23 17.13 9.45
C ASP C 367 8.24 18.56 10.00
N TYR C 368 8.07 18.71 11.31
CA TYR C 368 8.16 20.06 11.87
C TYR C 368 9.60 20.58 11.83
N TRP C 369 10.56 19.74 12.22
CA TRP C 369 11.95 20.16 12.17
C TRP C 369 12.34 20.59 10.77
N HIS C 370 11.87 19.86 9.76
CA HIS C 370 12.07 20.28 8.38
C HIS C 370 11.52 21.66 8.14
N ASN C 371 10.29 21.91 8.61
CA ASN C 371 9.69 23.24 8.47
C ASN C 371 10.52 24.30 9.16
N LEU C 372 11.11 23.97 10.31
CA LEU C 372 11.87 24.97 11.07
C LEU C 372 13.21 25.27 10.40
N VAL C 373 14.01 24.24 10.14
CA VAL C 373 15.38 24.49 9.68
C VAL C 373 15.38 25.09 8.27
N ALA C 374 14.39 24.75 7.44
CA ALA C 374 14.24 25.43 6.16
C ALA C 374 14.02 26.92 6.37
N ASP C 375 13.25 27.28 7.41
CA ASP C 375 12.98 28.68 7.70
C ASP C 375 14.22 29.38 8.27
N LEU C 376 15.03 28.68 9.06
CA LEU C 376 16.27 29.26 9.56
C LEU C 376 17.32 29.40 8.47
N PHE C 377 17.22 28.60 7.41
CA PHE C 377 18.12 28.67 6.27
C PHE C 377 17.81 29.87 5.38
N TYR C 378 16.55 30.30 5.33
CA TYR C 378 16.10 31.35 4.42
C TYR C 378 15.69 32.63 5.11
N GLU C 379 15.25 32.58 6.36
CA GLU C 379 14.72 33.85 6.84
C GLU C 379 15.77 34.62 7.62
N PRO C 380 15.87 35.93 7.39
CA PRO C 380 16.90 36.72 8.07
C PRO C 380 16.67 36.77 9.57
N LEU C 381 17.79 36.78 10.31
CA LEU C 381 17.82 37.09 11.75
C LEU C 381 17.03 36.10 12.58
N LYS C 382 16.94 34.84 12.16
CA LYS C 382 16.18 33.83 12.88
C LYS C 382 17.02 32.73 13.47
N LYS C 383 18.03 32.24 12.74
CA LYS C 383 18.76 31.06 13.20
C LYS C 383 19.42 31.29 14.54
N HIS C 384 19.65 32.55 14.90
CA HIS C 384 20.37 32.76 16.17
C HIS C 384 19.50 32.39 17.38
N ILE C 385 18.18 32.46 17.21
CA ILE C 385 17.29 32.12 18.30
C ILE C 385 17.45 30.65 18.69
N TYR C 386 17.63 29.77 17.71
CA TYR C 386 17.43 28.34 17.89
C TYR C 386 18.72 27.52 17.91
N GLU C 387 19.89 28.15 18.13
CA GLU C 387 21.12 27.40 17.94
C GLU C 387 21.26 26.27 18.93
N GLU C 388 20.86 26.47 20.19
CA GLU C 388 20.92 25.36 21.14
C GLU C 388 19.87 24.31 20.84
N ILE C 389 18.73 24.71 20.29
CA ILE C 389 17.76 23.71 19.80
C ILE C 389 18.37 22.94 18.64
N CYS C 390 18.95 23.65 17.67
CA CYS C 390 19.48 23.01 16.48
C CYS C 390 20.66 22.09 16.82
N SER C 391 21.49 22.49 17.79
CA SER C 391 22.62 21.66 18.16
C SER C 391 22.17 20.32 18.73
N GLN C 392 21.14 20.33 19.59
CA GLN C 392 20.57 19.08 20.08
C GLN C 392 19.96 18.28 18.92
N LEU C 393 19.29 18.97 17.99
CA LEU C 393 18.61 18.28 16.90
C LEU C 393 19.60 17.51 16.03
N ARG C 394 20.80 18.07 15.82
CA ARG C 394 21.83 17.37 15.05
C ARG C 394 22.10 16.00 15.63
N LEU C 395 22.27 15.92 16.95
CA LEU C 395 22.54 14.62 17.59
C LEU C 395 21.34 13.69 17.47
N VAL C 396 20.12 14.22 17.65
CA VAL C 396 18.93 13.38 17.58
C VAL C 396 18.83 12.71 16.21
N ILE C 397 19.09 13.47 15.15
CA ILE C 397 18.90 12.94 13.80
C ILE C 397 20.05 12.02 13.42
N ILE C 398 21.28 12.40 13.75
CA ILE C 398 22.42 11.53 13.49
C ILE C 398 22.22 10.17 14.15
N GLU C 399 21.73 10.17 15.39
CA GLU C 399 21.56 8.92 16.13
C GLU C 399 20.34 8.11 15.70
N ASN C 400 19.42 8.71 14.94
CA ASN C 400 18.26 7.97 14.42
C ASN C 400 18.29 7.84 12.91
N MET C 401 19.46 8.00 12.29
CA MET C 401 19.57 7.88 10.84
C MET C 401 19.20 6.47 10.39
N VAL C 402 18.28 6.38 9.44
CA VAL C 402 17.78 5.10 8.97
C VAL C 402 18.50 4.71 7.68
N ARG C 403 18.37 3.45 7.29
CA ARG C 403 19.09 2.91 6.15
C ARG C 403 18.68 3.62 4.86
N PRO C 404 19.64 4.15 4.09
CA PRO C 404 19.43 4.90 2.84
C PRO C 404 19.20 4.00 1.62
N THR C 427 13.42 2.75 5.50
CA THR C 427 12.65 3.50 4.51
C THR C 427 13.50 4.58 3.85
N ILE C 428 13.49 4.63 2.52
CA ILE C 428 14.23 5.66 1.83
C ILE C 428 13.50 7.00 1.91
N GLN C 429 12.17 6.98 2.05
CA GLN C 429 11.43 8.23 2.21
C GLN C 429 11.82 8.92 3.51
N LEU C 430 11.86 8.16 4.61
CA LEU C 430 12.32 8.72 5.88
C LEU C 430 13.77 9.15 5.79
N TYR C 431 14.59 8.40 5.04
CA TYR C 431 15.99 8.78 4.90
C TYR C 431 16.13 10.12 4.19
N LYS C 432 15.36 10.33 3.12
CA LYS C 432 15.45 11.58 2.37
C LYS C 432 15.00 12.76 3.24
N SER C 433 14.00 12.54 4.08
CA SER C 433 13.59 13.59 5.02
C SER C 433 14.68 13.87 6.04
N GLU C 434 15.29 12.81 6.60
CA GLU C 434 16.37 12.98 7.57
C GLU C 434 17.57 13.68 6.94
N ARG C 435 17.94 13.27 5.73
CA ARG C 435 19.06 13.91 5.03
C ARG C 435 18.78 15.39 4.81
N GLU C 436 17.57 15.72 4.35
CA GLU C 436 17.23 17.11 4.08
C GLU C 436 17.36 17.97 5.32
N VAL C 437 16.89 17.47 6.47
CA VAL C 437 17.02 18.25 7.69
C VAL C 437 18.48 18.33 8.12
N LEU C 438 19.20 17.21 8.05
CA LEU C 438 20.61 17.21 8.46
C LEU C 438 21.46 18.11 7.56
N VAL C 439 21.10 18.20 6.27
CA VAL C 439 21.85 19.07 5.37
C VAL C 439 21.62 20.54 5.74
N TYR C 440 20.35 20.92 5.97
CA TYR C 440 20.05 22.25 6.46
C TYR C 440 20.83 22.55 7.73
N LEU C 441 20.86 21.60 8.67
CA LEU C 441 21.56 21.80 9.94
C LEU C 441 23.07 21.87 9.76
N THR C 442 23.62 21.25 8.71
CA THR C 442 25.05 21.36 8.47
C THR C 442 25.39 22.74 7.93
N HIS C 443 24.56 23.27 7.02
CA HIS C 443 24.74 24.62 6.55
C HIS C 443 24.65 25.62 7.70
N LEU C 444 23.73 25.38 8.62
CA LEU C 444 23.50 26.33 9.71
C LEU C 444 24.71 26.41 10.65
N ASN C 445 25.39 25.29 10.87
CA ASN C 445 26.60 25.31 11.69
C ASN C 445 27.47 24.10 11.31
N VAL C 446 28.38 24.31 10.35
CA VAL C 446 29.27 23.24 9.92
C VAL C 446 30.15 22.76 11.07
N ILE C 447 30.69 23.68 11.86
CA ILE C 447 31.62 23.32 12.92
C ILE C 447 30.95 22.41 13.94
N ASP C 448 29.74 22.77 14.36
CA ASP C 448 29.03 21.93 15.33
C ASP C 448 28.72 20.56 14.75
N THR C 449 28.39 20.49 13.45
CA THR C 449 28.07 19.20 12.85
C THR C 449 29.31 18.31 12.78
N GLU C 450 30.46 18.87 12.40
CA GLU C 450 31.70 18.09 12.40
C GLU C 450 32.01 17.55 13.79
N GLU C 451 31.96 18.42 14.80
CA GLU C 451 32.34 18.02 16.15
C GLU C 451 31.50 16.85 16.64
N ILE C 452 30.18 16.93 16.43
CA ILE C 452 29.30 15.86 16.87
C ILE C 452 29.64 14.55 16.16
N MET C 453 29.87 14.60 14.85
CA MET C 453 30.15 13.38 14.10
C MET C 453 31.48 12.77 14.49
N ILE C 454 32.52 13.60 14.66
CA ILE C 454 33.80 13.07 15.07
C ILE C 454 33.75 12.55 16.49
N SER C 455 33.01 13.25 17.37
CA SER C 455 32.81 12.75 18.73
C SER C 455 32.12 11.39 18.72
N LYS C 456 31.03 11.27 17.96
CA LYS C 456 30.35 9.98 17.82
C LYS C 456 31.31 8.91 17.32
N LEU C 457 32.17 9.26 16.36
CA LEU C 457 33.16 8.31 15.88
C LEU C 457 34.15 7.95 16.97
N ALA C 458 34.59 8.94 17.75
CA ALA C 458 35.49 8.67 18.87
C ALA C 458 34.86 7.69 19.85
N ARG C 459 33.55 7.82 20.09
CA ARG C 459 32.85 6.90 20.98
C ARG C 459 32.59 5.54 20.33
N GLN C 460 32.73 5.44 19.01
CA GLN C 460 32.80 4.11 18.39
C GLN C 460 34.17 3.48 18.63
N ILE C 461 35.22 4.30 18.59
CA ILE C 461 36.58 3.78 18.67
C ILE C 461 36.91 3.34 20.09
N ASP C 462 36.48 4.12 21.10
CA ASP C 462 36.75 3.72 22.47
C ASP C 462 35.81 2.62 22.95
N GLY C 463 34.79 2.27 22.17
CA GLY C 463 33.93 1.15 22.47
C GLY C 463 32.74 1.44 23.34
N SER C 464 32.57 2.68 23.80
CA SER C 464 31.45 3.00 24.68
C SER C 464 30.11 2.87 23.95
N GLU C 465 30.09 3.19 22.66
CA GLU C 465 28.86 3.08 21.85
C GLU C 465 29.06 2.17 20.65
N TRP C 466 30.02 1.25 20.72
CA TRP C 466 30.31 0.38 19.59
C TRP C 466 29.18 -0.60 19.36
N SER C 467 28.73 -0.70 18.12
CA SER C 467 27.68 -1.62 17.71
C SER C 467 27.62 -1.63 16.19
N TRP C 468 27.37 -2.80 15.61
CA TRP C 468 27.17 -2.88 14.17
C TRP C 468 26.11 -1.90 13.72
N HIS C 469 24.97 -1.89 14.42
CA HIS C 469 23.91 -0.94 14.11
C HIS C 469 24.38 0.49 14.32
N ASN C 470 25.19 0.73 15.35
CA ASN C 470 25.58 2.09 15.68
C ASN C 470 26.61 2.63 14.68
N ILE C 471 27.59 1.82 14.28
CA ILE C 471 28.57 2.30 13.31
C ILE C 471 27.93 2.48 11.95
N ASN C 472 27.00 1.59 11.57
CA ASN C 472 26.28 1.74 10.32
C ASN C 472 25.46 3.02 10.31
N THR C 473 24.71 3.26 11.38
CA THR C 473 23.88 4.46 11.46
C THR C 473 24.73 5.72 11.35
N LEU C 474 25.87 5.75 12.04
CA LEU C 474 26.74 6.91 11.97
C LEU C 474 27.30 7.12 10.57
N SER C 475 27.68 6.02 9.91
CA SER C 475 28.22 6.14 8.54
C SER C 475 27.17 6.69 7.59
N TRP C 476 25.91 6.26 7.74
CA TRP C 476 24.83 6.83 6.93
C TRP C 476 24.70 8.32 7.16
N ALA C 477 24.77 8.75 8.42
CA ALA C 477 24.66 10.17 8.73
C ALA C 477 25.83 10.96 8.15
N ILE C 478 27.05 10.42 8.28
CA ILE C 478 28.22 11.10 7.73
C ILE C 478 28.11 11.20 6.20
N GLY C 479 27.61 10.14 5.56
CA GLY C 479 27.46 10.19 4.12
C GLY C 479 26.36 11.10 3.65
N SER C 480 25.38 11.37 4.52
CA SER C 480 24.19 12.10 4.11
C SER C 480 24.46 13.57 3.86
N ILE C 481 25.49 14.13 4.47
CA ILE C 481 25.73 15.58 4.41
C ILE C 481 26.76 15.90 3.35
N SER C 482 27.03 14.95 2.46
CA SER C 482 27.99 15.18 1.40
C SER C 482 27.53 16.31 0.49
N GLY C 483 28.43 17.24 0.22
CA GLY C 483 28.17 18.36 -0.67
C GLY C 483 27.74 19.64 0.00
N THR C 484 27.69 19.68 1.33
CA THR C 484 27.26 20.86 2.05
C THR C 484 28.41 21.68 2.62
N MET C 485 29.52 21.05 2.97
CA MET C 485 30.70 21.78 3.41
C MET C 485 31.45 22.32 2.19
N SER C 486 32.30 23.30 2.43
CA SER C 486 33.23 23.71 1.39
C SER C 486 34.12 22.55 1.01
N GLU C 487 34.66 22.59 -0.21
CA GLU C 487 35.44 21.45 -0.70
C GLU C 487 36.64 21.19 0.19
N ASP C 488 37.30 22.24 0.66
CA ASP C 488 38.50 22.05 1.48
C ASP C 488 38.14 21.59 2.88
N THR C 489 37.10 22.17 3.48
CA THR C 489 36.61 21.68 4.77
C THR C 489 36.13 20.24 4.66
N GLU C 490 35.41 19.92 3.59
CA GLU C 490 34.98 18.55 3.35
C GLU C 490 36.17 17.60 3.23
N LYS C 491 37.22 18.03 2.51
CA LYS C 491 38.41 17.21 2.35
C LYS C 491 38.99 16.78 3.69
N ARG C 492 39.21 17.74 4.59
CA ARG C 492 39.79 17.42 5.89
C ARG C 492 38.81 16.57 6.73
N PHE C 493 37.50 16.78 6.58
CA PHE C 493 36.50 15.96 7.28
C PHE C 493 36.56 14.53 6.79
N VAL C 494 36.51 14.38 5.48
CA VAL C 494 36.50 13.04 4.91
C VAL C 494 37.77 12.32 5.30
N VAL C 495 38.93 12.98 5.16
CA VAL C 495 40.20 12.33 5.47
C VAL C 495 40.23 11.90 6.94
N THR C 496 39.72 12.74 7.83
CA THR C 496 39.66 12.38 9.25
C THR C 496 38.77 11.14 9.46
N VAL C 497 37.60 11.14 8.81
CA VAL C 497 36.66 10.02 8.99
C VAL C 497 37.27 8.74 8.44
N ILE C 498 37.91 8.80 7.26
CA ILE C 498 38.47 7.60 6.66
C ILE C 498 39.60 7.05 7.53
N LYS C 499 40.48 7.93 8.01
CA LYS C 499 41.55 7.50 8.91
C LYS C 499 41.00 6.80 10.14
N ASP C 500 40.05 7.45 10.82
CA ASP C 500 39.45 6.87 12.02
C ASP C 500 38.76 5.55 11.72
N LEU C 501 38.03 5.49 10.60
CA LEU C 501 37.34 4.25 10.24
C LEU C 501 38.34 3.14 9.91
N LEU C 502 39.42 3.46 9.20
CA LEU C 502 40.48 2.48 8.96
C LEU C 502 41.12 2.04 10.27
N GLY C 503 41.36 2.97 11.19
CA GLY C 503 41.87 2.59 12.51
C GLY C 503 40.90 1.73 13.29
N LEU C 504 39.60 2.02 13.19
CA LEU C 504 38.59 1.20 13.84
C LEU C 504 38.61 -0.23 13.29
N CYS C 505 38.81 -0.39 11.99
CA CYS C 505 38.88 -1.73 11.40
C CYS C 505 40.10 -2.50 11.89
N GLU C 506 41.28 -1.88 11.80
CA GLU C 506 42.52 -2.48 12.30
C GLU C 506 42.35 -3.00 13.72
N GLN C 507 41.75 -2.22 14.60
CA GLN C 507 41.62 -2.58 15.99
C GLN C 507 40.60 -3.71 16.24
N LYS C 508 39.63 -3.88 15.34
CA LYS C 508 38.63 -4.92 15.54
C LYS C 508 39.17 -6.30 15.16
N ARG C 509 38.62 -7.32 15.77
CA ARG C 509 39.01 -8.67 15.51
C ARG C 509 37.86 -9.49 14.99
N GLY C 510 38.14 -10.38 14.07
CA GLY C 510 37.18 -11.26 13.46
C GLY C 510 36.71 -10.75 12.12
N LYS C 511 36.32 -11.67 11.25
CA LYS C 511 35.87 -11.25 9.94
C LYS C 511 34.53 -10.53 10.02
N ASP C 512 33.65 -10.97 10.93
CA ASP C 512 32.34 -10.34 11.08
C ASP C 512 32.48 -8.85 11.37
N ASN C 513 33.28 -8.50 12.38
CA ASN C 513 33.43 -7.10 12.76
C ASN C 513 34.19 -6.31 11.70
N LYS C 514 35.21 -6.93 11.09
CA LYS C 514 36.02 -6.20 10.13
C LYS C 514 35.26 -5.96 8.82
N ALA C 515 34.36 -6.86 8.45
CA ALA C 515 33.55 -6.66 7.26
C ALA C 515 32.59 -5.49 7.44
N VAL C 516 32.08 -5.31 8.66
CA VAL C 516 31.13 -4.23 8.92
C VAL C 516 31.81 -2.87 8.74
N VAL C 517 33.02 -2.72 9.27
CA VAL C 517 33.71 -1.44 9.16
C VAL C 517 34.15 -1.18 7.73
N ALA C 518 34.67 -2.21 7.04
CA ALA C 518 35.10 -2.04 5.66
C ALA C 518 33.94 -1.63 4.76
N SER C 519 32.76 -2.23 4.98
CA SER C 519 31.58 -1.84 4.22
C SER C 519 31.22 -0.38 4.48
N ASP C 520 31.30 0.06 5.74
CA ASP C 520 31.01 1.46 6.05
C ASP C 520 32.07 2.38 5.46
N ILE C 521 33.34 1.95 5.47
CA ILE C 521 34.38 2.73 4.81
C ILE C 521 34.06 2.93 3.34
N MET C 522 33.66 1.85 2.67
CA MET C 522 33.29 1.97 1.26
C MET C 522 32.02 2.79 1.09
N TYR C 523 31.09 2.69 2.03
CA TYR C 523 29.87 3.49 1.92
C TYR C 523 30.20 4.98 1.98
N VAL C 524 31.05 5.37 2.93
CA VAL C 524 31.36 6.79 3.11
C VAL C 524 32.04 7.34 1.85
N VAL C 525 33.06 6.63 1.35
CA VAL C 525 33.79 7.13 0.19
C VAL C 525 32.90 7.19 -1.04
N GLY C 526 31.99 6.22 -1.18
CA GLY C 526 31.04 6.27 -2.28
C GLY C 526 30.10 7.45 -2.22
N GLN C 527 29.92 8.02 -1.02
CA GLN C 527 29.04 9.16 -0.84
C GLN C 527 29.71 10.50 -1.13
N TYR C 528 31.02 10.53 -1.35
CA TYR C 528 31.77 11.77 -1.52
C TYR C 528 32.46 11.81 -2.88
N PRO C 529 31.69 11.92 -3.97
CA PRO C 529 32.32 11.92 -5.30
C PRO C 529 33.17 13.15 -5.58
N ARG C 530 32.80 14.33 -5.05
CA ARG C 530 33.64 15.51 -5.25
C ARG C 530 35.03 15.29 -4.66
N PHE C 531 35.09 14.57 -3.55
CA PHE C 531 36.39 14.22 -2.96
C PHE C 531 37.14 13.23 -3.84
N LEU C 532 36.45 12.21 -4.34
CA LEU C 532 37.11 11.22 -5.20
C LEU C 532 37.62 11.86 -6.49
N LYS C 533 36.83 12.77 -7.07
CA LYS C 533 37.19 13.35 -8.35
C LYS C 533 38.44 14.21 -8.27
N ALA C 534 38.73 14.78 -7.11
CA ALA C 534 39.89 15.65 -6.95
C ALA C 534 41.16 14.90 -6.57
N HIS C 535 41.06 13.60 -6.25
CA HIS C 535 42.19 12.81 -5.78
C HIS C 535 42.19 11.48 -6.54
N TRP C 536 42.72 11.50 -7.76
CA TRP C 536 42.64 10.32 -8.62
C TRP C 536 43.35 9.12 -8.01
N ASN C 537 44.55 9.35 -7.46
CA ASN C 537 45.31 8.23 -6.88
C ASN C 537 44.51 7.54 -5.79
N PHE C 538 43.80 8.31 -4.96
CA PHE C 538 42.94 7.70 -3.94
C PHE C 538 41.74 7.00 -4.58
N LEU C 539 41.13 7.64 -5.59
CA LEU C 539 39.99 7.03 -6.26
C LEU C 539 40.37 5.69 -6.88
N ARG C 540 41.53 5.64 -7.54
CA ARG C 540 41.97 4.38 -8.14
C ARG C 540 42.19 3.31 -7.08
N THR C 541 42.82 3.70 -5.96
CA THR C 541 43.00 2.77 -4.85
C THR C 541 41.67 2.22 -4.37
N VAL C 542 40.67 3.10 -4.24
CA VAL C 542 39.32 2.67 -3.88
C VAL C 542 38.83 1.60 -4.84
N ILE C 543 38.87 1.90 -6.14
CA ILE C 543 38.33 1.01 -7.16
C ILE C 543 39.04 -0.34 -7.13
N LEU C 544 40.38 -0.31 -7.08
CA LEU C 544 41.14 -1.55 -7.01
C LEU C 544 40.81 -2.33 -5.74
N LYS C 545 40.48 -1.64 -4.65
CA LYS C 545 40.05 -2.31 -3.44
C LYS C 545 38.69 -2.97 -3.63
N LEU C 546 37.76 -2.27 -4.28
CA LEU C 546 36.47 -2.87 -4.60
C LEU C 546 36.63 -4.13 -5.44
N PHE C 547 37.60 -4.13 -6.36
CA PHE C 547 37.87 -5.32 -7.16
C PHE C 547 38.37 -6.46 -6.27
N GLU C 548 39.32 -6.16 -5.38
CA GLU C 548 39.75 -7.11 -4.37
C GLU C 548 38.56 -7.74 -3.66
N PHE C 549 37.57 -6.92 -3.29
CA PHE C 549 36.41 -7.40 -2.55
C PHE C 549 35.46 -8.26 -3.38
N MET C 550 35.52 -8.14 -4.70
CA MET C 550 34.67 -8.99 -5.52
C MET C 550 35.04 -10.47 -5.43
N HIS C 551 36.19 -10.77 -4.81
CA HIS C 551 36.62 -12.15 -4.57
C HIS C 551 36.36 -12.60 -3.13
N GLU C 552 35.70 -11.78 -2.31
CA GLU C 552 35.53 -12.07 -0.90
C GLU C 552 34.25 -12.88 -0.70
N THR C 553 34.42 -14.14 -0.29
CA THR C 553 33.31 -15.05 -0.09
C THR C 553 32.33 -14.58 0.97
N HIS C 554 32.75 -13.68 1.86
CA HIS C 554 31.93 -13.31 3.00
C HIS C 554 30.62 -12.69 2.55
N GLU C 555 29.52 -13.12 3.16
CA GLU C 555 28.19 -12.75 2.70
C GLU C 555 27.99 -11.24 2.75
N GLY C 556 27.63 -10.65 1.61
CA GLY C 556 27.35 -9.24 1.51
C GLY C 556 28.49 -8.41 0.96
N VAL C 557 29.73 -8.92 1.03
CA VAL C 557 30.88 -8.12 0.63
C VAL C 557 30.89 -7.91 -0.88
N GLN C 558 30.69 -8.99 -1.65
CA GLN C 558 30.68 -8.88 -3.10
C GLN C 558 29.56 -7.95 -3.57
N ASP C 559 28.36 -8.10 -2.99
CA ASP C 559 27.26 -7.21 -3.32
C ASP C 559 27.60 -5.76 -2.98
N MET C 560 28.25 -5.54 -1.83
CA MET C 560 28.66 -4.19 -1.48
C MET C 560 29.73 -3.68 -2.44
N ALA C 561 30.67 -4.53 -2.83
CA ALA C 561 31.72 -4.11 -3.76
C ALA C 561 31.13 -3.70 -5.10
N CYS C 562 30.16 -4.46 -5.60
CA CYS C 562 29.56 -4.14 -6.89
C CYS C 562 28.70 -2.89 -6.81
N ASP C 563 27.91 -2.75 -5.74
CA ASP C 563 27.04 -1.58 -5.60
C ASP C 563 27.86 -0.30 -5.43
N THR C 564 28.94 -0.36 -4.66
CA THR C 564 29.80 0.80 -4.52
C THR C 564 30.48 1.14 -5.85
N PHE C 565 30.90 0.12 -6.60
CA PHE C 565 31.59 0.35 -7.87
C PHE C 565 30.71 1.13 -8.83
N ILE C 566 29.46 0.69 -9.03
CA ILE C 566 28.60 1.37 -10.00
C ILE C 566 28.16 2.73 -9.46
N LYS C 567 28.00 2.85 -8.13
CA LYS C 567 27.63 4.12 -7.53
C LYS C 567 28.70 5.18 -7.79
N ILE C 568 29.97 4.82 -7.55
CA ILE C 568 31.07 5.75 -7.79
C ILE C 568 31.18 6.06 -9.28
N VAL C 569 30.96 5.06 -10.13
CA VAL C 569 31.10 5.26 -11.56
C VAL C 569 30.10 6.28 -12.07
N GLN C 570 28.85 6.17 -11.61
CA GLN C 570 27.81 7.10 -12.07
C GLN C 570 28.20 8.55 -11.82
N LYS C 571 28.88 8.83 -10.71
CA LYS C 571 29.23 10.20 -10.35
C LYS C 571 30.62 10.61 -10.81
N CYS C 572 31.54 9.67 -11.00
CA CYS C 572 32.92 10.00 -11.33
C CYS C 572 33.35 9.44 -12.69
N LYS C 573 32.39 9.07 -13.54
CA LYS C 573 32.69 8.37 -14.79
C LYS C 573 33.73 9.09 -15.63
N TYR C 574 33.68 10.43 -15.66
CA TYR C 574 34.58 11.18 -16.52
C TYR C 574 36.05 10.91 -16.18
N HIS C 575 36.34 10.64 -14.92
CA HIS C 575 37.71 10.36 -14.52
C HIS C 575 38.15 8.94 -14.86
N PHE C 576 37.25 8.12 -15.41
CA PHE C 576 37.63 6.81 -15.92
C PHE C 576 37.82 6.80 -17.42
N VAL C 577 37.34 7.82 -18.14
CA VAL C 577 37.37 7.81 -19.59
C VAL C 577 38.57 8.60 -20.12
N ILE C 578 38.99 9.63 -19.40
CA ILE C 578 40.12 10.43 -19.83
C ILE C 578 41.41 9.80 -19.30
N GLN C 579 42.52 10.11 -19.95
CA GLN C 579 43.81 9.61 -19.51
C GLN C 579 44.31 10.47 -18.37
N GLN C 580 44.43 9.89 -17.20
CA GLN C 580 44.80 10.68 -16.03
C GLN C 580 46.30 10.98 -16.06
N PRO C 581 46.70 12.17 -15.64
CA PRO C 581 48.13 12.45 -15.51
C PRO C 581 48.82 11.34 -14.74
N ARG C 582 50.06 11.04 -15.12
CA ARG C 582 50.86 9.95 -14.57
C ARG C 582 50.30 8.57 -14.89
N GLU C 583 49.51 8.44 -15.96
CA GLU C 583 48.99 7.15 -16.39
C GLU C 583 49.17 6.99 -17.89
N SER C 584 49.28 5.74 -18.34
CA SER C 584 49.53 5.45 -19.74
C SER C 584 48.25 5.21 -20.54
N GLU C 585 47.11 5.02 -19.89
CA GLU C 585 45.87 4.77 -20.61
C GLU C 585 44.70 5.16 -19.71
N PRO C 586 43.57 5.55 -20.28
CA PRO C 586 42.36 5.72 -19.48
C PRO C 586 42.07 4.47 -18.67
N PHE C 587 41.69 4.67 -17.40
CA PHE C 587 41.49 3.54 -16.50
C PHE C 587 40.41 2.59 -16.99
N ILE C 588 39.51 3.03 -17.86
CA ILE C 588 38.49 2.14 -18.40
C ILE C 588 39.14 1.02 -19.21
N GLN C 589 40.22 1.34 -19.92
CA GLN C 589 40.95 0.30 -20.65
C GLN C 589 41.54 -0.73 -19.69
N THR C 590 42.00 -0.28 -18.52
CA THR C 590 42.52 -1.21 -17.52
C THR C 590 41.42 -2.08 -16.94
N ILE C 591 40.23 -1.52 -16.75
CA ILE C 591 39.12 -2.29 -16.20
C ILE C 591 38.70 -3.39 -17.17
N ILE C 592 38.57 -3.04 -18.46
CA ILE C 592 38.13 -4.01 -19.45
C ILE C 592 39.15 -5.13 -19.61
N ARG C 593 40.44 -4.77 -19.60
CA ARG C 593 41.49 -5.76 -19.83
C ARG C 593 41.45 -6.89 -18.80
N ASP C 594 41.21 -6.56 -17.53
CA ASP C 594 41.24 -7.53 -16.44
C ASP C 594 39.85 -8.02 -16.04
N ILE C 595 38.85 -7.81 -16.90
CA ILE C 595 37.46 -7.97 -16.49
C ILE C 595 37.15 -9.42 -16.13
N GLN C 596 37.75 -10.38 -16.86
CA GLN C 596 37.50 -11.79 -16.56
C GLN C 596 38.05 -12.17 -15.19
N LYS C 597 39.25 -11.70 -14.87
CA LYS C 597 39.83 -11.97 -13.57
C LYS C 597 39.06 -11.25 -12.46
N THR C 598 38.64 -10.01 -12.71
CA THR C 598 37.94 -9.23 -11.69
C THR C 598 36.61 -9.87 -11.32
N THR C 599 35.86 -10.35 -12.31
CA THR C 599 34.50 -10.83 -12.10
C THR C 599 34.42 -12.34 -11.96
N ALA C 600 35.55 -13.04 -11.90
CA ALA C 600 35.54 -14.50 -11.99
C ALA C 600 34.74 -15.16 -10.88
N ASP C 601 34.66 -14.53 -9.70
CA ASP C 601 33.99 -15.11 -8.56
C ASP C 601 32.60 -14.53 -8.32
N LEU C 602 32.15 -13.60 -9.14
CA LEU C 602 30.86 -12.97 -8.96
C LEU C 602 29.74 -13.83 -9.53
N GLN C 603 28.55 -13.64 -8.97
CA GLN C 603 27.36 -14.27 -9.52
C GLN C 603 26.95 -13.55 -10.80
N PRO C 604 26.20 -14.22 -11.68
CA PRO C 604 25.82 -13.58 -12.96
C PRO C 604 25.21 -12.19 -12.84
N GLN C 605 24.27 -11.98 -11.90
CA GLN C 605 23.65 -10.66 -11.77
C GLN C 605 24.68 -9.62 -11.33
N GLN C 606 25.67 -10.05 -10.55
CA GLN C 606 26.75 -9.13 -10.17
C GLN C 606 27.66 -8.82 -11.34
N VAL C 607 27.88 -9.78 -12.24
CA VAL C 607 28.67 -9.51 -13.44
C VAL C 607 27.96 -8.51 -14.33
N HIS C 608 26.64 -8.60 -14.43
CA HIS C 608 25.89 -7.69 -15.28
C HIS C 608 25.94 -6.26 -14.74
N THR C 609 25.84 -6.10 -13.42
CA THR C 609 26.06 -4.78 -12.82
C THR C 609 27.42 -4.23 -13.18
N PHE C 610 28.46 -5.08 -13.10
CA PHE C 610 29.80 -4.66 -13.48
C PHE C 610 29.84 -4.18 -14.92
N TYR C 611 29.28 -4.97 -15.84
CA TYR C 611 29.26 -4.58 -17.24
C TYR C 611 28.44 -3.31 -17.44
N LYS C 612 27.29 -3.22 -16.77
CA LYS C 612 26.49 -1.99 -16.80
C LYS C 612 27.32 -0.79 -16.38
N ALA C 613 28.12 -0.94 -15.32
CA ALA C 613 28.97 0.16 -14.87
C ALA C 613 29.97 0.58 -15.93
N CYS C 614 30.61 -0.40 -16.58
CA CYS C 614 31.54 -0.08 -17.67
C CYS C 614 30.82 0.63 -18.81
N GLY C 615 29.55 0.26 -19.06
CA GLY C 615 28.79 0.95 -20.09
C GLY C 615 28.58 2.42 -19.78
N ILE C 616 28.39 2.75 -18.50
CA ILE C 616 28.29 4.16 -18.10
C ILE C 616 29.55 4.91 -18.48
N ILE C 617 30.71 4.33 -18.17
CA ILE C 617 31.98 4.99 -18.45
C ILE C 617 32.16 5.19 -19.95
N ILE C 618 31.88 4.15 -20.73
CA ILE C 618 32.13 4.21 -22.17
C ILE C 618 31.28 5.28 -22.84
N SER C 619 30.05 5.49 -22.36
CA SER C 619 29.20 6.50 -22.96
C SER C 619 29.70 7.91 -22.71
N GLU C 620 30.65 8.08 -21.77
CA GLU C 620 31.31 9.37 -21.59
C GLU C 620 32.26 9.70 -22.74
N GLU C 621 32.73 8.69 -23.47
CA GLU C 621 33.58 8.91 -24.61
C GLU C 621 32.72 9.31 -25.81
N ARG C 622 32.92 10.52 -26.32
CA ARG C 622 32.10 11.00 -27.42
C ARG C 622 32.82 10.97 -28.76
N SER C 623 34.10 10.61 -28.80
CA SER C 623 34.73 10.20 -30.05
C SER C 623 34.13 8.88 -30.46
N VAL C 624 33.37 8.87 -31.57
CA VAL C 624 32.60 7.70 -31.96
C VAL C 624 33.51 6.49 -32.13
N ALA C 625 34.63 6.67 -32.83
CA ALA C 625 35.52 5.55 -33.11
C ALA C 625 36.07 4.95 -31.82
N GLU C 626 36.53 5.81 -30.89
CA GLU C 626 37.05 5.30 -29.62
C GLU C 626 35.96 4.68 -28.77
N ARG C 627 34.75 5.22 -28.81
CA ARG C 627 33.67 4.65 -28.02
C ARG C 627 33.29 3.26 -28.53
N ASN C 628 33.17 3.10 -29.85
CA ASN C 628 32.83 1.80 -30.40
C ASN C 628 33.91 0.77 -30.10
N ARG C 629 35.18 1.19 -30.11
CA ARG C 629 36.27 0.27 -29.80
C ARG C 629 36.21 -0.18 -28.34
N LEU C 630 35.94 0.75 -27.43
CA LEU C 630 35.72 0.37 -26.04
C LEU C 630 34.54 -0.59 -25.92
N LEU C 631 33.46 -0.32 -26.65
CA LEU C 631 32.30 -1.22 -26.62
C LEU C 631 32.67 -2.60 -27.12
N SER C 632 33.42 -2.67 -28.22
CA SER C 632 33.85 -3.96 -28.75
C SER C 632 34.72 -4.72 -27.75
N ASP C 633 35.68 -4.03 -27.13
CA ASP C 633 36.56 -4.68 -26.17
C ASP C 633 35.79 -5.14 -24.94
N LEU C 634 34.89 -4.30 -24.43
CA LEU C 634 34.08 -4.68 -23.28
C LEU C 634 33.26 -5.92 -23.58
N MET C 635 32.60 -5.95 -24.74
CA MET C 635 31.73 -7.06 -25.10
C MET C 635 32.46 -8.27 -25.66
N GLN C 636 33.79 -8.32 -25.50
CA GLN C 636 34.58 -9.36 -26.15
C GLN C 636 34.23 -10.75 -25.62
N LEU C 637 34.17 -10.89 -24.29
CA LEU C 637 33.88 -12.22 -23.73
C LEU C 637 32.47 -12.68 -24.05
N PRO C 638 31.41 -11.89 -23.83
CA PRO C 638 30.08 -12.34 -24.25
C PRO C 638 29.96 -12.57 -25.75
N ASN C 639 30.68 -11.79 -26.57
CA ASN C 639 30.62 -11.99 -28.01
C ASN C 639 31.28 -13.30 -28.42
N MET C 640 32.41 -13.64 -27.78
CA MET C 640 33.07 -14.91 -28.10
C MET C 640 32.23 -16.10 -27.65
N ALA C 641 31.65 -16.02 -26.45
CA ALA C 641 30.73 -17.07 -26.01
C ALA C 641 29.48 -17.11 -26.87
N TRP C 642 29.10 -15.97 -27.46
CA TRP C 642 27.94 -15.92 -28.33
C TRP C 642 28.20 -16.62 -29.66
N ASP C 643 29.34 -16.33 -30.28
CA ASP C 643 29.66 -16.93 -31.58
C ASP C 643 29.76 -18.45 -31.47
N THR C 644 30.35 -18.96 -30.38
CA THR C 644 30.44 -20.39 -30.19
C THR C 644 29.06 -21.03 -30.14
N ILE C 645 28.15 -20.44 -29.36
CA ILE C 645 26.82 -21.01 -29.22
C ILE C 645 26.04 -20.91 -30.52
N VAL C 646 26.10 -19.76 -31.19
CA VAL C 646 25.46 -19.62 -32.49
C VAL C 646 26.01 -20.67 -33.46
N GLU C 647 27.31 -20.95 -33.36
CA GLU C 647 27.89 -21.99 -34.20
C GLU C 647 27.43 -23.38 -33.76
N GLN C 648 27.64 -23.73 -32.49
CA GLN C 648 27.43 -25.11 -32.05
C GLN C 648 25.98 -25.45 -31.74
N SER C 649 25.14 -24.46 -31.44
CA SER C 649 23.73 -24.75 -31.20
C SER C 649 22.89 -24.69 -32.47
N THR C 650 23.42 -24.14 -33.56
CA THR C 650 22.79 -24.25 -34.86
C THR C 650 23.05 -25.60 -35.51
N ALA C 651 24.12 -26.29 -35.09
CA ALA C 651 24.43 -27.64 -35.59
C ALA C 651 24.98 -28.45 -34.42
N ASN C 652 24.09 -29.17 -33.74
CA ASN C 652 22.68 -29.18 -34.11
C ASN C 652 21.80 -28.81 -32.92
N PRO C 653 20.58 -28.32 -33.19
CA PRO C 653 19.73 -27.77 -32.12
C PRO C 653 19.43 -28.70 -30.95
N THR C 654 20.22 -29.74 -30.73
CA THR C 654 20.04 -30.53 -29.53
C THR C 654 20.59 -29.81 -28.29
N LEU C 655 21.61 -28.96 -28.50
CA LEU C 655 22.29 -28.32 -27.37
C LEU C 655 21.35 -27.48 -26.52
N LEU C 656 20.33 -26.86 -27.14
CA LEU C 656 19.39 -26.05 -26.37
C LEU C 656 18.58 -26.86 -25.38
N LEU C 657 18.57 -28.19 -25.49
CA LEU C 657 17.97 -29.01 -24.44
C LEU C 657 18.83 -29.00 -23.18
N ASP C 658 20.14 -28.86 -23.34
CA ASP C 658 21.04 -28.79 -22.19
C ASP C 658 20.76 -27.49 -21.43
N SER C 659 20.36 -27.64 -20.17
CA SER C 659 20.09 -26.47 -19.35
C SER C 659 21.31 -25.55 -19.30
N GLU C 660 22.50 -26.13 -19.15
CA GLU C 660 23.73 -25.32 -19.07
C GLU C 660 23.88 -24.41 -20.28
N THR C 661 23.50 -24.89 -21.47
CA THR C 661 23.58 -24.05 -22.66
C THR C 661 22.54 -22.94 -22.61
N VAL C 662 21.34 -23.24 -22.10
CA VAL C 662 20.30 -22.22 -21.98
C VAL C 662 20.73 -21.12 -21.03
N LYS C 663 21.38 -21.49 -19.91
CA LYS C 663 21.81 -20.47 -18.95
C LYS C 663 22.90 -19.60 -19.53
N ILE C 664 23.81 -20.17 -20.33
CA ILE C 664 24.87 -19.37 -20.94
C ILE C 664 24.26 -18.36 -21.91
N ILE C 665 23.25 -18.78 -22.68
CA ILE C 665 22.62 -17.88 -23.64
C ILE C 665 21.89 -16.75 -22.91
N ALA C 666 21.09 -17.11 -21.89
CA ALA C 666 20.39 -16.09 -21.12
C ALA C 666 21.35 -15.08 -20.53
N ASN C 667 22.48 -15.56 -19.99
CA ASN C 667 23.45 -14.66 -19.36
C ASN C 667 24.16 -13.78 -20.39
N ILE C 668 24.38 -14.29 -21.60
CA ILE C 668 24.95 -13.45 -22.66
C ILE C 668 24.01 -12.31 -22.98
N ILE C 669 22.72 -12.61 -23.14
N ILE C 669 22.72 -12.61 -23.15
CA ILE C 669 21.75 -11.59 -23.50
CA ILE C 669 21.75 -11.58 -23.51
C ILE C 669 21.55 -10.61 -22.36
C ILE C 669 21.57 -10.60 -22.36
N LYS C 670 21.49 -11.11 -21.12
CA LYS C 670 21.36 -10.22 -19.96
C LYS C 670 22.53 -9.26 -19.87
N THR C 671 23.74 -9.75 -20.15
CA THR C 671 24.90 -8.85 -20.22
C THR C 671 24.68 -7.77 -21.26
N ASN C 672 24.12 -8.14 -22.42
CA ASN C 672 23.85 -7.15 -23.46
C ASN C 672 22.78 -6.16 -23.00
N VAL C 673 21.78 -6.63 -22.24
CA VAL C 673 20.78 -5.72 -21.70
C VAL C 673 21.42 -4.74 -20.72
N ALA C 674 22.27 -5.26 -19.82
CA ALA C 674 22.92 -4.41 -18.83
C ALA C 674 23.71 -3.29 -19.50
N VAL C 675 24.50 -3.62 -20.51
CA VAL C 675 25.31 -2.61 -21.19
C VAL C 675 24.42 -1.68 -22.00
N CYS C 676 23.39 -2.22 -22.66
CA CYS C 676 22.47 -1.37 -23.42
C CYS C 676 21.69 -0.44 -22.50
N THR C 677 21.41 -0.88 -21.26
CA THR C 677 20.67 -0.05 -20.33
C THR C 677 21.39 1.26 -20.06
N SER C 678 22.71 1.19 -19.85
CA SER C 678 23.47 2.40 -19.53
C SER C 678 23.97 3.14 -20.75
N MET C 679 24.11 2.47 -21.89
CA MET C 679 24.64 3.11 -23.09
C MET C 679 23.56 3.59 -24.05
N GLY C 680 22.36 3.00 -24.01
CA GLY C 680 21.25 3.45 -24.83
C GLY C 680 21.55 3.56 -26.31
N ALA C 681 21.46 4.79 -26.83
CA ALA C 681 21.67 5.02 -28.26
C ALA C 681 23.06 4.57 -28.70
N ASP C 682 24.06 4.68 -27.83
CA ASP C 682 25.41 4.28 -28.18
C ASP C 682 25.58 2.77 -28.33
N PHE C 683 24.59 1.98 -27.92
CA PHE C 683 24.71 0.52 -27.98
C PHE C 683 24.55 -0.04 -29.38
N TYR C 684 24.09 0.76 -30.34
CA TYR C 684 23.71 0.25 -31.65
C TYR C 684 24.77 -0.60 -32.34
N PRO C 685 26.07 -0.25 -32.35
CA PRO C 685 27.05 -1.14 -33.01
C PRO C 685 27.07 -2.54 -32.42
N GLN C 686 26.99 -2.68 -31.10
CA GLN C 686 26.98 -4.01 -30.51
C GLN C 686 25.68 -4.74 -30.82
N LEU C 687 24.56 -4.03 -30.85
CA LEU C 687 23.30 -4.66 -31.22
C LEU C 687 23.37 -5.23 -32.64
N GLY C 688 24.01 -4.50 -33.56
CA GLY C 688 24.14 -4.98 -34.92
C GLY C 688 25.03 -6.20 -35.05
N HIS C 689 25.99 -6.36 -34.13
CA HIS C 689 26.88 -7.51 -34.20
C HIS C 689 26.15 -8.82 -33.94
N ILE C 690 25.07 -8.78 -33.17
CA ILE C 690 24.35 -10.01 -32.80
C ILE C 690 22.93 -10.05 -33.35
N TYR C 691 22.43 -8.97 -33.95
CA TYR C 691 20.99 -8.81 -34.13
C TYR C 691 20.39 -9.96 -34.94
N TYR C 692 20.98 -10.28 -36.09
CA TYR C 692 20.36 -11.26 -36.97
C TYR C 692 20.46 -12.67 -36.40
N ASN C 693 21.61 -13.03 -35.82
CA ASN C 693 21.73 -14.34 -35.18
C ASN C 693 20.86 -14.44 -33.94
N MET C 694 20.64 -13.32 -33.25
CA MET C 694 19.76 -13.32 -32.08
C MET C 694 18.32 -13.66 -32.47
N LEU C 695 17.82 -13.03 -33.53
CA LEU C 695 16.46 -13.29 -33.97
C LEU C 695 16.30 -14.71 -34.52
N GLN C 696 17.34 -15.25 -35.17
CA GLN C 696 17.32 -16.65 -35.55
C GLN C 696 17.24 -17.55 -34.31
N LEU C 697 18.07 -17.24 -33.30
CA LEU C 697 18.00 -17.97 -32.04
C LEU C 697 16.62 -17.85 -31.40
N TYR C 698 16.01 -16.66 -31.48
CA TYR C 698 14.65 -16.48 -31.00
C TYR C 698 13.70 -17.45 -31.68
N ARG C 699 13.83 -17.60 -33.01
CA ARG C 699 12.99 -18.55 -33.74
C ARG C 699 13.24 -19.98 -33.31
N ALA C 700 14.52 -20.36 -33.19
CA ALA C 700 14.86 -21.73 -32.83
C ALA C 700 14.37 -22.07 -31.43
N VAL C 701 14.49 -21.12 -30.49
CA VAL C 701 13.99 -21.34 -29.14
C VAL C 701 12.47 -21.45 -29.16
N SER C 702 11.80 -20.64 -29.99
CA SER C 702 10.35 -20.71 -30.10
C SER C 702 9.90 -22.09 -30.57
N SER C 703 10.64 -22.69 -31.51
CA SER C 703 10.29 -24.02 -31.99
C SER C 703 10.34 -25.05 -30.88
N MET C 704 11.38 -25.00 -30.05
CA MET C 704 11.56 -26.02 -29.02
C MET C 704 10.50 -25.90 -27.92
N ILE C 705 10.14 -24.67 -27.56
CA ILE C 705 9.01 -24.49 -26.65
C ILE C 705 7.76 -25.11 -27.25
N SER C 706 7.51 -24.84 -28.54
CA SER C 706 6.33 -25.40 -29.20
C SER C 706 6.40 -26.92 -29.26
N ALA C 707 7.55 -27.46 -29.67
CA ALA C 707 7.71 -28.92 -29.72
C ALA C 707 7.56 -29.53 -28.34
N GLN C 708 8.04 -28.83 -27.29
CA GLN C 708 7.96 -29.37 -25.94
C GLN C 708 6.53 -29.37 -25.42
N VAL C 709 5.74 -28.35 -25.78
CA VAL C 709 4.33 -28.35 -25.40
C VAL C 709 3.58 -29.43 -26.17
N ALA C 710 4.03 -29.75 -27.39
CA ALA C 710 3.38 -30.81 -28.16
C ALA C 710 3.69 -32.18 -27.58
N ALA C 711 4.92 -32.38 -27.10
CA ALA C 711 5.32 -33.69 -26.59
C ALA C 711 4.76 -33.96 -25.20
N GLU C 712 4.69 -32.92 -24.35
CA GLU C 712 4.35 -33.12 -22.95
C GLU C 712 3.11 -32.39 -22.49
N GLY C 713 2.48 -31.57 -23.34
CA GLY C 713 1.27 -30.87 -22.95
C GLY C 713 1.55 -29.51 -22.35
N LEU C 714 0.46 -28.88 -21.90
CA LEU C 714 0.56 -27.53 -21.34
C LEU C 714 1.43 -27.50 -20.09
N ILE C 715 1.53 -28.62 -19.37
CA ILE C 715 2.37 -28.67 -18.18
C ILE C 715 3.83 -28.38 -18.52
N ALA C 716 4.23 -28.59 -19.77
CA ALA C 716 5.61 -28.32 -20.18
C ALA C 716 6.00 -26.87 -19.91
N THR C 717 5.05 -25.93 -20.07
CA THR C 717 5.35 -24.53 -19.81
C THR C 717 5.77 -24.27 -18.38
N LYS C 718 5.50 -25.20 -17.46
CA LYS C 718 5.90 -25.06 -16.07
C LYS C 718 7.28 -25.65 -15.79
N THR C 719 7.84 -26.41 -16.73
CA THR C 719 9.09 -27.11 -16.48
C THR C 719 10.27 -26.13 -16.44
N PRO C 720 11.34 -26.47 -15.71
CA PRO C 720 12.57 -25.66 -15.79
C PRO C 720 13.09 -25.52 -17.21
N LYS C 721 13.01 -26.58 -18.03
CA LYS C 721 13.54 -26.52 -19.38
C LYS C 721 12.84 -25.44 -20.20
N VAL C 722 11.51 -25.44 -20.21
CA VAL C 722 10.77 -24.45 -21.00
C VAL C 722 10.92 -23.06 -20.39
N ARG C 723 10.86 -22.96 -19.06
CA ARG C 723 11.03 -21.66 -18.40
C ARG C 723 12.39 -21.06 -18.72
N GLY C 724 13.43 -21.91 -18.80
CA GLY C 724 14.72 -21.42 -19.25
C GLY C 724 14.69 -20.96 -20.70
N LEU C 725 13.99 -21.69 -21.56
CA LEU C 725 13.87 -21.28 -22.96
C LEU C 725 13.10 -19.97 -23.09
N ARG C 726 11.99 -19.84 -22.35
CA ARG C 726 11.22 -18.61 -22.41
C ARG C 726 11.99 -17.43 -21.83
N THR C 727 12.92 -17.68 -20.90
CA THR C 727 13.77 -16.61 -20.41
C THR C 727 14.64 -16.04 -21.53
N ILE C 728 15.14 -16.91 -22.42
CA ILE C 728 15.91 -16.44 -23.57
C ILE C 728 15.06 -15.50 -24.43
N LYS C 729 13.84 -15.94 -24.76
CA LYS C 729 12.96 -15.10 -25.56
C LYS C 729 12.61 -13.81 -24.84
N LYS C 730 12.33 -13.88 -23.54
CA LYS C 730 11.99 -12.68 -22.78
C LYS C 730 13.17 -11.71 -22.72
N GLU C 731 14.39 -12.22 -22.53
CA GLU C 731 15.55 -11.35 -22.48
C GLU C 731 15.88 -10.76 -23.85
N ILE C 732 15.61 -11.50 -24.93
CA ILE C 732 15.82 -10.96 -26.27
C ILE C 732 14.88 -9.79 -26.52
N LEU C 733 13.61 -9.95 -26.17
CA LEU C 733 12.66 -8.86 -26.34
C LEU C 733 13.01 -7.67 -25.47
N LYS C 734 13.47 -7.92 -24.24
CA LYS C 734 13.84 -6.83 -23.34
C LYS C 734 15.05 -6.06 -23.88
N LEU C 735 15.97 -6.77 -24.54
CA LEU C 735 17.12 -6.08 -25.14
C LEU C 735 16.67 -5.19 -26.29
N VAL C 736 15.91 -5.74 -27.23
CA VAL C 736 15.38 -4.94 -28.34
C VAL C 736 14.55 -3.79 -27.82
N GLU C 737 13.70 -4.05 -26.82
CA GLU C 737 12.89 -3.00 -26.22
C GLU C 737 13.76 -1.92 -25.60
N THR C 738 14.83 -2.32 -24.90
CA THR C 738 15.68 -1.34 -24.23
C THR C 738 16.36 -0.42 -25.24
N TYR C 739 16.88 -0.97 -26.34
CA TYR C 739 17.55 -0.11 -27.31
C TYR C 739 16.56 0.83 -27.98
N ILE C 740 15.43 0.29 -28.45
CA ILE C 740 14.52 1.09 -29.26
C ILE C 740 13.95 2.24 -28.43
N SER C 741 13.65 1.99 -27.16
CA SER C 741 13.13 3.05 -26.29
C SER C 741 14.13 4.19 -26.11
N LYS C 742 15.42 3.94 -26.33
CA LYS C 742 16.45 4.95 -26.13
C LYS C 742 17.15 5.37 -27.42
N ALA C 743 16.75 4.83 -28.56
CA ALA C 743 17.45 5.12 -29.81
C ALA C 743 17.28 6.58 -30.21
N ARG C 744 18.31 7.12 -30.87
CA ARG C 744 18.26 8.44 -31.47
C ARG C 744 18.10 8.41 -32.98
N ASN C 745 18.68 7.42 -33.65
CA ASN C 745 18.51 7.23 -35.09
C ASN C 745 17.30 6.36 -35.30
N LEU C 746 16.14 7.00 -35.48
CA LEU C 746 14.91 6.26 -35.68
C LEU C 746 14.82 5.64 -37.07
N ASP C 747 15.53 6.20 -38.05
CA ASP C 747 15.50 5.64 -39.40
C ASP C 747 16.12 4.25 -39.43
N ASP C 748 17.23 4.04 -38.71
CA ASP C 748 17.83 2.71 -38.63
C ASP C 748 16.89 1.74 -37.91
N VAL C 749 16.22 2.20 -36.86
CA VAL C 749 15.22 1.38 -36.17
C VAL C 749 14.19 0.88 -37.18
N VAL C 750 13.63 1.79 -37.98
CA VAL C 750 12.60 1.43 -38.93
C VAL C 750 13.17 0.56 -40.05
N LYS C 751 14.33 0.96 -40.59
CA LYS C 751 14.83 0.32 -41.80
C LYS C 751 15.58 -0.98 -41.52
N VAL C 752 16.20 -1.12 -40.35
CA VAL C 752 17.05 -2.26 -40.05
C VAL C 752 16.43 -3.18 -39.01
N LEU C 753 15.79 -2.63 -37.98
CA LEU C 753 15.37 -3.40 -36.82
C LEU C 753 13.92 -3.88 -36.88
N VAL C 754 12.99 -3.02 -37.31
CA VAL C 754 11.57 -3.32 -37.14
C VAL C 754 11.17 -4.53 -37.98
N GLU C 755 11.56 -4.54 -39.26
CA GLU C 755 11.10 -5.60 -40.15
C GLU C 755 11.53 -6.99 -39.70
N PRO C 756 12.81 -7.28 -39.43
CA PRO C 756 13.15 -8.63 -38.93
C PRO C 756 12.51 -8.94 -37.59
N LEU C 757 12.27 -7.93 -36.76
CA LEU C 757 11.67 -8.17 -35.45
C LEU C 757 10.25 -8.69 -35.58
N LEU C 758 9.43 -8.01 -36.39
CA LEU C 758 8.04 -8.43 -36.56
C LEU C 758 7.97 -9.84 -37.15
N ASN C 759 8.81 -10.13 -38.15
CA ASN C 759 8.82 -11.46 -38.75
C ASN C 759 9.21 -12.54 -37.74
N ALA C 760 9.99 -12.18 -36.73
CA ALA C 760 10.45 -13.17 -35.76
C ALA C 760 9.42 -13.43 -34.66
N VAL C 761 8.60 -12.44 -34.31
CA VAL C 761 7.80 -12.55 -33.08
C VAL C 761 6.30 -12.62 -33.34
N LEU C 762 5.82 -11.99 -34.42
CA LEU C 762 4.37 -11.83 -34.57
C LEU C 762 3.69 -13.16 -34.85
N GLU C 763 4.11 -13.87 -35.90
CA GLU C 763 3.46 -15.13 -36.25
C GLU C 763 3.67 -16.20 -35.19
N ASP C 764 4.83 -16.19 -34.52
CA ASP C 764 5.07 -17.13 -33.42
C ASP C 764 4.10 -16.89 -32.27
N TYR C 765 3.81 -15.62 -31.97
CA TYR C 765 2.82 -15.30 -30.94
C TYR C 765 1.42 -15.73 -31.37
N MET C 766 1.03 -15.37 -32.59
CA MET C 766 -0.33 -15.65 -33.06
C MET C 766 -0.63 -17.14 -33.06
N ASN C 767 0.36 -17.96 -33.41
CA ASN C 767 0.13 -19.37 -33.70
C ASN C 767 0.52 -20.29 -32.54
N ASN C 768 0.89 -19.74 -31.39
CA ASN C 768 1.08 -20.54 -30.19
C ASN C 768 -0.23 -20.65 -29.43
N VAL C 769 -0.37 -21.72 -28.66
CA VAL C 769 -1.52 -21.88 -27.78
C VAL C 769 -1.48 -20.75 -26.75
N PRO C 770 -2.62 -20.34 -26.19
CA PRO C 770 -2.60 -19.22 -25.23
C PRO C 770 -1.56 -19.34 -24.14
N ASP C 771 -1.41 -20.52 -23.53
CA ASP C 771 -0.47 -20.69 -22.42
C ASP C 771 0.99 -20.56 -22.83
N ALA C 772 1.30 -20.55 -24.13
CA ALA C 772 2.68 -20.43 -24.59
C ALA C 772 3.00 -19.04 -25.12
N ARG C 773 2.03 -18.13 -25.14
CA ARG C 773 2.26 -16.79 -25.66
C ARG C 773 2.90 -15.91 -24.60
N ASP C 774 4.01 -15.26 -24.96
CA ASP C 774 4.72 -14.37 -24.04
C ASP C 774 4.09 -12.99 -24.09
N ALA C 775 3.58 -12.53 -22.94
CA ALA C 775 3.02 -11.18 -22.86
C ALA C 775 4.08 -10.12 -23.13
N GLU C 776 5.36 -10.47 -23.01
CA GLU C 776 6.44 -9.54 -23.34
C GLU C 776 6.45 -9.16 -24.80
N VAL C 777 5.85 -9.97 -25.67
CA VAL C 777 5.72 -9.60 -27.09
C VAL C 777 4.88 -8.34 -27.22
N LEU C 778 3.73 -8.31 -26.54
CA LEU C 778 2.89 -7.11 -26.55
C LEU C 778 3.64 -5.90 -25.99
N ASN C 779 4.36 -6.09 -24.88
CA ASN C 779 5.10 -4.98 -24.30
C ASN C 779 6.18 -4.46 -25.25
N CYS C 780 6.90 -5.38 -25.90
CA CYS C 780 7.89 -4.97 -26.88
C CYS C 780 7.24 -4.19 -28.02
N MET C 781 6.11 -4.68 -28.53
CA MET C 781 5.40 -3.98 -29.60
C MET C 781 4.92 -2.61 -29.16
N THR C 782 4.55 -2.46 -27.89
CA THR C 782 4.15 -1.15 -27.38
C THR C 782 5.29 -0.15 -27.51
N THR C 783 6.51 -0.57 -27.12
CA THR C 783 7.67 0.30 -27.24
C THR C 783 7.92 0.66 -28.70
N VAL C 784 7.83 -0.32 -29.61
CA VAL C 784 8.06 -0.05 -31.02
C VAL C 784 7.07 0.99 -31.54
N VAL C 785 5.78 0.78 -31.27
CA VAL C 785 4.76 1.72 -31.72
C VAL C 785 4.95 3.07 -31.06
N GLU C 786 5.36 3.07 -29.79
CA GLU C 786 5.54 4.33 -29.07
C GLU C 786 6.62 5.19 -29.70
N LYS C 787 7.72 4.58 -30.15
CA LYS C 787 8.85 5.35 -30.62
C LYS C 787 8.87 5.59 -32.13
N VAL C 788 8.47 4.60 -32.94
CA VAL C 788 8.51 4.78 -34.39
C VAL C 788 7.17 4.42 -35.02
N GLY C 789 6.11 4.41 -34.22
CA GLY C 789 4.80 4.04 -34.74
C GLY C 789 4.34 4.93 -35.88
N HIS C 790 4.58 6.25 -35.76
CA HIS C 790 4.20 7.19 -36.81
C HIS C 790 4.90 6.93 -38.13
N MET C 791 5.91 6.06 -38.15
CA MET C 791 6.69 5.80 -39.35
C MET C 791 6.44 4.43 -39.97
N ILE C 792 5.69 3.56 -39.31
CA ILE C 792 5.49 2.20 -39.82
C ILE C 792 3.99 1.86 -39.83
N PRO C 793 3.17 2.57 -40.62
CA PRO C 793 1.73 2.29 -40.59
C PRO C 793 1.38 0.87 -41.00
N GLN C 794 2.07 0.32 -42.00
CA GLN C 794 1.82 -1.07 -42.37
C GLN C 794 2.31 -2.02 -41.29
N GLY C 795 3.38 -1.66 -40.57
CA GLY C 795 3.83 -2.50 -39.48
C GLY C 795 2.84 -2.54 -38.33
N VAL C 796 2.23 -1.40 -38.01
CA VAL C 796 1.22 -1.36 -36.95
C VAL C 796 0.03 -2.23 -37.33
N ILE C 797 -0.40 -2.17 -38.59
CA ILE C 797 -1.51 -3.00 -39.05
C ILE C 797 -1.16 -4.48 -38.88
N LEU C 798 0.06 -4.86 -39.23
CA LEU C 798 0.46 -6.26 -39.08
C LEU C 798 0.55 -6.67 -37.61
N ILE C 799 0.89 -5.72 -36.73
CA ILE C 799 0.90 -6.02 -35.29
C ILE C 799 -0.51 -6.28 -34.81
N LEU C 800 -1.46 -5.45 -35.22
CA LEU C 800 -2.87 -5.65 -34.84
C LEU C 800 -3.38 -6.99 -35.35
N GLN C 801 -3.14 -7.29 -36.63
CA GLN C 801 -3.66 -8.52 -37.21
C GLN C 801 -3.14 -9.76 -36.47
N SER C 802 -1.91 -9.69 -35.95
CA SER C 802 -1.30 -10.87 -35.35
C SER C 802 -1.62 -11.04 -33.87
N VAL C 803 -1.95 -9.97 -33.15
CA VAL C 803 -2.10 -10.05 -31.70
C VAL C 803 -3.47 -9.59 -31.21
N PHE C 804 -4.28 -8.88 -32.01
CA PHE C 804 -5.48 -8.26 -31.47
C PHE C 804 -6.55 -9.30 -31.13
N GLU C 805 -7.00 -10.06 -32.13
CA GLU C 805 -8.14 -10.95 -31.91
C GLU C 805 -7.78 -12.14 -31.03
N CYS C 806 -6.56 -12.65 -31.16
CA CYS C 806 -6.19 -13.82 -30.36
C CYS C 806 -5.93 -13.45 -28.90
N THR C 807 -5.40 -12.25 -28.64
CA THR C 807 -5.23 -11.83 -27.25
C THR C 807 -6.57 -11.47 -26.62
N LEU C 808 -7.44 -10.77 -27.37
CA LEU C 808 -8.75 -10.43 -26.85
C LEU C 808 -9.52 -11.68 -26.42
N ASP C 809 -9.43 -12.75 -27.21
CA ASP C 809 -10.11 -13.99 -26.84
C ASP C 809 -9.54 -14.61 -25.58
N MET C 810 -8.28 -14.32 -25.27
CA MET C 810 -7.69 -14.84 -24.03
C MET C 810 -8.27 -14.15 -22.80
N ILE C 811 -8.67 -12.88 -22.92
CA ILE C 811 -8.94 -12.05 -21.76
C ILE C 811 -10.40 -11.64 -21.65
N ASN C 812 -11.27 -12.10 -22.53
CA ASN C 812 -12.65 -11.62 -22.54
C ASN C 812 -13.66 -12.65 -22.03
N LYS C 813 -13.21 -13.65 -21.28
CA LYS C 813 -14.12 -14.57 -20.62
C LYS C 813 -14.25 -14.33 -19.12
N ASP C 814 -13.26 -13.69 -18.51
CA ASP C 814 -13.32 -13.28 -17.12
C ASP C 814 -12.35 -12.12 -16.92
N PHE C 815 -12.27 -11.64 -15.68
CA PHE C 815 -11.34 -10.57 -15.32
C PHE C 815 -10.08 -11.09 -14.64
N THR C 816 -9.86 -12.41 -14.66
CA THR C 816 -8.81 -13.04 -13.88
C THR C 816 -7.68 -13.60 -14.73
N GLU C 817 -8.00 -14.40 -15.74
CA GLU C 817 -6.98 -15.16 -16.46
C GLU C 817 -6.05 -14.24 -17.24
N TYR C 818 -4.81 -14.69 -17.39
CA TYR C 818 -3.79 -13.98 -18.16
C TYR C 818 -3.66 -12.52 -17.74
N PRO C 819 -3.29 -12.24 -16.50
CA PRO C 819 -3.26 -10.84 -16.02
C PRO C 819 -2.24 -9.98 -16.73
N GLU C 820 -1.06 -10.54 -17.05
CA GLU C 820 -0.05 -9.75 -17.75
C GLU C 820 -0.50 -9.41 -19.17
N HIS C 821 -0.98 -10.41 -19.91
CA HIS C 821 -1.49 -10.15 -21.25
C HIS C 821 -2.59 -9.08 -21.22
N ARG C 822 -3.44 -9.14 -20.20
CA ARG C 822 -4.52 -8.17 -20.05
C ARG C 822 -3.97 -6.74 -19.97
N VAL C 823 -2.94 -6.53 -19.16
CA VAL C 823 -2.41 -5.18 -18.96
C VAL C 823 -1.65 -4.71 -20.19
N GLU C 824 -0.81 -5.59 -20.77
CA GLU C 824 -0.04 -5.20 -21.94
C GLU C 824 -0.93 -4.99 -23.16
N PHE C 825 -1.99 -5.79 -23.28
CA PHE C 825 -2.92 -5.66 -24.39
C PHE C 825 -3.45 -4.23 -24.50
N TYR C 826 -3.93 -3.68 -23.38
CA TYR C 826 -4.53 -2.35 -23.44
C TYR C 826 -3.49 -1.25 -23.48
N LYS C 827 -2.28 -1.49 -22.98
CA LYS C 827 -1.20 -0.55 -23.23
C LYS C 827 -0.86 -0.49 -24.72
N LEU C 828 -0.88 -1.65 -25.38
CA LEU C 828 -0.61 -1.68 -26.82
C LEU C 828 -1.71 -0.99 -27.61
N LEU C 829 -2.98 -1.28 -27.27
CA LEU C 829 -4.09 -0.61 -27.96
C LEU C 829 -4.06 0.88 -27.70
N LYS C 830 -3.72 1.29 -26.47
CA LYS C 830 -3.67 2.72 -26.13
C LYS C 830 -2.68 3.46 -27.02
N VAL C 831 -1.47 2.91 -27.17
CA VAL C 831 -0.45 3.61 -27.95
C VAL C 831 -0.76 3.55 -29.44
N ILE C 832 -1.38 2.46 -29.91
CA ILE C 832 -1.80 2.40 -31.31
C ILE C 832 -2.85 3.48 -31.59
N ASN C 833 -3.78 3.66 -30.64
CA ASN C 833 -4.80 4.68 -30.80
C ASN C 833 -4.22 6.09 -30.75
N GLU C 834 -3.10 6.27 -30.05
CA GLU C 834 -2.47 7.58 -29.97
C GLU C 834 -1.63 7.89 -31.20
N LYS C 835 -0.87 6.90 -31.69
CA LYS C 835 0.18 7.13 -32.66
C LYS C 835 -0.15 6.68 -34.07
N SER C 836 -0.98 5.65 -34.23
N SER C 836 -0.98 5.64 -34.24
CA SER C 836 -1.32 5.10 -35.54
CA SER C 836 -1.32 5.13 -35.56
C SER C 836 -2.82 4.75 -35.57
C SER C 836 -2.80 4.75 -35.58
N PHE C 837 -3.66 5.76 -35.41
CA PHE C 837 -5.10 5.54 -35.41
C PHE C 837 -5.59 4.97 -36.73
N ALA C 838 -4.90 5.27 -37.83
CA ALA C 838 -5.29 4.74 -39.13
C ALA C 838 -5.32 3.23 -39.16
N ALA C 839 -4.56 2.56 -38.29
CA ALA C 839 -4.60 1.09 -38.23
C ALA C 839 -6.00 0.59 -37.87
N PHE C 840 -6.69 1.30 -36.98
CA PHE C 840 -8.05 0.92 -36.64
C PHE C 840 -9.02 1.24 -37.76
N LEU C 841 -8.71 2.24 -38.58
CA LEU C 841 -9.56 2.56 -39.72
C LEU C 841 -9.54 1.49 -40.79
N GLU C 842 -8.48 0.67 -40.84
CA GLU C 842 -8.36 -0.39 -41.82
C GLU C 842 -8.83 -1.74 -41.31
N LEU C 843 -9.34 -1.80 -40.08
CA LEU C 843 -9.91 -3.04 -39.58
C LEU C 843 -11.24 -3.31 -40.30
N PRO C 844 -11.55 -4.58 -40.59
CA PRO C 844 -12.88 -4.91 -41.05
C PRO C 844 -13.92 -4.47 -40.01
N PRO C 845 -15.13 -4.14 -40.45
CA PRO C 845 -16.16 -3.70 -39.50
C PRO C 845 -16.38 -4.65 -38.34
N ALA C 846 -16.28 -5.96 -38.57
CA ALA C 846 -16.43 -6.92 -37.48
C ALA C 846 -15.31 -6.78 -36.47
N ALA C 847 -14.09 -6.49 -36.94
CA ALA C 847 -12.96 -6.34 -36.03
C ALA C 847 -13.00 -5.00 -35.29
N PHE C 848 -13.42 -3.93 -35.97
CA PHE C 848 -13.60 -2.65 -35.28
C PHE C 848 -14.68 -2.76 -34.21
N LYS C 849 -15.67 -3.63 -34.41
CA LYS C 849 -16.69 -3.84 -33.39
C LYS C 849 -16.11 -4.56 -32.19
N LEU C 850 -15.18 -5.50 -32.41
CA LEU C 850 -14.48 -6.12 -31.29
C LEU C 850 -13.59 -5.13 -30.58
N PHE C 851 -13.08 -4.14 -31.30
CA PHE C 851 -12.29 -3.07 -30.67
C PHE C 851 -13.12 -2.28 -29.69
N VAL C 852 -14.33 -1.87 -30.10
CA VAL C 852 -15.23 -1.15 -29.21
C VAL C 852 -15.59 -2.02 -28.01
N ASP C 853 -15.94 -3.29 -28.27
CA ASP C 853 -16.20 -4.23 -27.19
C ASP C 853 -15.04 -4.29 -26.21
N ALA C 854 -13.82 -4.35 -26.74
CA ALA C 854 -12.65 -4.50 -25.89
C ALA C 854 -12.45 -3.29 -24.99
N ILE C 855 -12.74 -2.10 -25.52
CA ILE C 855 -12.61 -0.89 -24.71
C ILE C 855 -13.63 -0.90 -23.57
N CYS C 856 -14.90 -1.15 -23.89
CA CYS C 856 -15.92 -1.24 -22.86
C CYS C 856 -15.61 -2.36 -21.87
N TRP C 857 -15.11 -3.48 -22.37
CA TRP C 857 -14.66 -4.56 -21.50
C TRP C 857 -13.63 -4.07 -20.49
N ALA C 858 -12.77 -3.15 -20.90
CA ALA C 858 -11.78 -2.60 -19.98
C ALA C 858 -12.42 -1.68 -18.93
N PHE C 859 -13.51 -1.00 -19.29
CA PHE C 859 -14.23 -0.20 -18.31
C PHE C 859 -14.58 -0.99 -17.07
N LYS C 860 -14.94 -2.27 -17.26
CA LYS C 860 -15.54 -3.08 -16.21
C LYS C 860 -14.53 -3.72 -15.29
N HIS C 861 -13.24 -3.60 -15.58
CA HIS C 861 -12.23 -4.20 -14.72
C HIS C 861 -12.11 -3.41 -13.42
N ASN C 862 -11.98 -4.14 -12.31
CA ASN C 862 -11.57 -3.51 -11.06
C ASN C 862 -10.06 -3.24 -11.06
N ASN C 863 -9.30 -4.08 -11.76
CA ASN C 863 -7.88 -3.86 -11.98
C ASN C 863 -7.63 -2.44 -12.46
N ARG C 864 -6.84 -1.69 -11.69
CA ARG C 864 -6.66 -0.26 -11.96
C ARG C 864 -5.89 -0.02 -13.25
N ASP C 865 -4.93 -0.88 -13.58
CA ASP C 865 -4.16 -0.69 -14.81
C ASP C 865 -5.05 -0.83 -16.04
N VAL C 866 -5.93 -1.82 -16.06
CA VAL C 866 -6.82 -2.01 -17.20
C VAL C 866 -7.85 -0.89 -17.27
N GLU C 867 -8.47 -0.56 -16.15
CA GLU C 867 -9.59 0.37 -16.14
C GLU C 867 -9.17 1.76 -16.59
N VAL C 868 -8.02 2.24 -16.11
CA VAL C 868 -7.57 3.58 -16.47
C VAL C 868 -7.24 3.65 -17.96
N ASN C 869 -6.58 2.62 -18.49
CA ASN C 869 -6.26 2.62 -19.91
C ASN C 869 -7.51 2.51 -20.77
N GLY C 870 -8.45 1.66 -20.36
CA GLY C 870 -9.69 1.52 -21.12
C GLY C 870 -10.47 2.82 -21.21
N LEU C 871 -10.55 3.55 -20.10
CA LEU C 871 -11.24 4.84 -20.12
C LEU C 871 -10.47 5.85 -20.98
N GLN C 872 -9.14 5.84 -20.90
CA GLN C 872 -8.34 6.75 -21.72
C GLN C 872 -8.48 6.43 -23.21
N ILE C 873 -8.49 5.14 -23.56
CA ILE C 873 -8.63 4.76 -24.96
C ILE C 873 -9.97 5.24 -25.50
N ALA C 874 -11.05 5.06 -24.73
CA ALA C 874 -12.35 5.53 -25.16
C ALA C 874 -12.35 7.04 -25.42
N LEU C 875 -11.74 7.80 -24.52
CA LEU C 875 -11.68 9.25 -24.70
C LEU C 875 -10.83 9.64 -25.90
N ASP C 876 -9.67 9.01 -26.05
CA ASP C 876 -8.84 9.30 -27.22
C ASP C 876 -9.50 8.85 -28.51
N LEU C 877 -10.29 7.77 -28.46
CA LEU C 877 -10.98 7.30 -29.66
C LEU C 877 -12.05 8.29 -30.10
N VAL C 878 -12.85 8.79 -29.15
CA VAL C 878 -13.86 9.79 -29.49
C VAL C 878 -13.21 11.04 -30.07
N LYS C 879 -12.07 11.43 -29.49
CA LYS C 879 -11.33 12.57 -30.05
C LYS C 879 -10.78 12.25 -31.43
N ASN C 880 -10.28 11.02 -31.62
CA ASN C 880 -9.84 10.61 -32.95
C ASN C 880 -10.96 10.70 -33.97
N ILE C 881 -12.18 10.34 -33.56
CA ILE C 881 -13.32 10.40 -34.47
C ILE C 881 -13.73 11.84 -34.73
N GLU C 882 -13.66 12.69 -33.70
CA GLU C 882 -14.02 14.10 -33.88
C GLU C 882 -13.10 14.78 -34.89
N ARG C 883 -11.79 14.47 -34.82
CA ARG C 883 -10.83 15.10 -35.72
C ARG C 883 -11.07 14.76 -37.17
N MET C 884 -11.80 13.67 -37.46
CA MET C 884 -12.04 13.26 -38.84
C MET C 884 -13.04 14.17 -39.56
N GLY C 885 -13.89 14.87 -38.83
CA GLY C 885 -14.87 15.72 -39.46
C GLY C 885 -16.09 14.95 -39.94
N ASN C 886 -16.79 15.56 -40.90
CA ASN C 886 -18.05 15.01 -41.40
C ASN C 886 -17.76 14.07 -42.57
N VAL C 887 -17.28 12.88 -42.24
CA VAL C 887 -16.96 11.85 -43.23
C VAL C 887 -17.74 10.61 -42.87
N PRO C 888 -17.94 9.71 -43.84
CA PRO C 888 -18.78 8.52 -43.57
C PRO C 888 -18.33 7.67 -42.39
N PHE C 889 -17.02 7.57 -42.13
CA PHE C 889 -16.59 6.75 -41.01
C PHE C 889 -16.98 7.37 -39.67
N ALA C 890 -16.80 8.69 -39.54
CA ALA C 890 -17.21 9.36 -38.31
C ALA C 890 -18.72 9.27 -38.13
N ASN C 891 -19.49 9.44 -39.22
CA ASN C 891 -20.94 9.36 -39.13
C ASN C 891 -21.39 7.97 -38.71
N GLU C 892 -20.83 6.94 -39.33
CA GLU C 892 -21.20 5.57 -38.97
C GLU C 892 -20.75 5.22 -37.55
N PHE C 893 -19.61 5.75 -37.10
CA PHE C 893 -19.15 5.50 -35.74
C PHE C 893 -20.18 5.96 -34.72
N HIS C 894 -20.67 7.19 -34.87
CA HIS C 894 -21.66 7.72 -33.94
C HIS C 894 -22.97 6.95 -34.04
N LYS C 895 -23.37 6.58 -35.25
CA LYS C 895 -24.59 5.79 -35.41
C LYS C 895 -24.48 4.43 -34.72
N ASN C 896 -23.28 3.83 -34.73
CA ASN C 896 -23.13 2.46 -34.24
C ASN C 896 -22.71 2.39 -32.78
N TYR C 897 -21.97 3.39 -32.28
CA TYR C 897 -21.32 3.24 -30.98
C TYR C 897 -21.46 4.42 -30.03
N PHE C 898 -22.09 5.53 -30.43
CA PHE C 898 -22.20 6.66 -29.51
C PHE C 898 -22.99 6.29 -28.26
N PHE C 899 -24.17 5.70 -28.43
CA PHE C 899 -25.00 5.37 -27.27
C PHE C 899 -24.44 4.17 -26.52
N ILE C 900 -23.73 3.27 -27.21
CA ILE C 900 -23.02 2.21 -26.51
C ILE C 900 -22.02 2.80 -25.53
N PHE C 901 -21.26 3.81 -25.98
CA PHE C 901 -20.29 4.43 -25.09
C PHE C 901 -20.97 5.24 -23.98
N VAL C 902 -22.08 5.93 -24.32
CA VAL C 902 -22.79 6.68 -23.30
C VAL C 902 -23.33 5.75 -22.22
N SER C 903 -23.96 4.65 -22.64
CA SER C 903 -24.61 3.77 -21.67
C SER C 903 -23.62 2.86 -20.95
N GLU C 904 -22.55 2.42 -21.61
CA GLU C 904 -21.53 1.65 -20.89
C GLU C 904 -20.82 2.52 -19.88
N THR C 905 -20.66 3.82 -20.16
CA THR C 905 -20.04 4.71 -19.19
C THR C 905 -20.96 4.96 -18.00
N PHE C 906 -22.24 5.19 -18.27
CA PHE C 906 -23.20 5.37 -17.18
C PHE C 906 -23.24 4.14 -16.28
N PHE C 907 -23.10 2.95 -16.86
CA PHE C 907 -23.22 1.73 -16.07
C PHE C 907 -22.11 1.60 -15.04
N VAL C 908 -20.86 1.90 -15.43
CA VAL C 908 -19.78 1.83 -14.45
C VAL C 908 -19.85 3.01 -13.50
N LEU C 909 -20.41 4.14 -13.96
CA LEU C 909 -20.58 5.30 -13.07
C LEU C 909 -21.52 4.97 -11.91
N THR C 910 -22.53 4.14 -12.16
CA THR C 910 -23.64 4.00 -11.23
C THR C 910 -23.74 2.64 -10.54
N ASP C 911 -22.83 1.71 -10.84
CA ASP C 911 -22.98 0.36 -10.30
C ASP C 911 -22.26 0.13 -8.98
N SER C 912 -21.59 1.15 -8.45
CA SER C 912 -20.92 1.14 -7.14
C SER C 912 -19.74 0.17 -7.06
N ASP C 913 -19.26 -0.34 -8.19
CA ASP C 913 -18.12 -1.26 -8.19
C ASP C 913 -16.96 -0.76 -9.03
N HIS C 914 -17.00 0.50 -9.46
CA HIS C 914 -15.89 1.12 -10.20
C HIS C 914 -15.67 2.54 -9.74
N LYS C 915 -15.74 2.76 -8.42
CA LYS C 915 -15.64 4.11 -7.87
C LYS C 915 -14.25 4.72 -8.08
N SER C 916 -13.23 3.90 -8.29
CA SER C 916 -11.88 4.42 -8.50
C SER C 916 -11.75 5.15 -9.83
N GLY C 917 -12.67 4.93 -10.77
CA GLY C 917 -12.56 5.56 -12.07
C GLY C 917 -13.58 6.65 -12.31
N PHE C 918 -14.12 7.20 -11.21
CA PHE C 918 -15.18 8.20 -11.32
C PHE C 918 -14.75 9.40 -12.16
N SER C 919 -13.60 9.98 -11.82
CA SER C 919 -13.17 11.23 -12.47
C SER C 919 -13.08 11.08 -13.98
N LYS C 920 -12.60 9.93 -14.45
CA LYS C 920 -12.37 9.73 -15.87
C LYS C 920 -13.62 9.22 -16.55
N GLN C 921 -14.47 8.49 -15.83
CA GLN C 921 -15.84 8.23 -16.30
C GLN C 921 -16.58 9.55 -16.50
N ALA C 922 -16.50 10.44 -15.51
CA ALA C 922 -17.17 11.73 -15.61
C ALA C 922 -16.66 12.53 -16.80
N LEU C 923 -15.35 12.47 -17.06
CA LEU C 923 -14.77 13.24 -18.15
C LEU C 923 -15.20 12.66 -19.51
N LEU C 924 -15.11 11.33 -19.66
CA LEU C 924 -15.57 10.71 -20.90
C LEU C 924 -17.05 11.00 -21.15
N LEU C 925 -17.87 10.92 -20.10
CA LEU C 925 -19.29 11.19 -20.27
C LEU C 925 -19.54 12.65 -20.67
N MET C 926 -18.81 13.58 -20.05
CA MET C 926 -18.96 14.98 -20.40
C MET C 926 -18.57 15.23 -21.86
N LYS C 927 -17.54 14.53 -22.34
CA LYS C 927 -17.14 14.67 -23.73
C LYS C 927 -18.22 14.12 -24.67
N LEU C 928 -18.82 12.99 -24.30
CA LEU C 928 -19.88 12.41 -25.12
C LEU C 928 -21.10 13.32 -25.18
N ILE C 929 -21.47 13.91 -24.03
CA ILE C 929 -22.66 14.75 -23.99
C ILE C 929 -22.42 16.07 -24.71
N SER C 930 -21.24 16.65 -24.54
CA SER C 930 -20.95 17.95 -25.16
C SER C 930 -20.87 17.83 -26.67
N LEU C 931 -20.51 16.65 -27.19
CA LEU C 931 -20.53 16.44 -28.64
C LEU C 931 -21.89 16.72 -29.22
N VAL C 932 -22.96 16.37 -28.50
CA VAL C 932 -24.31 16.52 -29.01
C VAL C 932 -24.80 17.96 -28.83
N TYR C 933 -24.48 18.58 -27.70
CA TYR C 933 -24.91 19.95 -27.45
C TYR C 933 -23.97 20.99 -28.06
N ASP C 934 -23.04 20.55 -28.90
CA ASP C 934 -22.27 21.44 -29.76
C ASP C 934 -22.49 21.13 -31.24
N ASN C 935 -23.44 20.24 -31.54
CA ASN C 935 -23.79 19.88 -32.92
C ASN C 935 -22.57 19.38 -33.70
N LYS C 936 -21.67 18.67 -33.02
CA LYS C 936 -20.50 18.09 -33.68
C LYS C 936 -20.79 16.72 -34.29
N ILE C 937 -21.99 16.18 -34.09
CA ILE C 937 -22.43 14.97 -34.74
C ILE C 937 -23.37 15.38 -35.86
N SER C 938 -22.95 15.16 -37.10
CA SER C 938 -23.71 15.65 -38.26
C SER C 938 -24.99 14.85 -38.47
N VAL C 939 -24.85 13.53 -38.64
CA VAL C 939 -25.99 12.66 -38.91
C VAL C 939 -26.90 12.62 -37.69
N PRO C 940 -28.19 12.33 -37.86
CA PRO C 940 -29.03 12.04 -36.70
C PRO C 940 -28.65 10.71 -36.08
N LEU C 941 -28.74 10.66 -34.75
CA LEU C 941 -28.34 9.46 -34.02
C LEU C 941 -29.45 8.41 -33.94
N TYR C 942 -30.65 8.73 -34.37
CA TYR C 942 -31.80 7.85 -34.25
C TYR C 942 -32.11 7.18 -35.58
N GLN C 943 -33.06 6.25 -35.54
CA GLN C 943 -33.65 5.70 -36.75
C GLN C 943 -34.78 6.63 -37.20
N GLU C 944 -34.85 6.88 -38.51
CA GLU C 944 -35.72 7.92 -39.05
C GLU C 944 -37.20 7.65 -38.78
N ALA C 945 -37.56 6.43 -38.37
CA ALA C 945 -38.95 6.11 -38.05
C ALA C 945 -39.25 6.32 -36.58
N GLU C 946 -38.30 6.00 -35.71
CA GLU C 946 -38.56 5.98 -34.27
C GLU C 946 -38.83 7.37 -33.66
N VAL C 947 -38.60 8.47 -34.38
CA VAL C 947 -38.74 9.85 -33.88
C VAL C 947 -39.06 10.73 -35.09
N PRO C 948 -39.87 11.80 -34.97
CA PRO C 948 -40.13 12.66 -36.14
C PRO C 948 -38.87 13.25 -36.76
N GLN C 949 -38.95 13.48 -38.07
CA GLN C 949 -37.82 14.03 -38.81
C GLN C 949 -37.52 15.45 -38.33
N GLY C 950 -36.24 15.83 -38.43
CA GLY C 950 -35.80 17.12 -37.97
C GLY C 950 -35.65 17.24 -36.46
N THR C 951 -35.94 16.18 -35.71
CA THR C 951 -35.70 16.19 -34.28
C THR C 951 -34.20 16.28 -34.01
N SER C 952 -33.81 17.23 -33.17
CA SER C 952 -32.40 17.43 -32.87
C SER C 952 -31.84 16.23 -32.11
N ASN C 953 -30.52 16.03 -32.23
CA ASN C 953 -29.86 15.01 -31.44
C ASN C 953 -29.97 15.30 -29.96
N GLN C 954 -30.00 16.58 -29.58
CA GLN C 954 -30.17 16.96 -28.18
C GLN C 954 -31.49 16.40 -27.63
N VAL C 955 -32.59 16.65 -28.34
CA VAL C 955 -33.89 16.15 -27.89
C VAL C 955 -33.89 14.63 -27.84
N TYR C 956 -33.29 13.99 -28.84
CA TYR C 956 -33.24 12.53 -28.84
C TYR C 956 -32.32 12.01 -27.73
N LEU C 957 -31.21 12.71 -27.47
CA LEU C 957 -30.30 12.28 -26.42
C LEU C 957 -30.97 12.30 -25.05
N SER C 958 -31.74 13.36 -24.77
CA SER C 958 -32.43 13.44 -23.49
C SER C 958 -33.52 12.39 -23.37
N GLN C 959 -34.16 12.02 -24.48
CA GLN C 959 -35.17 10.97 -24.45
C GLN C 959 -34.54 9.60 -24.25
N TYR C 960 -33.45 9.32 -24.97
CA TYR C 960 -32.73 8.06 -24.77
C TYR C 960 -32.28 7.91 -23.32
N LEU C 961 -31.64 8.95 -22.78
CA LEU C 961 -31.12 8.87 -21.42
C LEU C 961 -32.24 8.73 -20.40
N ALA C 962 -33.34 9.45 -20.61
CA ALA C 962 -34.48 9.34 -19.68
C ALA C 962 -35.03 7.93 -19.65
N ASN C 963 -35.22 7.33 -20.82
CA ASN C 963 -35.71 5.96 -20.88
C ASN C 963 -34.70 4.98 -20.28
N MET C 964 -33.41 5.20 -20.56
CA MET C 964 -32.38 4.31 -20.02
C MET C 964 -32.35 4.34 -18.50
N LEU C 965 -32.36 5.54 -17.91
CA LEU C 965 -32.31 5.64 -16.46
C LEU C 965 -33.61 5.20 -15.82
N SER C 966 -34.75 5.40 -16.50
CA SER C 966 -36.02 4.95 -15.93
C SER C 966 -36.07 3.44 -15.82
N ASN C 967 -35.53 2.74 -16.81
CA ASN C 967 -35.50 1.28 -16.75
C ASN C 967 -34.39 0.77 -15.83
N ALA C 968 -33.27 1.48 -15.76
CA ALA C 968 -32.16 1.05 -14.93
C ALA C 968 -32.39 1.36 -13.45
N PHE C 969 -33.12 2.42 -13.15
CA PHE C 969 -33.40 2.84 -11.78
C PHE C 969 -34.90 3.10 -11.66
N PRO C 970 -35.71 2.05 -11.60
CA PRO C 970 -37.17 2.24 -11.65
C PRO C 970 -37.74 2.95 -10.45
N HIS C 971 -37.02 3.04 -9.33
CA HIS C 971 -37.53 3.71 -8.15
C HIS C 971 -37.41 5.22 -8.21
N LEU C 972 -36.73 5.77 -9.21
CA LEU C 972 -36.67 7.21 -9.39
C LEU C 972 -37.93 7.70 -10.09
N THR C 973 -38.39 8.89 -9.67
CA THR C 973 -39.49 9.51 -10.40
C THR C 973 -38.99 10.05 -11.74
N SER C 974 -39.94 10.27 -12.64
CA SER C 974 -39.59 10.90 -13.92
C SER C 974 -39.10 12.33 -13.71
N GLU C 975 -39.63 13.01 -12.69
CA GLU C 975 -39.19 14.37 -12.39
C GLU C 975 -37.73 14.39 -11.95
N GLN C 976 -37.32 13.43 -11.11
CA GLN C 976 -35.91 13.29 -10.75
C GLN C 976 -35.04 13.14 -11.98
N ILE C 977 -35.37 12.17 -12.83
CA ILE C 977 -34.57 11.87 -14.00
C ILE C 977 -34.49 13.08 -14.93
N ALA C 978 -35.62 13.77 -15.12
CA ALA C 978 -35.64 14.94 -15.99
C ALA C 978 -34.80 16.07 -15.41
N SER C 979 -34.95 16.34 -14.11
CA SER C 979 -34.18 17.40 -13.48
C SER C 979 -32.69 17.08 -13.48
N PHE C 980 -32.33 15.83 -13.18
CA PHE C 980 -30.92 15.43 -13.23
C PHE C 980 -30.35 15.62 -14.63
N LEU C 981 -31.04 15.13 -15.64
CA LEU C 981 -30.54 15.22 -17.01
C LEU C 981 -30.49 16.67 -17.49
N SER C 982 -31.47 17.48 -17.09
CA SER C 982 -31.45 18.89 -17.46
C SER C 982 -30.20 19.58 -16.94
N ALA C 983 -29.89 19.39 -15.66
CA ALA C 983 -28.68 19.96 -15.09
C ALA C 983 -27.44 19.36 -15.73
N LEU C 984 -27.44 18.05 -15.95
CA LEU C 984 -26.24 17.37 -16.46
C LEU C 984 -25.85 17.90 -17.85
N THR C 985 -26.82 18.07 -18.74
CA THR C 985 -26.51 18.50 -20.10
C THR C 985 -26.12 19.98 -20.12
N LYS C 986 -26.77 20.80 -19.30
CA LYS C 986 -26.43 22.21 -19.17
C LYS C 986 -25.07 22.46 -18.55
N GLN C 987 -24.47 21.45 -17.93
CA GLN C 987 -23.21 21.59 -17.21
C GLN C 987 -22.07 20.85 -17.88
N CYS C 988 -22.25 20.39 -19.12
CA CYS C 988 -21.24 19.60 -19.82
C CYS C 988 -20.05 20.42 -20.31
N LYS C 989 -19.91 21.68 -19.88
CA LYS C 989 -18.70 22.46 -20.12
C LYS C 989 -18.00 22.82 -18.82
N ASP C 990 -18.47 22.28 -17.68
CA ASP C 990 -18.00 22.68 -16.35
C ASP C 990 -17.80 21.39 -15.54
N LEU C 991 -16.59 20.82 -15.64
CA LEU C 991 -16.36 19.48 -15.11
C LEU C 991 -16.59 19.41 -13.61
N VAL C 992 -16.14 20.41 -12.86
CA VAL C 992 -16.31 20.39 -11.41
C VAL C 992 -17.78 20.37 -11.04
N VAL C 993 -18.60 21.14 -11.77
CA VAL C 993 -20.03 21.17 -11.50
C VAL C 993 -20.69 19.90 -12.03
N PHE C 994 -20.35 19.51 -13.26
CA PHE C 994 -20.83 18.26 -13.86
C PHE C 994 -20.62 17.08 -12.91
N LYS C 995 -19.43 16.99 -12.32
CA LYS C 995 -19.14 15.87 -11.41
C LYS C 995 -19.95 15.97 -10.12
N GLY C 996 -20.16 17.19 -9.63
CA GLY C 996 -21.03 17.35 -8.47
C GLY C 996 -22.44 16.86 -8.73
N THR C 997 -22.93 17.06 -9.95
CA THR C 997 -24.26 16.60 -10.30
C THR C 997 -24.30 15.08 -10.40
N LEU C 998 -23.25 14.46 -10.93
CA LEU C 998 -23.15 13.01 -10.93
C LEU C 998 -23.13 12.47 -9.50
N ARG C 999 -22.37 13.12 -8.61
N ARG C 999 -22.36 13.11 -8.62
CA ARG C 999 -22.32 12.68 -7.23
CA ARG C 999 -22.32 12.68 -7.22
C ARG C 999 -23.68 12.83 -6.55
C ARG C 999 -23.67 12.82 -6.56
N ASP C 1000 -24.45 13.85 -6.91
CA ASP C 1000 -25.79 13.99 -6.39
C ASP C 1000 -26.69 12.86 -6.88
N PHE C 1001 -26.57 12.52 -8.16
CA PHE C 1001 -27.33 11.40 -8.70
C PHE C 1001 -26.98 10.10 -8.00
N LEU C 1002 -25.69 9.89 -7.71
CA LEU C 1002 -25.27 8.65 -7.08
C LEU C 1002 -25.80 8.54 -5.66
N VAL C 1003 -26.10 9.67 -5.01
CA VAL C 1003 -26.73 9.63 -3.70
C VAL C 1003 -28.21 9.30 -3.82
N GLN C 1004 -28.89 9.93 -4.80
CA GLN C 1004 -30.34 9.80 -4.88
C GLN C 1004 -30.77 8.40 -5.32
N ILE C 1005 -29.94 7.70 -6.08
CA ILE C 1005 -30.32 6.35 -6.49
C ILE C 1005 -30.22 5.35 -5.35
N LYS C 1006 -29.51 5.69 -4.27
CA LYS C 1006 -29.42 4.79 -3.13
C LYS C 1006 -30.63 4.88 -2.20
N GLU C 1007 -31.57 5.79 -2.47
CA GLU C 1007 -32.72 5.98 -1.62
C GLU C 1007 -33.96 6.17 -2.49
N VAL C 1008 -35.09 6.36 -1.83
CA VAL C 1008 -36.37 6.64 -2.50
C VAL C 1008 -36.82 8.04 -2.10
N GLY C 1009 -37.37 8.76 -3.06
CA GLY C 1009 -37.94 10.07 -2.77
C GLY C 1009 -36.97 11.23 -2.81
N GLY C 1010 -35.88 11.12 -3.57
CA GLY C 1010 -34.93 12.22 -3.63
C GLY C 1010 -35.56 13.47 -4.22
N ASP C 1011 -35.23 14.61 -3.64
CA ASP C 1011 -35.77 15.90 -4.06
C ASP C 1011 -35.23 16.29 -5.43
N PRO C 1012 -36.06 16.35 -6.47
CA PRO C 1012 -35.53 16.71 -7.80
C PRO C 1012 -34.96 18.11 -7.87
N THR C 1013 -35.37 19.04 -6.99
CA THR C 1013 -34.79 20.38 -7.01
C THR C 1013 -33.33 20.39 -6.57
N ASP C 1014 -32.83 19.30 -6.00
CA ASP C 1014 -31.41 19.23 -5.62
C ASP C 1014 -30.50 19.51 -6.80
N TYR C 1015 -30.93 19.19 -8.02
CA TYR C 1015 -30.10 19.35 -9.19
C TYR C 1015 -30.03 20.80 -9.68
N LEU C 1016 -30.74 21.72 -9.02
CA LEU C 1016 -30.61 23.15 -9.28
C LEU C 1016 -29.53 23.79 -8.41
N PHE C 1017 -28.74 23.00 -7.70
CA PHE C 1017 -27.79 23.54 -6.72
C PHE C 1017 -26.84 24.53 -7.37
N ALA C 1018 -26.31 24.21 -8.53
CA ALA C 1018 -25.28 25.03 -9.16
C ALA C 1018 -25.89 26.08 -10.09
N ASN D 1 48.40 15.79 -1.69
CA ASN D 1 47.84 14.48 -2.05
C ASN D 1 47.63 13.63 -0.80
N LEU D 2 46.94 12.51 -0.98
CA LEU D 2 46.55 11.62 0.10
C LEU D 2 47.18 10.24 -0.07
N ASN D 3 48.46 10.20 -0.46
CA ASN D 3 49.11 8.95 -0.81
C ASN D 3 49.19 8.01 0.40
N GLU D 4 49.42 8.56 1.59
CA GLU D 4 49.42 7.73 2.80
C GLU D 4 48.04 7.17 3.09
N LEU D 5 47.01 7.99 2.95
CA LEU D 5 45.64 7.52 3.14
C LEU D 5 45.30 6.39 2.16
N ALA D 6 45.68 6.54 0.89
CA ALA D 6 45.47 5.49 -0.09
C ALA D 6 46.24 4.21 0.27
N LEU D 7 47.44 4.35 0.85
CA LEU D 7 48.22 3.18 1.26
C LEU D 7 47.52 2.38 2.37
N LYS D 8 46.94 3.07 3.35
CA LYS D 8 46.17 2.40 4.40
C LYS D 8 44.98 1.64 3.81
N LEU D 9 44.18 2.33 3.00
CA LEU D 9 43.03 1.71 2.34
C LEU D 9 43.45 0.49 1.52
N ALA D 10 44.46 0.64 0.66
CA ALA D 10 44.99 -0.51 -0.09
C ALA D 10 45.35 -1.66 0.85
N GLY D 11 45.94 -1.36 2.01
CA GLY D 11 46.38 -2.41 2.90
C GLY D 11 45.23 -3.23 3.47
N LEU D 12 44.10 -2.56 3.76
CA LEU D 12 42.90 -3.09 4.38
C LEU D 12 42.64 -4.56 4.03
N ASP D 13 42.53 -5.41 5.04
CA ASP D 13 42.33 -6.84 4.86
C ASP D 13 41.45 -7.31 6.02
N ILE D 14 40.20 -7.66 5.70
CA ILE D 14 39.20 -8.03 6.70
C ILE D 14 39.46 -9.44 7.25
N ASN D 15 40.55 -10.07 6.82
CA ASN D 15 40.86 -11.45 7.19
C ASN D 15 42.05 -11.58 8.16
N LYS D 16 42.63 -10.46 8.62
CA LYS D 16 43.88 -10.53 9.37
C LYS D 16 43.64 -10.74 10.90
PG GNP E . -13.90 -8.55 1.31
O1G GNP E . -14.98 -8.37 0.26
O2G GNP E . -14.20 -9.80 2.15
O3G GNP E . -13.84 -7.30 2.22
N3B GNP E . -12.40 -8.76 0.53
PB GNP E . -10.98 -8.79 1.44
O1B GNP E . -11.11 -9.85 2.57
O2B GNP E . -10.73 -7.44 2.06
O3A GNP E . -9.71 -9.21 0.44
PA GNP E . -9.24 -10.79 0.16
O1A GNP E . -10.47 -11.67 0.12
O2A GNP E . -8.32 -11.25 1.29
O5' GNP E . -8.43 -10.90 -1.31
C5' GNP E . -8.45 -9.79 -2.17
C4' GNP E . -7.40 -9.96 -3.25
O4' GNP E . -6.31 -9.29 -2.95
C3' GNP E . -6.99 -11.44 -3.36
O3' GNP E . -6.96 -11.83 -4.65
C2' GNP E . -5.56 -11.50 -2.75
O2' GNP E . -4.72 -12.55 -3.48
C1' GNP E . -5.06 -10.30 -2.94
N9 GNP E . -4.16 -9.97 -1.88
C8 GNP E . -4.36 -10.00 -0.53
N7 GNP E . -3.23 -9.60 0.03
C5 GNP E . -2.34 -9.32 -0.94
C6 GNP E . -1.05 -8.88 -0.90
O6 GNP E . -0.53 -8.67 0.14
N1 GNP E . -0.39 -8.69 -2.03
C2 GNP E . -0.98 -8.92 -3.22
N2 GNP E . -0.16 -8.68 -4.50
N3 GNP E . -2.25 -9.35 -3.26
C4 GNP E . -2.93 -9.55 -2.12
MG MG F . -12.76 -11.37 2.71
C1 GOL G . -16.89 2.72 4.32
O1 GOL G . -17.53 3.36 3.24
C2 GOL G . -17.93 2.05 5.20
O2 GOL G . -18.16 2.83 6.35
C3 GOL G . -19.24 1.89 4.43
O3 GOL G . -19.71 3.16 4.04
C1 GOL H . -43.24 1.15 14.59
O1 GOL H . -43.61 1.13 13.24
C2 GOL H . -41.78 1.58 14.72
O2 GOL H . -40.97 0.44 14.89
C3 GOL H . -41.62 2.50 15.91
O3 GOL H . -40.27 2.90 16.03
#